data_9G55
#
_entry.id   9G55
#
_cell.length_a   1.00
_cell.length_b   1.00
_cell.length_c   1.00
_cell.angle_alpha   90.00
_cell.angle_beta   90.00
_cell.angle_gamma   90.00
#
_symmetry.space_group_name_H-M   'P 1'
#
loop_
_entity.id
_entity.type
_entity.pdbx_description
1 polymer 'Gamma-aminobutyric acid receptor subunit rho-1'
2 non-polymer 2-acetamido-2-deoxy-beta-D-glucopyranose
3 non-polymer Tetrahydrodeoxycorticosterone
4 non-polymer HEXANE
5 non-polymer DODECANE
6 non-polymer DECANE
7 non-polymer N-OCTANE
8 water water
#
_entity_poly.entity_id   1
_entity_poly.type   'polypeptide(L)'
_entity_poly.pdbx_seq_one_letter_code
;MLAVPNMRFGIFLLWWGWVLATESRMHWPGREVHEMSKKGRPQRQRREVHEDAHKQVSPILRRSPDITKSPLTKSEQLLR
IDDHDFSMRPGFGGPAIPVGVDVQVESLDSISEVDMDFTMTLYLRHYWKDERLSFPSTNNLSMTFDGRLVKKIWVPDMFF
VHSKRSFIHDTTTDNVMLRVQPDGKVLYSLRVTVTAMCNMDFSRFPLDTQTCSLEIESYAYTEDDLMLYWKKGNDSLKTD
ERISLSQFLIQEFHTTTKLAFYSSTGWYNRLYINFTLRRHIFFFLLQTYFPATLMVMLSWVSFWIDRRAVPARVPLGITT
VLTMSTIITGVNASMPRVSYIKAVDIYLWVSFVFVFLSVLEYAAVNYLTTVQERKEQKLREKLPCTSGLPPPRTAMLDGN
YSDGEVNDLDNYMPENGEKPDRMMVQLTLASERSSPQRKSQRSSYVSMRIDTHAIDKYSRIIFPAAYILFNLIYWSIFS
;
_entity_poly.pdbx_strand_id   A,B,C,D,E
#
loop_
_chem_comp.id
_chem_comp.type
_chem_comp.name
_chem_comp.formula
A8Z non-polymer Tetrahydrodeoxycorticosterone 'C21 H34 O3'
D10 non-polymer DECANE 'C10 H22'
D12 non-polymer DODECANE 'C12 H26'
HEX non-polymer HEXANE 'C6 H14'
NAG D-saccharide, beta linking 2-acetamido-2-deoxy-beta-D-glucopyranose 'C8 H15 N O6'
OCT non-polymer N-OCTANE 'C8 H18'
#
# COMPACT_ATOMS: atom_id res chain seq x y z
N LYS A 74 -24.45 47.33 6.67
CA LYS A 74 -24.19 45.90 6.80
C LYS A 74 -25.36 45.10 6.23
N SER A 75 -25.04 44.17 5.35
CA SER A 75 -26.04 43.36 4.67
C SER A 75 -26.75 42.40 5.63
N GLU A 76 -26.08 41.99 6.71
CA GLU A 76 -26.72 41.11 7.67
C GLU A 76 -27.71 41.83 8.57
N GLN A 77 -27.78 43.16 8.49
CA GLN A 77 -28.83 43.90 9.18
C GLN A 77 -30.09 44.06 8.34
N LEU A 78 -30.02 43.77 7.05
CA LEU A 78 -31.23 43.75 6.24
C LEU A 78 -32.11 42.54 6.57
N LEU A 79 -31.49 41.41 6.90
CA LEU A 79 -32.19 40.30 7.52
C LEU A 79 -32.15 40.53 9.03
N ARG A 80 -33.33 40.55 9.66
CA ARG A 80 -33.44 40.70 11.11
C ARG A 80 -32.95 39.41 11.78
N ILE A 81 -31.62 39.27 11.85
CA ILE A 81 -31.03 38.04 12.35
C ILE A 81 -31.34 37.84 13.83
N ASP A 82 -31.28 38.92 14.61
CA ASP A 82 -31.36 38.89 16.08
C ASP A 82 -32.79 38.85 16.59
N ASP A 83 -33.75 38.80 15.68
CA ASP A 83 -35.16 39.07 15.92
C ASP A 83 -35.97 37.80 15.77
N HIS A 84 -35.30 36.68 15.52
CA HIS A 84 -35.91 35.39 15.29
C HIS A 84 -35.05 34.31 15.94
N ASP A 85 -35.71 33.27 16.41
CA ASP A 85 -35.03 32.08 16.92
C ASP A 85 -34.79 31.16 15.74
N PHE A 86 -33.53 31.05 15.31
CA PHE A 86 -33.20 30.16 14.20
C PHE A 86 -32.76 28.79 14.67
N SER A 87 -33.18 28.36 15.85
CA SER A 87 -32.97 26.98 16.25
C SER A 87 -34.20 26.11 16.02
N MET A 88 -35.29 26.70 15.54
CA MET A 88 -36.49 25.99 15.13
C MET A 88 -36.69 26.15 13.63
N ARG A 89 -37.41 25.20 13.05
CA ARG A 89 -37.63 25.15 11.62
C ARG A 89 -38.67 26.18 11.19
N PRO A 90 -38.65 26.59 9.92
CA PRO A 90 -39.75 27.40 9.40
C PRO A 90 -41.06 26.62 9.47
N GLY A 91 -42.16 27.34 9.75
CA GLY A 91 -43.43 26.67 9.93
C GLY A 91 -43.56 25.78 11.15
N PHE A 92 -42.76 26.01 12.19
CA PHE A 92 -42.81 25.19 13.39
C PHE A 92 -44.21 25.14 13.96
N GLY A 93 -44.66 23.94 14.33
CA GLY A 93 -45.96 23.78 14.93
C GLY A 93 -47.07 23.45 13.96
N GLY A 94 -46.80 23.47 12.66
CA GLY A 94 -47.81 23.21 11.65
C GLY A 94 -47.38 22.12 10.70
N PRO A 95 -47.81 22.20 9.44
CA PRO A 95 -47.43 21.17 8.48
C PRO A 95 -45.94 21.21 8.19
N ALA A 96 -45.44 20.07 7.69
CA ALA A 96 -44.05 19.92 7.33
C ALA A 96 -43.64 20.85 6.19
N ILE A 97 -42.37 21.23 6.19
CA ILE A 97 -41.82 22.14 5.19
C ILE A 97 -41.19 21.30 4.07
N PRO A 98 -41.61 21.48 2.82
CA PRO A 98 -40.99 20.76 1.70
C PRO A 98 -39.60 21.27 1.36
N VAL A 99 -38.70 20.34 1.04
CA VAL A 99 -37.31 20.65 0.71
C VAL A 99 -36.96 19.86 -0.55
N GLY A 100 -36.52 20.55 -1.60
CA GLY A 100 -36.28 19.94 -2.89
C GLY A 100 -34.80 19.89 -3.21
N VAL A 101 -34.38 18.80 -3.85
CA VAL A 101 -32.97 18.44 -3.99
C VAL A 101 -32.59 18.21 -5.45
N ASP A 102 -31.42 18.70 -5.85
CA ASP A 102 -30.83 18.46 -7.16
C ASP A 102 -29.39 17.98 -6.98
N VAL A 103 -28.91 17.14 -7.89
CA VAL A 103 -27.57 16.58 -7.75
C VAL A 103 -26.83 16.62 -9.08
N GLN A 104 -25.55 17.02 -9.06
CA GLN A 104 -24.69 17.00 -10.23
C GLN A 104 -23.43 16.20 -9.91
N VAL A 105 -23.25 15.06 -10.57
CA VAL A 105 -22.08 14.22 -10.35
C VAL A 105 -20.93 14.69 -11.23
N GLU A 106 -19.79 14.99 -10.61
CA GLU A 106 -18.61 15.41 -11.34
C GLU A 106 -17.66 14.27 -11.68
N SER A 107 -17.54 13.23 -10.84
CA SER A 107 -16.56 12.21 -11.21
C SER A 107 -16.70 11.00 -10.31
N LEU A 108 -16.17 9.87 -10.80
CA LEU A 108 -16.02 8.65 -10.02
C LEU A 108 -14.54 8.41 -9.80
N ASP A 109 -14.13 8.41 -8.53
CA ASP A 109 -12.72 8.55 -8.19
C ASP A 109 -11.97 7.22 -8.10
N SER A 110 -12.57 6.21 -7.48
CA SER A 110 -11.92 4.91 -7.34
C SER A 110 -12.96 3.87 -6.96
N ILE A 111 -12.57 2.60 -7.07
CA ILE A 111 -13.37 1.50 -6.55
C ILE A 111 -12.45 0.44 -5.93
N SER A 112 -12.94 -0.22 -4.88
CA SER A 112 -12.18 -1.19 -4.11
C SER A 112 -12.98 -2.49 -4.10
N GLU A 113 -12.45 -3.52 -4.76
CA GLU A 113 -13.16 -4.78 -4.85
C GLU A 113 -13.04 -5.62 -3.59
N VAL A 114 -11.90 -5.56 -2.90
CA VAL A 114 -11.72 -6.34 -1.67
C VAL A 114 -12.53 -5.73 -0.53
N ASP A 115 -12.52 -4.42 -0.40
CA ASP A 115 -13.28 -3.75 0.66
C ASP A 115 -14.72 -3.43 0.27
N MET A 116 -15.07 -3.52 -1.02
CA MET A 116 -16.44 -3.38 -1.51
C MET A 116 -16.99 -1.98 -1.20
N ASP A 117 -16.41 -0.98 -1.86
CA ASP A 117 -16.89 0.39 -1.74
C ASP A 117 -16.44 1.19 -2.96
N PHE A 118 -16.98 2.41 -3.09
CA PHE A 118 -16.63 3.32 -4.19
C PHE A 118 -16.65 4.76 -3.68
N THR A 119 -16.00 5.65 -4.45
CA THR A 119 -15.85 7.05 -4.08
C THR A 119 -16.32 7.95 -5.22
N MET A 120 -16.99 9.04 -4.86
CA MET A 120 -17.66 9.93 -5.82
C MET A 120 -17.55 11.37 -5.35
N THR A 121 -17.55 12.31 -6.30
CA THR A 121 -17.48 13.75 -6.01
C THR A 121 -18.61 14.49 -6.70
N LEU A 122 -19.30 15.40 -6.01
CA LEU A 122 -20.57 15.87 -6.55
C LEU A 122 -20.94 17.22 -5.95
N TYR A 123 -21.92 17.87 -6.58
CA TYR A 123 -22.55 19.10 -6.08
C TYR A 123 -23.95 18.78 -5.57
N LEU A 124 -24.30 19.32 -4.40
CA LEU A 124 -25.58 19.09 -3.75
C LEU A 124 -26.26 20.44 -3.53
N ARG A 125 -27.51 20.55 -3.96
CA ARG A 125 -28.25 21.81 -3.95
C ARG A 125 -29.61 21.63 -3.29
N HIS A 126 -30.00 22.58 -2.43
CA HIS A 126 -31.25 22.52 -1.70
C HIS A 126 -32.10 23.75 -2.02
N TYR A 127 -33.43 23.58 -1.98
CA TYR A 127 -34.36 24.69 -2.21
C TYR A 127 -35.47 24.65 -1.17
N TRP A 128 -35.74 25.79 -0.53
CA TRP A 128 -36.86 25.92 0.39
C TRP A 128 -37.16 27.40 0.58
N LYS A 129 -38.25 27.69 1.28
CA LYS A 129 -38.71 29.06 1.51
C LYS A 129 -38.80 29.34 3.01
N ASP A 130 -38.39 30.54 3.40
CA ASP A 130 -38.44 30.99 4.79
C ASP A 130 -38.84 32.46 4.81
N GLU A 131 -39.99 32.76 5.41
CA GLU A 131 -40.50 34.14 5.41
C GLU A 131 -39.74 35.04 6.37
N ARG A 132 -39.01 34.46 7.33
CA ARG A 132 -38.23 35.28 8.25
C ARG A 132 -37.03 35.93 7.58
N LEU A 133 -36.66 35.45 6.40
CA LEU A 133 -35.50 35.94 5.65
C LEU A 133 -35.85 37.05 4.66
N SER A 134 -37.13 37.36 4.49
CA SER A 134 -37.53 38.38 3.52
C SER A 134 -36.99 39.75 3.91
N PHE A 135 -36.62 40.54 2.90
CA PHE A 135 -36.11 41.88 3.09
C PHE A 135 -36.69 42.81 2.03
N PRO A 136 -36.81 44.11 2.33
CA PRO A 136 -37.36 45.03 1.33
C PRO A 136 -36.34 45.33 0.24
N SER A 137 -36.84 45.55 -0.97
CA SER A 137 -35.99 45.98 -2.08
C SER A 137 -36.78 46.85 -3.05
N THR A 138 -36.11 47.84 -3.63
CA THR A 138 -36.71 48.64 -4.70
C THR A 138 -36.48 48.01 -6.08
N ASN A 139 -36.12 46.73 -6.13
CA ASN A 139 -35.65 46.03 -7.32
C ASN A 139 -35.86 44.55 -7.05
N ASN A 140 -35.46 43.71 -8.01
CA ASN A 140 -35.61 42.27 -7.84
C ASN A 140 -34.24 41.59 -7.82
N LEU A 141 -33.29 42.21 -7.13
CA LEU A 141 -31.94 41.67 -6.99
C LEU A 141 -31.79 40.85 -5.72
N SER A 142 -30.96 39.82 -5.77
CA SER A 142 -30.83 38.90 -4.64
C SER A 142 -29.46 39.09 -4.01
N MET A 143 -29.32 38.69 -2.76
CA MET A 143 -28.05 38.83 -2.05
C MET A 143 -27.41 37.46 -1.86
N THR A 144 -26.07 37.43 -1.94
CA THR A 144 -25.29 36.21 -1.93
C THR A 144 -24.31 36.23 -0.77
N PHE A 145 -24.14 35.10 -0.10
CA PHE A 145 -23.35 34.97 1.12
C PHE A 145 -22.46 33.75 1.01
N ASP A 146 -21.47 33.65 1.89
CA ASP A 146 -20.61 32.48 1.79
C ASP A 146 -20.91 31.62 3.02
N GLY A 147 -19.97 30.78 3.43
CA GLY A 147 -20.40 29.85 4.46
C GLY A 147 -20.41 30.38 5.87
N ARG A 148 -19.98 31.62 6.11
CA ARG A 148 -20.01 32.18 7.46
C ARG A 148 -21.42 32.49 7.94
N LEU A 149 -22.37 32.69 7.03
CA LEU A 149 -23.76 32.93 7.39
C LEU A 149 -24.48 31.67 7.84
N VAL A 150 -23.94 30.49 7.52
CA VAL A 150 -24.69 29.26 7.73
C VAL A 150 -24.96 29.04 9.21
N LYS A 151 -24.00 29.38 10.06
CA LYS A 151 -24.14 29.20 11.50
C LYS A 151 -25.10 30.18 12.14
N LYS A 152 -25.68 31.11 11.38
CA LYS A 152 -26.57 32.11 11.97
C LYS A 152 -28.04 31.88 11.65
N ILE A 153 -28.34 30.96 10.74
CA ILE A 153 -29.71 30.68 10.31
C ILE A 153 -29.94 29.17 10.34
N TRP A 154 -31.18 28.79 10.07
CA TRP A 154 -31.58 27.39 10.03
C TRP A 154 -31.35 26.82 8.63
N VAL A 155 -30.76 25.63 8.57
CA VAL A 155 -30.56 24.92 7.30
C VAL A 155 -30.86 23.44 7.50
N PRO A 156 -31.17 22.74 6.41
CA PRO A 156 -31.45 21.30 6.51
C PRO A 156 -30.20 20.49 6.84
N ASP A 157 -30.42 19.39 7.56
CA ASP A 157 -29.32 18.54 8.04
C ASP A 157 -29.28 17.21 7.28
N MET A 158 -28.81 17.24 6.05
CA MET A 158 -28.74 16.01 5.27
C MET A 158 -27.46 15.24 5.59
N PHE A 159 -27.54 13.92 5.51
CA PHE A 159 -26.37 13.06 5.67
C PHE A 159 -26.51 11.86 4.73
N PHE A 160 -25.39 11.18 4.51
CA PHE A 160 -25.27 10.08 3.56
C PHE A 160 -25.39 8.73 4.28
N VAL A 161 -26.38 7.93 3.93
CA VAL A 161 -26.58 6.65 4.63
C VAL A 161 -25.63 5.59 4.09
N HIS A 162 -25.14 4.72 4.98
CA HIS A 162 -24.21 3.63 4.63
C HIS A 162 -22.91 4.16 4.05
N SER A 163 -22.38 5.25 4.59
CA SER A 163 -21.11 5.72 4.11
C SER A 163 -20.03 5.53 5.17
N LYS A 164 -18.79 5.46 4.70
CA LYS A 164 -17.62 5.18 5.52
C LYS A 164 -16.81 6.43 5.86
N ARG A 165 -16.80 7.44 4.99
CA ARG A 165 -16.06 8.68 5.25
C ARG A 165 -16.46 9.72 4.19
N SER A 166 -16.29 11.00 4.54
CA SER A 166 -16.67 12.08 3.64
C SER A 166 -16.17 13.40 4.20
N PHE A 167 -16.08 14.40 3.33
CA PHE A 167 -15.59 15.72 3.71
C PHE A 167 -16.04 16.76 2.70
N ILE A 168 -15.97 18.03 3.09
CA ILE A 168 -16.36 19.17 2.26
C ILE A 168 -15.12 19.94 1.89
N HIS A 169 -14.97 20.27 0.60
CA HIS A 169 -13.75 20.89 0.10
C HIS A 169 -13.62 22.33 0.62
N ASP A 170 -12.37 22.74 0.92
CA ASP A 170 -12.16 24.05 1.55
C ASP A 170 -10.98 24.83 0.97
N THR A 171 -10.72 24.70 -0.32
CA THR A 171 -9.67 25.47 -0.97
C THR A 171 -10.22 26.25 -2.16
N THR A 172 -9.93 27.54 -2.22
CA THR A 172 -9.11 28.25 -1.23
C THR A 172 -9.88 28.71 0.00
N THR A 173 -11.19 28.55 -0.06
CA THR A 173 -12.05 28.76 1.10
C THR A 173 -13.16 27.73 1.02
N ASP A 174 -14.01 27.69 2.06
CA ASP A 174 -15.08 26.71 2.07
C ASP A 174 -15.95 26.83 0.83
N ASN A 175 -16.25 25.68 0.23
CA ASN A 175 -16.97 25.64 -1.04
C ASN A 175 -18.48 25.60 -0.79
N VAL A 176 -18.98 26.69 -0.22
CA VAL A 176 -20.38 26.81 0.21
C VAL A 176 -20.97 28.13 -0.28
N MET A 177 -22.23 28.08 -0.77
CA MET A 177 -22.88 29.29 -1.24
C MET A 177 -24.33 29.36 -0.76
N LEU A 178 -24.79 30.59 -0.48
CA LEU A 178 -26.18 30.86 -0.12
C LEU A 178 -26.68 32.06 -0.92
N ARG A 179 -27.87 31.92 -1.50
CA ARG A 179 -28.51 32.98 -2.27
C ARG A 179 -29.93 33.16 -1.78
N VAL A 180 -30.30 34.40 -1.46
CA VAL A 180 -31.58 34.70 -0.80
C VAL A 180 -32.36 35.67 -1.65
N GLN A 181 -33.62 35.30 -1.99
CA GLN A 181 -34.46 36.15 -2.82
C GLN A 181 -35.23 37.14 -1.96
N PRO A 182 -35.66 38.26 -2.53
CA PRO A 182 -36.42 39.24 -1.73
C PRO A 182 -37.60 38.67 -0.95
N ASP A 183 -38.20 37.58 -1.43
CA ASP A 183 -39.41 37.03 -0.84
C ASP A 183 -39.12 35.88 0.12
N GLY A 184 -37.86 35.55 0.30
CA GLY A 184 -37.41 34.52 1.23
C GLY A 184 -37.10 33.16 0.63
N LYS A 185 -37.10 33.02 -0.69
CA LYS A 185 -36.62 31.79 -1.30
C LYS A 185 -35.10 31.66 -1.17
N VAL A 186 -34.64 30.46 -0.80
CA VAL A 186 -33.24 30.18 -0.51
C VAL A 186 -32.71 29.06 -1.40
N LEU A 187 -31.49 29.23 -1.92
CA LEU A 187 -30.72 28.17 -2.54
C LEU A 187 -29.43 27.93 -1.75
N TYR A 188 -29.13 26.66 -1.50
CA TYR A 188 -27.99 26.20 -0.69
C TYR A 188 -27.19 25.17 -1.49
N SER A 189 -25.91 25.45 -1.73
CA SER A 189 -25.07 24.67 -2.64
C SER A 189 -23.73 24.35 -1.98
N LEU A 190 -23.28 23.10 -2.09
CA LEU A 190 -21.95 22.74 -1.60
C LEU A 190 -21.35 21.58 -2.37
N ARG A 191 -20.02 21.45 -2.27
CA ARG A 191 -19.21 20.47 -3.00
C ARG A 191 -18.59 19.48 -2.03
N VAL A 192 -18.76 18.18 -2.29
CA VAL A 192 -18.51 17.13 -1.30
C VAL A 192 -17.96 15.87 -1.98
N THR A 193 -17.11 15.14 -1.25
CA THR A 193 -16.63 13.82 -1.67
C THR A 193 -17.00 12.78 -0.63
N VAL A 194 -17.46 11.60 -1.09
CA VAL A 194 -18.05 10.58 -0.22
C VAL A 194 -17.59 9.20 -0.66
N THR A 195 -17.34 8.33 0.31
CA THR A 195 -17.07 6.91 0.08
C THR A 195 -18.19 6.08 0.69
N ALA A 196 -18.81 5.20 -0.12
CA ALA A 196 -19.99 4.44 0.28
C ALA A 196 -19.78 2.96 -0.01
N MET A 197 -20.50 2.10 0.73
CA MET A 197 -20.39 0.66 0.55
C MET A 197 -21.27 0.17 -0.59
N CYS A 198 -20.86 -0.96 -1.17
CA CYS A 198 -21.56 -1.60 -2.29
C CYS A 198 -21.27 -3.11 -2.23
N ASN A 199 -22.19 -3.87 -1.63
CA ASN A 199 -22.03 -5.33 -1.57
C ASN A 199 -21.96 -5.93 -2.98
N MET A 200 -20.98 -6.81 -3.19
CA MET A 200 -20.71 -7.39 -4.50
C MET A 200 -20.70 -8.91 -4.43
N ASP A 201 -21.00 -9.55 -5.58
CA ASP A 201 -21.05 -11.00 -5.71
C ASP A 201 -20.17 -11.40 -6.88
N PHE A 202 -19.13 -12.18 -6.61
CA PHE A 202 -18.17 -12.59 -7.64
C PHE A 202 -18.36 -14.03 -8.08
N SER A 203 -19.56 -14.59 -7.91
CA SER A 203 -19.69 -16.01 -8.22
C SER A 203 -19.57 -16.30 -9.72
N ARG A 204 -20.01 -15.37 -10.57
CA ARG A 204 -19.98 -15.53 -12.02
C ARG A 204 -18.81 -14.80 -12.68
N PHE A 205 -17.80 -14.41 -11.91
CA PHE A 205 -16.64 -13.72 -12.46
C PHE A 205 -15.98 -14.57 -13.54
N PRO A 206 -15.56 -13.98 -14.67
CA PRO A 206 -15.57 -12.55 -15.04
C PRO A 206 -16.83 -12.08 -15.74
N LEU A 207 -17.92 -12.84 -15.67
CA LEU A 207 -19.15 -12.46 -16.37
C LEU A 207 -20.19 -11.85 -15.43
N ASP A 208 -19.76 -11.29 -14.31
CA ASP A 208 -20.67 -10.78 -13.31
C ASP A 208 -21.13 -9.36 -13.65
N THR A 209 -22.26 -8.98 -13.05
CA THR A 209 -22.81 -7.63 -13.11
C THR A 209 -23.13 -7.14 -11.70
N GLN A 210 -22.81 -5.88 -11.42
CA GLN A 210 -22.98 -5.31 -10.09
C GLN A 210 -23.87 -4.08 -10.14
N THR A 211 -24.65 -3.85 -9.08
CA THR A 211 -25.46 -2.64 -8.97
C THR A 211 -25.12 -1.93 -7.67
N CYS A 212 -24.90 -0.61 -7.73
CA CYS A 212 -24.55 0.23 -6.59
C CYS A 212 -25.54 1.37 -6.42
N SER A 213 -25.56 1.96 -5.22
CA SER A 213 -26.41 3.11 -4.97
C SER A 213 -25.80 4.03 -3.93
N LEU A 214 -26.24 5.30 -3.97
CA LEU A 214 -25.93 6.31 -2.97
C LEU A 214 -27.23 6.86 -2.38
N GLU A 215 -27.29 6.99 -1.06
CA GLU A 215 -28.54 7.28 -0.37
C GLU A 215 -28.43 8.54 0.50
N ILE A 216 -29.52 9.31 0.56
CA ILE A 216 -29.53 10.65 1.16
C ILE A 216 -30.72 10.73 2.12
N GLU A 217 -30.48 11.20 3.34
CA GLU A 217 -31.52 11.19 4.36
C GLU A 217 -31.30 12.31 5.37
N SER A 218 -32.38 12.72 6.02
CA SER A 218 -32.36 13.70 7.10
C SER A 218 -31.99 13.01 8.42
N TYR A 219 -31.14 13.65 9.22
CA TYR A 219 -30.70 12.96 10.42
C TYR A 219 -31.74 13.04 11.54
N ALA A 220 -32.37 14.19 11.74
CA ALA A 220 -33.13 14.44 12.96
C ALA A 220 -34.61 14.75 12.75
N TYR A 221 -35.09 14.88 11.52
CA TYR A 221 -36.46 15.32 11.29
C TYR A 221 -37.25 14.22 10.57
N THR A 222 -38.40 13.86 11.13
CA THR A 222 -39.24 12.84 10.53
C THR A 222 -40.12 13.46 9.46
N GLU A 223 -40.80 12.62 8.68
CA GLU A 223 -41.66 13.11 7.61
C GLU A 223 -42.77 14.03 8.11
N ASP A 224 -43.05 14.07 9.41
CA ASP A 224 -44.06 14.97 9.92
C ASP A 224 -43.58 16.40 10.01
N ASP A 225 -42.27 16.59 10.07
CA ASP A 225 -41.65 17.92 10.17
C ASP A 225 -40.95 18.37 8.90
N LEU A 226 -40.40 17.45 8.12
CA LEU A 226 -39.67 17.82 6.90
C LEU A 226 -40.00 16.83 5.80
N MET A 227 -40.38 17.33 4.64
CA MET A 227 -40.76 16.51 3.48
C MET A 227 -39.70 16.66 2.40
N LEU A 228 -38.94 15.60 2.15
CA LEU A 228 -37.81 15.61 1.23
C LEU A 228 -38.18 14.92 -0.08
N TYR A 229 -37.88 15.56 -1.20
CA TYR A 229 -38.31 15.05 -2.51
C TYR A 229 -37.34 15.53 -3.59
N TRP A 230 -37.34 14.83 -4.73
CA TRP A 230 -36.57 15.28 -5.89
C TRP A 230 -37.28 16.47 -6.54
N LYS A 231 -36.54 17.56 -6.77
CA LYS A 231 -37.16 18.81 -7.23
C LYS A 231 -37.86 18.64 -8.58
N LYS A 232 -37.24 17.91 -9.49
CA LYS A 232 -37.73 17.85 -10.86
C LYS A 232 -37.85 16.40 -11.33
N GLY A 233 -38.07 15.47 -10.41
CA GLY A 233 -38.24 14.09 -10.82
C GLY A 233 -36.93 13.55 -11.35
N ASN A 234 -36.99 12.95 -12.53
CA ASN A 234 -35.81 12.31 -13.10
C ASN A 234 -34.87 13.29 -13.79
N ASP A 235 -35.33 14.51 -14.07
CA ASP A 235 -34.50 15.59 -14.57
C ASP A 235 -33.61 16.22 -13.50
N SER A 236 -33.66 15.72 -12.27
CA SER A 236 -32.92 16.30 -11.16
C SER A 236 -31.49 15.79 -11.05
N LEU A 237 -31.09 14.84 -11.89
CA LEU A 237 -29.78 14.23 -11.85
C LEU A 237 -29.05 14.49 -13.16
N LYS A 238 -27.85 15.03 -13.07
CA LYS A 238 -26.99 15.26 -14.23
C LYS A 238 -25.64 14.62 -13.98
N THR A 239 -25.04 14.06 -15.03
CA THR A 239 -23.73 13.44 -14.90
C THR A 239 -22.75 14.01 -15.93
N ASP A 240 -21.47 14.00 -15.55
CA ASP A 240 -20.45 14.58 -16.43
C ASP A 240 -20.27 13.74 -17.68
N GLU A 241 -19.96 14.42 -18.79
CA GLU A 241 -19.88 13.72 -20.06
C GLU A 241 -18.69 12.78 -20.16
N ARG A 242 -17.65 12.97 -19.35
CA ARG A 242 -16.45 12.15 -19.45
C ARG A 242 -16.25 11.27 -18.22
N ILE A 243 -17.34 10.84 -17.57
CA ILE A 243 -17.21 10.03 -16.37
C ILE A 243 -16.82 8.62 -16.77
N SER A 244 -15.81 8.05 -16.08
CA SER A 244 -15.29 6.77 -16.50
C SER A 244 -14.49 6.14 -15.38
N LEU A 245 -14.33 4.83 -15.49
CA LEU A 245 -13.55 4.02 -14.57
C LEU A 245 -12.61 3.15 -15.38
N SER A 246 -11.51 2.72 -14.75
CA SER A 246 -10.45 2.15 -15.58
C SER A 246 -10.80 0.74 -16.01
N GLN A 247 -11.38 -0.03 -15.11
CA GLN A 247 -11.66 -1.44 -15.33
C GLN A 247 -13.14 -1.77 -15.45
N PHE A 248 -14.02 -0.78 -15.56
CA PHE A 248 -15.46 -1.04 -15.61
C PHE A 248 -16.12 -0.17 -16.68
N LEU A 249 -17.28 -0.60 -17.13
CA LEU A 249 -18.15 0.22 -17.96
C LEU A 249 -19.37 0.61 -17.13
N ILE A 250 -19.83 1.85 -17.29
CA ILE A 250 -20.86 2.41 -16.42
C ILE A 250 -22.08 2.75 -17.26
N GLN A 251 -23.26 2.41 -16.75
CA GLN A 251 -24.48 2.59 -17.52
C GLN A 251 -25.67 2.75 -16.58
N GLU A 252 -26.72 3.40 -17.09
CA GLU A 252 -28.07 3.36 -16.54
C GLU A 252 -28.18 4.08 -15.18
N PHE A 253 -27.92 5.39 -15.20
CA PHE A 253 -28.18 6.24 -14.04
C PHE A 253 -29.67 6.57 -13.95
N HIS A 254 -30.22 6.52 -12.73
CA HIS A 254 -31.59 6.91 -12.47
C HIS A 254 -31.81 7.03 -10.96
N THR A 255 -32.96 7.62 -10.59
CA THR A 255 -33.30 7.96 -9.21
C THR A 255 -34.59 7.28 -8.76
N THR A 256 -34.69 7.05 -7.45
CA THR A 256 -35.87 6.45 -6.81
C THR A 256 -36.04 7.04 -5.42
N THR A 257 -37.18 6.74 -4.79
CA THR A 257 -37.46 7.18 -3.43
C THR A 257 -38.13 6.06 -2.64
N LYS A 258 -37.94 6.06 -1.33
CA LYS A 258 -38.56 5.03 -0.49
C LYS A 258 -38.57 5.49 0.97
N LEU A 259 -39.63 5.10 1.68
CA LEU A 259 -39.78 5.42 3.10
C LEU A 259 -39.08 4.39 3.98
N ALA A 260 -38.38 4.86 5.01
CA ALA A 260 -37.75 3.96 5.96
C ALA A 260 -38.24 4.24 7.37
N PHE A 261 -38.08 3.25 8.24
CA PHE A 261 -38.69 3.23 9.56
C PHE A 261 -37.62 2.93 10.58
N TYR A 262 -37.57 3.74 11.62
CA TYR A 262 -36.68 3.55 12.76
C TYR A 262 -37.52 3.40 14.00
N SER A 263 -37.27 2.34 14.79
CA SER A 263 -38.11 2.13 15.96
C SER A 263 -37.83 3.16 17.04
N SER A 264 -36.66 3.82 16.98
CA SER A 264 -36.35 4.82 17.99
C SER A 264 -37.10 6.14 17.74
N THR A 265 -37.34 6.53 16.50
CA THR A 265 -37.94 7.84 16.27
C THR A 265 -39.08 7.89 15.26
N GLY A 266 -39.08 7.04 14.24
CA GLY A 266 -40.18 7.17 13.31
C GLY A 266 -39.92 6.86 11.85
N TRP A 267 -40.75 7.44 10.96
CA TRP A 267 -40.61 7.28 9.51
C TRP A 267 -39.83 8.44 8.89
N TYR A 268 -39.01 8.12 7.89
CA TYR A 268 -38.17 9.11 7.21
C TYR A 268 -38.17 8.86 5.72
N ASN A 269 -37.97 9.92 4.94
CA ASN A 269 -37.87 9.83 3.49
C ASN A 269 -36.43 9.61 3.09
N ARG A 270 -36.21 8.75 2.09
CA ARG A 270 -34.86 8.40 1.65
C ARG A 270 -34.80 8.48 0.13
N LEU A 271 -33.72 9.06 -0.41
CA LEU A 271 -33.56 9.20 -1.85
C LEU A 271 -32.37 8.37 -2.32
N TYR A 272 -32.45 7.86 -3.56
CA TYR A 272 -31.49 6.91 -4.09
C TYR A 272 -30.96 7.37 -5.44
N ILE A 273 -29.69 7.04 -5.70
CA ILE A 273 -29.05 7.23 -7.00
C ILE A 273 -28.47 5.89 -7.42
N ASN A 274 -28.92 5.34 -8.56
CA ASN A 274 -28.59 3.98 -8.95
C ASN A 274 -27.80 3.92 -10.26
N PHE A 275 -26.91 2.93 -10.38
CA PHE A 275 -26.15 2.72 -11.60
C PHE A 275 -25.60 1.29 -11.61
N THR A 276 -25.04 0.89 -12.77
CA THR A 276 -24.67 -0.50 -13.04
C THR A 276 -23.28 -0.57 -13.67
N LEU A 277 -22.54 -1.65 -13.36
CA LEU A 277 -21.15 -1.82 -13.79
C LEU A 277 -20.97 -3.15 -14.53
N ARG A 278 -20.10 -3.15 -15.54
CA ARG A 278 -19.78 -4.33 -16.34
C ARG A 278 -18.31 -4.33 -16.71
N ARG A 279 -17.78 -5.52 -17.00
CA ARG A 279 -16.37 -5.68 -17.35
C ARG A 279 -16.19 -5.81 -18.87
N HIS A 280 -14.92 -5.89 -19.29
CA HIS A 280 -14.55 -6.13 -20.67
C HIS A 280 -14.29 -7.62 -20.85
N ILE A 281 -15.16 -8.31 -21.58
CA ILE A 281 -15.12 -9.77 -21.56
C ILE A 281 -13.97 -10.30 -22.42
N PHE A 282 -13.69 -9.65 -23.56
CA PHE A 282 -12.71 -10.21 -24.48
C PHE A 282 -11.32 -10.24 -23.87
N PHE A 283 -10.95 -9.22 -23.10
CA PHE A 283 -9.67 -9.22 -22.41
C PHE A 283 -9.49 -10.47 -21.58
N PHE A 284 -10.50 -10.81 -20.78
CA PHE A 284 -10.40 -11.97 -19.91
C PHE A 284 -10.42 -13.27 -20.70
N LEU A 285 -11.22 -13.34 -21.76
CA LEU A 285 -11.21 -14.52 -22.62
C LEU A 285 -9.80 -14.80 -23.13
N LEU A 286 -9.18 -13.80 -23.76
CA LEU A 286 -7.83 -13.96 -24.32
C LEU A 286 -6.79 -14.26 -23.25
N GLN A 287 -6.92 -13.64 -22.08
CA GLN A 287 -5.89 -13.82 -21.07
C GLN A 287 -6.00 -15.17 -20.35
N THR A 288 -7.21 -15.68 -20.11
CA THR A 288 -7.35 -16.92 -19.35
C THR A 288 -7.80 -18.13 -20.17
N TYR A 289 -8.92 -18.03 -20.89
CA TYR A 289 -9.51 -19.25 -21.45
C TYR A 289 -8.72 -19.76 -22.65
N PHE A 290 -8.07 -18.86 -23.40
CA PHE A 290 -7.32 -19.27 -24.58
C PHE A 290 -6.14 -20.20 -24.26
N PRO A 291 -5.22 -19.85 -23.35
CA PRO A 291 -4.06 -20.72 -23.11
C PRO A 291 -4.41 -22.10 -22.56
N ALA A 292 -5.35 -22.16 -21.61
CA ALA A 292 -5.80 -23.45 -21.08
C ALA A 292 -6.28 -24.39 -22.18
N THR A 293 -7.12 -23.89 -23.08
CA THR A 293 -7.64 -24.69 -24.18
C THR A 293 -6.51 -25.13 -25.10
N LEU A 294 -5.55 -24.23 -25.36
CA LEU A 294 -4.42 -24.61 -26.20
C LEU A 294 -3.58 -25.72 -25.57
N MET A 295 -3.36 -25.66 -24.26
CA MET A 295 -2.58 -26.70 -23.59
C MET A 295 -3.33 -28.04 -23.57
N VAL A 296 -4.64 -28.02 -23.29
CA VAL A 296 -5.44 -29.24 -23.43
C VAL A 296 -5.33 -29.81 -24.84
N MET A 297 -5.37 -28.96 -25.87
CA MET A 297 -5.25 -29.51 -27.22
C MET A 297 -3.85 -30.05 -27.48
N LEU A 298 -2.83 -29.44 -26.88
CA LEU A 298 -1.47 -29.91 -27.05
C LEU A 298 -1.25 -31.27 -26.40
N SER A 299 -1.98 -31.57 -25.33
CA SER A 299 -1.76 -32.86 -24.67
C SER A 299 -2.28 -34.04 -25.48
N TRP A 300 -3.14 -33.80 -26.47
CA TRP A 300 -3.67 -34.85 -27.33
C TRP A 300 -2.69 -35.30 -28.42
N VAL A 301 -1.60 -34.56 -28.62
CA VAL A 301 -0.63 -34.89 -29.66
C VAL A 301 0.00 -36.24 -29.38
N SER A 302 0.16 -36.59 -28.11
CA SER A 302 0.86 -37.82 -27.79
C SER A 302 0.11 -39.07 -28.23
N PHE A 303 -1.19 -38.97 -28.52
CA PHE A 303 -1.93 -40.15 -28.98
C PHE A 303 -1.52 -40.57 -30.39
N TRP A 304 -0.84 -39.71 -31.14
CA TRP A 304 -0.43 -40.01 -32.50
C TRP A 304 1.05 -40.35 -32.62
N ILE A 305 1.75 -40.48 -31.49
CA ILE A 305 3.18 -40.73 -31.47
C ILE A 305 3.43 -42.22 -31.25
N ASP A 306 4.49 -42.73 -31.87
CA ASP A 306 4.83 -44.15 -31.79
C ASP A 306 5.03 -44.58 -30.34
N ARG A 307 4.32 -45.64 -29.93
CA ARG A 307 4.34 -46.08 -28.54
C ARG A 307 5.68 -46.66 -28.10
N ARG A 308 6.56 -46.98 -29.04
CA ARG A 308 7.88 -47.50 -28.70
C ARG A 308 8.86 -46.41 -28.31
N ALA A 309 8.54 -45.15 -28.58
CA ALA A 309 9.38 -44.00 -28.18
C ALA A 309 8.97 -43.52 -26.79
N VAL A 310 9.35 -44.33 -25.79
CA VAL A 310 9.14 -43.94 -24.39
C VAL A 310 9.87 -42.65 -24.03
N PRO A 311 11.17 -42.48 -24.34
CA PRO A 311 11.85 -41.24 -23.93
C PRO A 311 11.28 -39.99 -24.58
N ALA A 312 10.39 -40.12 -25.56
CA ALA A 312 9.67 -38.96 -26.08
C ALA A 312 8.24 -38.86 -25.58
N ARG A 313 7.63 -39.96 -25.14
CA ARG A 313 6.25 -39.86 -24.68
C ARG A 313 6.20 -39.35 -23.24
N VAL A 314 7.10 -39.81 -22.37
CA VAL A 314 7.01 -39.45 -20.95
C VAL A 314 7.32 -37.98 -20.67
N PRO A 315 8.48 -37.45 -21.09
CA PRO A 315 8.77 -36.04 -20.82
C PRO A 315 7.71 -35.10 -21.34
N LEU A 316 7.01 -35.46 -22.40
CA LEU A 316 6.03 -34.54 -22.99
C LEU A 316 4.85 -34.35 -22.06
N GLY A 317 4.30 -35.45 -21.55
CA GLY A 317 3.22 -35.35 -20.59
C GLY A 317 3.62 -34.61 -19.33
N ILE A 318 4.80 -34.92 -18.79
CA ILE A 318 5.14 -34.30 -17.51
C ILE A 318 5.42 -32.79 -17.69
N THR A 319 6.06 -32.39 -18.78
CA THR A 319 6.24 -30.97 -19.04
C THR A 319 4.93 -30.25 -19.30
N THR A 320 3.95 -30.95 -19.89
CA THR A 320 2.66 -30.32 -20.16
C THR A 320 1.95 -30.03 -18.85
N VAL A 321 2.05 -30.97 -17.90
CA VAL A 321 1.52 -30.73 -16.55
C VAL A 321 2.21 -29.52 -15.92
N LEU A 322 3.53 -29.43 -16.07
CA LEU A 322 4.25 -28.32 -15.44
C LEU A 322 3.83 -26.97 -16.03
N THR A 323 3.69 -26.91 -17.36
CA THR A 323 3.21 -25.68 -18.01
C THR A 323 1.82 -25.29 -17.54
N MET A 324 0.90 -26.26 -17.45
CA MET A 324 -0.46 -25.90 -17.01
C MET A 324 -0.44 -25.40 -15.56
N SER A 325 0.40 -25.99 -14.71
CA SER A 325 0.46 -25.51 -13.33
C SER A 325 0.99 -24.07 -13.25
N THR A 326 2.03 -23.75 -14.02
CA THR A 326 2.52 -22.38 -14.04
C THR A 326 1.46 -21.41 -14.53
N ILE A 327 0.69 -21.81 -15.57
CA ILE A 327 -0.36 -20.92 -16.06
C ILE A 327 -1.38 -20.63 -14.96
N ILE A 328 -1.77 -21.67 -14.22
CA ILE A 328 -2.80 -21.49 -13.20
C ILE A 328 -2.30 -20.60 -12.08
N THR A 329 -1.06 -20.81 -11.62
CA THR A 329 -0.49 -19.92 -10.61
C THR A 329 -0.44 -18.47 -11.09
N GLY A 330 -0.01 -18.26 -12.33
CA GLY A 330 0.06 -16.91 -12.86
C GLY A 330 -1.28 -16.22 -12.90
N VAL A 331 -2.32 -16.93 -13.35
CA VAL A 331 -3.68 -16.38 -13.36
C VAL A 331 -4.13 -16.07 -11.93
N ASN A 332 -3.75 -16.92 -10.98
CA ASN A 332 -4.23 -16.71 -9.62
C ASN A 332 -3.64 -15.44 -9.03
N ALA A 333 -2.39 -15.15 -9.37
CA ALA A 333 -1.71 -13.95 -8.88
C ALA A 333 -2.26 -12.63 -9.43
N SER A 334 -3.19 -12.65 -10.40
CA SER A 334 -3.57 -11.39 -11.02
C SER A 334 -5.05 -11.05 -10.85
N MET A 335 -5.80 -11.86 -10.17
CA MET A 335 -7.20 -11.57 -9.89
C MET A 335 -7.32 -10.96 -8.50
N PRO A 336 -8.43 -10.26 -8.22
CA PRO A 336 -8.60 -9.72 -6.88
C PRO A 336 -8.72 -10.84 -5.85
N ARG A 337 -8.15 -10.61 -4.67
CA ARG A 337 -8.00 -11.65 -3.65
C ARG A 337 -9.34 -11.90 -2.98
N VAL A 338 -10.18 -12.69 -3.64
CA VAL A 338 -11.49 -13.05 -3.12
C VAL A 338 -11.51 -14.56 -2.90
N SER A 339 -11.74 -15.00 -1.66
CA SER A 339 -11.45 -16.40 -1.34
C SER A 339 -12.73 -17.23 -1.30
N TYR A 340 -13.33 -17.37 -2.47
CA TYR A 340 -14.35 -18.39 -2.69
C TYR A 340 -14.41 -18.69 -4.18
N ILE A 341 -15.20 -19.70 -4.52
CA ILE A 341 -15.06 -20.38 -5.80
C ILE A 341 -15.76 -19.59 -6.90
N LYS A 342 -15.06 -19.36 -8.01
CA LYS A 342 -15.61 -18.63 -9.15
C LYS A 342 -15.54 -19.49 -10.40
N ALA A 343 -16.29 -19.08 -11.42
CA ALA A 343 -16.47 -19.87 -12.64
C ALA A 343 -15.15 -20.20 -13.33
N VAL A 344 -14.26 -19.21 -13.42
CA VAL A 344 -13.00 -19.38 -14.14
C VAL A 344 -12.15 -20.44 -13.45
N ASP A 345 -12.23 -20.52 -12.12
CA ASP A 345 -11.56 -21.58 -11.39
C ASP A 345 -12.05 -22.96 -11.81
N ILE A 346 -13.37 -23.09 -11.98
CA ILE A 346 -13.94 -24.36 -12.42
C ILE A 346 -13.39 -24.75 -13.79
N TYR A 347 -13.39 -23.80 -14.73
CA TYR A 347 -12.83 -24.09 -16.05
C TYR A 347 -11.38 -24.57 -15.94
N LEU A 348 -10.57 -23.85 -15.16
CA LEU A 348 -9.14 -24.13 -15.13
C LEU A 348 -8.84 -25.50 -14.50
N TRP A 349 -9.54 -25.85 -13.42
CA TRP A 349 -9.23 -27.12 -12.76
C TRP A 349 -9.78 -28.31 -13.54
N VAL A 350 -10.90 -28.15 -14.26
CA VAL A 350 -11.31 -29.21 -15.19
C VAL A 350 -10.25 -29.43 -16.26
N SER A 351 -9.69 -28.36 -16.81
CA SER A 351 -8.65 -28.57 -17.81
C SER A 351 -7.43 -29.28 -17.22
N PHE A 352 -7.06 -28.92 -15.99
CA PHE A 352 -5.95 -29.60 -15.32
C PHE A 352 -6.20 -31.10 -15.21
N VAL A 353 -7.43 -31.48 -14.85
CA VAL A 353 -7.77 -32.90 -14.74
C VAL A 353 -7.62 -33.61 -16.08
N PHE A 354 -8.08 -32.97 -17.17
CA PHE A 354 -7.87 -33.58 -18.49
C PHE A 354 -6.39 -33.86 -18.74
N VAL A 355 -5.53 -32.88 -18.44
CA VAL A 355 -4.10 -33.08 -18.70
C VAL A 355 -3.55 -34.23 -17.86
N PHE A 356 -4.00 -34.37 -16.62
CA PHE A 356 -3.56 -35.48 -15.77
C PHE A 356 -3.95 -36.85 -16.37
N LEU A 357 -5.20 -36.96 -16.80
CA LEU A 357 -5.68 -38.21 -17.37
C LEU A 357 -4.89 -38.62 -18.60
N SER A 358 -4.40 -37.64 -19.38
CA SER A 358 -3.65 -38.02 -20.58
C SER A 358 -2.33 -38.72 -20.26
N VAL A 359 -1.73 -38.45 -19.10
CA VAL A 359 -0.51 -39.15 -18.68
C VAL A 359 -0.85 -40.55 -18.16
N LEU A 360 -1.97 -40.67 -17.44
CA LEU A 360 -2.34 -42.00 -16.96
C LEU A 360 -2.56 -42.98 -18.12
N GLU A 361 -3.12 -42.49 -19.24
CA GLU A 361 -3.33 -43.30 -20.42
C GLU A 361 -2.05 -43.98 -20.91
N TYR A 362 -0.98 -43.21 -21.13
CA TYR A 362 0.24 -43.80 -21.64
C TYR A 362 0.89 -44.72 -20.63
N ALA A 363 0.76 -44.42 -19.34
CA ALA A 363 1.28 -45.35 -18.35
C ALA A 363 0.68 -46.74 -18.55
N ALA A 364 -0.65 -46.79 -18.70
CA ALA A 364 -1.33 -48.07 -18.94
C ALA A 364 -0.82 -48.76 -20.20
N VAL A 365 -0.66 -47.98 -21.28
CA VAL A 365 -0.27 -48.57 -22.57
C VAL A 365 1.12 -49.19 -22.47
N ASN A 366 2.06 -48.48 -21.84
CA ASN A 366 3.41 -49.00 -21.73
C ASN A 366 3.45 -50.28 -20.90
N TYR A 367 2.73 -50.30 -19.77
CA TYR A 367 2.71 -51.52 -18.94
C TYR A 367 2.19 -52.71 -19.74
N LEU A 368 1.07 -52.53 -20.46
CA LEU A 368 0.48 -53.65 -21.17
C LEU A 368 1.38 -54.15 -22.30
N THR A 369 2.03 -53.23 -23.03
CA THR A 369 2.94 -53.68 -24.08
C THR A 369 4.08 -54.51 -23.50
N THR A 370 4.65 -54.06 -22.38
CA THR A 370 5.77 -54.77 -21.77
C THR A 370 5.36 -56.17 -21.35
N VAL A 371 4.17 -56.29 -20.74
CA VAL A 371 3.67 -57.61 -20.35
C VAL A 371 3.57 -58.52 -21.56
N GLN A 372 3.00 -58.00 -22.66
CA GLN A 372 2.82 -58.84 -23.85
C GLN A 372 4.15 -59.35 -24.38
N GLU A 373 5.14 -58.46 -24.50
CA GLU A 373 6.44 -58.87 -25.00
C GLU A 373 7.10 -59.91 -24.11
N ARG A 374 7.05 -59.70 -22.80
CA ARG A 374 7.65 -60.68 -21.89
C ARG A 374 6.96 -62.04 -22.01
N LYS A 375 5.63 -62.05 -22.12
CA LYS A 375 4.91 -63.31 -22.27
C LYS A 375 5.32 -64.02 -23.55
N GLU A 376 5.38 -63.28 -24.66
CA GLU A 376 5.75 -63.88 -25.93
C GLU A 376 7.14 -64.49 -25.87
N GLN A 377 8.10 -63.78 -25.28
CA GLN A 377 9.45 -64.33 -25.22
C GLN A 377 9.52 -65.54 -24.29
N LYS A 378 8.76 -65.53 -23.19
CA LYS A 378 8.73 -66.69 -22.30
C LYS A 378 8.15 -67.91 -23.01
N LEU A 379 7.12 -67.72 -23.82
CA LEU A 379 6.52 -68.84 -24.54
C LEU A 379 7.49 -69.41 -25.56
N ARG A 380 8.21 -68.55 -26.27
CA ARG A 380 9.19 -69.00 -27.26
C ARG A 380 10.33 -69.76 -26.61
N ASP A 451 2.02 -51.81 -35.08
CA ASP A 451 0.59 -51.54 -35.05
C ASP A 451 0.22 -50.62 -33.91
N THR A 452 -1.00 -50.08 -33.97
CA THR A 452 -1.49 -49.15 -32.97
C THR A 452 -2.27 -49.88 -31.89
N HIS A 453 -1.97 -49.57 -30.62
CA HIS A 453 -2.68 -50.20 -29.53
C HIS A 453 -4.13 -49.67 -29.48
N ALA A 454 -5.04 -50.52 -28.98
CA ALA A 454 -6.46 -50.18 -29.01
C ALA A 454 -6.76 -48.94 -28.16
N ILE A 455 -6.01 -48.76 -27.08
CA ILE A 455 -6.28 -47.67 -26.16
C ILE A 455 -6.02 -46.33 -26.83
N ASP A 456 -4.95 -46.24 -27.63
CA ASP A 456 -4.69 -45.02 -28.38
C ASP A 456 -5.81 -44.75 -29.40
N LYS A 457 -6.27 -45.78 -30.09
CA LYS A 457 -7.32 -45.60 -31.10
C LYS A 457 -8.60 -45.09 -30.47
N TYR A 458 -8.98 -45.62 -29.31
CA TYR A 458 -10.18 -45.11 -28.66
C TYR A 458 -9.95 -43.72 -28.07
N SER A 459 -8.76 -43.46 -27.54
CA SER A 459 -8.54 -42.18 -26.88
C SER A 459 -8.59 -41.03 -27.88
N ARG A 460 -8.03 -41.25 -29.08
CA ARG A 460 -8.06 -40.25 -30.14
C ARG A 460 -9.48 -39.75 -30.43
N ILE A 461 -10.50 -40.58 -30.22
CA ILE A 461 -11.86 -40.10 -30.39
C ILE A 461 -12.46 -39.60 -29.08
N ILE A 462 -12.22 -40.30 -27.97
CA ILE A 462 -12.99 -40.06 -26.77
C ILE A 462 -12.59 -38.74 -26.11
N PHE A 463 -11.31 -38.40 -26.09
CA PHE A 463 -10.93 -37.21 -25.35
C PHE A 463 -11.59 -35.93 -25.91
N PRO A 464 -11.47 -35.63 -27.20
CA PRO A 464 -12.04 -34.36 -27.70
C PRO A 464 -13.56 -34.26 -27.58
N ALA A 465 -14.29 -35.33 -27.89
CA ALA A 465 -15.73 -35.35 -27.65
C ALA A 465 -16.11 -34.96 -26.22
N ALA A 466 -15.40 -35.50 -25.22
CA ALA A 466 -15.77 -35.20 -23.84
C ALA A 466 -15.44 -33.76 -23.50
N TYR A 467 -14.34 -33.24 -24.06
CA TYR A 467 -14.06 -31.83 -23.82
C TYR A 467 -15.10 -30.93 -24.48
N ILE A 468 -15.55 -31.28 -25.69
CA ILE A 468 -16.60 -30.51 -26.36
C ILE A 468 -17.90 -30.54 -25.57
N LEU A 469 -18.26 -31.70 -25.01
CA LEU A 469 -19.48 -31.76 -24.20
C LEU A 469 -19.37 -30.93 -22.93
N PHE A 470 -18.22 -31.00 -22.25
CA PHE A 470 -18.00 -30.11 -21.11
C PHE A 470 -18.16 -28.65 -21.51
N ASN A 471 -17.63 -28.26 -22.67
CA ASN A 471 -17.73 -26.86 -23.05
C ASN A 471 -19.17 -26.45 -23.32
N LEU A 472 -19.93 -27.32 -23.98
CA LEU A 472 -21.35 -27.03 -24.23
C LEU A 472 -22.11 -26.81 -22.94
N ILE A 473 -21.93 -27.71 -21.96
CA ILE A 473 -22.65 -27.58 -20.69
C ILE A 473 -22.22 -26.32 -19.95
N TYR A 474 -20.90 -26.10 -19.85
CA TYR A 474 -20.39 -24.93 -19.16
C TYR A 474 -20.96 -23.64 -19.74
N TRP A 475 -20.87 -23.47 -21.06
CA TRP A 475 -21.33 -22.22 -21.64
C TRP A 475 -22.85 -22.14 -21.73
N SER A 476 -23.57 -23.26 -21.59
CA SER A 476 -25.02 -23.11 -21.49
C SER A 476 -25.44 -22.65 -20.10
N ILE A 477 -24.60 -22.92 -19.10
CA ILE A 477 -24.89 -22.61 -17.71
C ILE A 477 -24.50 -21.19 -17.36
N PHE A 478 -23.30 -20.76 -17.77
CA PHE A 478 -22.78 -19.44 -17.42
C PHE A 478 -22.97 -18.40 -18.52
N SER A 479 -23.76 -18.71 -19.55
CA SER A 479 -24.05 -17.80 -20.66
C SER A 479 -22.81 -17.47 -21.49
N LYS B 74 -36.41 32.44 22.57
CA LYS B 74 -35.29 31.52 22.47
C LYS B 74 -35.59 30.24 23.26
N SER B 75 -35.40 29.11 22.58
CA SER B 75 -35.70 27.80 23.17
C SER B 75 -34.74 27.46 24.29
N GLU B 76 -33.51 27.98 24.26
CA GLU B 76 -32.56 27.70 25.32
C GLU B 76 -32.84 28.49 26.60
N GLN B 77 -33.80 29.41 26.56
CA GLN B 77 -34.25 30.08 27.77
C GLN B 77 -35.38 29.33 28.46
N LEU B 78 -36.00 28.36 27.77
CA LEU B 78 -36.98 27.52 28.44
C LEU B 78 -36.33 26.55 29.42
N LEU B 79 -35.13 26.07 29.09
CA LEU B 79 -34.26 25.40 30.07
C LEU B 79 -33.43 26.48 30.75
N ARG B 80 -33.49 26.53 32.08
CA ARG B 80 -32.70 27.47 32.87
C ARG B 80 -31.24 27.03 32.83
N ILE B 81 -30.58 27.37 31.72
CA ILE B 81 -29.22 26.91 31.50
C ILE B 81 -28.26 27.54 32.50
N ASP B 82 -28.44 28.84 32.78
CA ASP B 82 -27.52 29.67 33.55
C ASP B 82 -27.72 29.51 35.05
N ASP B 83 -28.65 28.65 35.46
CA ASP B 83 -29.22 28.59 36.79
C ASP B 83 -28.81 27.31 37.48
N HIS B 84 -27.96 26.52 36.82
CA HIS B 84 -27.50 25.24 37.31
C HIS B 84 -26.04 25.07 36.93
N ASP B 85 -25.30 24.36 37.77
CA ASP B 85 -23.93 23.98 37.48
C ASP B 85 -23.97 22.65 36.74
N PHE B 86 -23.69 22.68 35.43
CA PHE B 86 -23.68 21.47 34.64
C PHE B 86 -22.30 20.84 34.54
N SER B 87 -21.44 21.08 35.51
CA SER B 87 -20.19 20.35 35.58
C SER B 87 -20.24 19.20 36.57
N MET B 88 -21.37 19.04 37.28
CA MET B 88 -21.63 17.91 38.14
C MET B 88 -22.78 17.09 37.59
N ARG B 89 -22.81 15.82 37.99
CA ARG B 89 -23.78 14.87 37.49
C ARG B 89 -25.15 15.09 38.13
N PRO B 90 -26.22 14.64 37.48
CA PRO B 90 -27.52 14.62 38.15
C PRO B 90 -27.47 13.70 39.37
N GLY B 91 -28.20 14.08 40.42
CA GLY B 91 -28.13 13.33 41.65
C GLY B 91 -26.82 13.34 42.39
N PHE B 92 -25.99 14.36 42.18
CA PHE B 92 -24.70 14.44 42.85
C PHE B 92 -24.85 14.33 44.36
N GLY B 93 -24.00 13.53 44.98
CA GLY B 93 -24.02 13.38 46.42
C GLY B 93 -24.86 12.22 46.93
N GLY B 94 -25.60 11.55 46.06
CA GLY B 94 -26.46 10.47 46.46
C GLY B 94 -26.19 9.21 45.67
N PRO B 95 -27.22 8.40 45.43
CA PRO B 95 -27.01 7.17 44.69
C PRO B 95 -26.64 7.45 43.24
N ALA B 96 -26.02 6.45 42.61
CA ALA B 96 -25.60 6.53 41.22
C ALA B 96 -26.78 6.67 40.28
N ILE B 97 -26.54 7.33 39.14
CA ILE B 97 -27.57 7.58 38.14
C ILE B 97 -27.49 6.47 37.10
N PRO B 98 -28.57 5.74 36.84
CA PRO B 98 -28.57 4.71 35.79
C PRO B 98 -28.58 5.30 34.38
N VAL B 99 -27.82 4.68 33.48
CA VAL B 99 -27.70 5.12 32.09
C VAL B 99 -27.84 3.89 31.21
N GLY B 100 -28.81 3.91 30.29
CA GLY B 100 -29.14 2.76 29.47
C GLY B 100 -28.72 2.96 28.03
N VAL B 101 -28.26 1.88 27.40
CA VAL B 101 -27.56 1.95 26.12
C VAL B 101 -28.19 1.02 25.09
N ASP B 102 -28.31 1.49 23.85
CA ASP B 102 -28.77 0.71 22.71
C ASP B 102 -27.77 0.87 21.57
N VAL B 103 -27.61 -0.15 20.74
CA VAL B 103 -26.62 -0.10 19.66
C VAL B 103 -27.23 -0.65 18.37
N GLN B 104 -26.97 0.05 17.25
CA GLN B 104 -27.37 -0.42 15.92
C GLN B 104 -26.14 -0.46 15.03
N VAL B 105 -25.75 -1.66 14.58
CA VAL B 105 -24.59 -1.82 13.71
C VAL B 105 -25.01 -1.65 12.26
N GLU B 106 -24.37 -0.72 11.55
CA GLU B 106 -24.65 -0.49 10.15
C GLU B 106 -23.75 -1.27 9.20
N SER B 107 -22.48 -1.51 9.55
CA SER B 107 -21.66 -2.23 8.57
C SER B 107 -20.34 -2.64 9.18
N LEU B 108 -19.70 -3.62 8.53
CA LEU B 108 -18.34 -4.04 8.83
C LEU B 108 -17.46 -3.65 7.65
N ASP B 109 -16.48 -2.78 7.91
CA ASP B 109 -15.81 -2.06 6.84
C ASP B 109 -14.58 -2.79 6.30
N SER B 110 -13.74 -3.35 7.17
CA SER B 110 -12.54 -4.06 6.72
C SER B 110 -12.03 -4.92 7.86
N ILE B 111 -11.11 -5.82 7.53
CA ILE B 111 -10.36 -6.57 8.54
C ILE B 111 -8.90 -6.74 8.08
N SER B 112 -7.99 -6.74 9.05
CA SER B 112 -6.55 -6.80 8.79
C SER B 112 -6.01 -8.00 9.55
N GLU B 113 -5.55 -9.01 8.82
CA GLU B 113 -5.05 -10.22 9.45
C GLU B 113 -3.63 -10.07 10.00
N VAL B 114 -2.78 -9.28 9.33
CA VAL B 114 -1.42 -9.08 9.82
C VAL B 114 -1.40 -8.19 11.05
N ASP B 115 -2.18 -7.11 11.04
CA ASP B 115 -2.24 -6.22 12.18
C ASP B 115 -3.26 -6.62 13.24
N MET B 116 -4.16 -7.57 12.93
CA MET B 116 -5.11 -8.14 13.88
C MET B 116 -6.05 -7.07 14.45
N ASP B 117 -6.90 -6.55 13.57
CA ASP B 117 -7.92 -5.59 13.98
C ASP B 117 -9.06 -5.57 12.96
N PHE B 118 -10.16 -4.90 13.33
CA PHE B 118 -11.32 -4.76 12.44
C PHE B 118 -11.95 -3.38 12.64
N THR B 119 -12.77 -2.98 11.66
CA THR B 119 -13.41 -1.66 11.63
C THR B 119 -14.91 -1.80 11.47
N MET B 120 -15.67 -0.97 12.18
CA MET B 120 -17.12 -1.06 12.25
C MET B 120 -17.73 0.32 12.32
N THR B 121 -18.96 0.47 11.82
CA THR B 121 -19.69 1.74 11.82
C THR B 121 -21.07 1.56 12.44
N LEU B 122 -21.49 2.46 13.35
CA LEU B 122 -22.66 2.11 14.17
C LEU B 122 -23.30 3.38 14.72
N TYR B 123 -24.52 3.21 15.25
CA TYR B 123 -25.25 4.24 15.98
C TYR B 123 -25.26 3.89 17.47
N LEU B 124 -24.99 4.90 18.31
CA LEU B 124 -24.94 4.73 19.76
C LEU B 124 -25.95 5.67 20.41
N ARG B 125 -26.79 5.13 21.28
CA ARG B 125 -27.90 5.88 21.87
C ARG B 125 -27.89 5.73 23.38
N HIS B 126 -28.11 6.84 24.10
CA HIS B 126 -28.11 6.86 25.55
C HIS B 126 -29.45 7.35 26.09
N TYR B 127 -29.84 6.86 27.27
CA TYR B 127 -31.06 7.29 27.91
C TYR B 127 -30.82 7.55 29.40
N TRP B 128 -31.27 8.70 29.89
CA TRP B 128 -31.20 9.02 31.31
C TRP B 128 -32.18 10.16 31.59
N LYS B 129 -32.34 10.47 32.88
CA LYS B 129 -33.27 11.50 33.32
C LYS B 129 -32.52 12.57 34.12
N ASP B 130 -32.91 13.83 33.90
CA ASP B 130 -32.33 14.98 34.60
C ASP B 130 -33.44 15.97 34.89
N GLU B 131 -33.71 16.22 36.18
CA GLU B 131 -34.81 17.10 36.55
C GLU B 131 -34.49 18.56 36.32
N ARG B 132 -33.21 18.92 36.18
CA ARG B 132 -32.85 20.32 35.91
C ARG B 132 -33.24 20.75 34.51
N LEU B 133 -33.54 19.80 33.63
CA LEU B 133 -33.89 20.07 32.25
C LEU B 133 -35.39 20.20 32.00
N SER B 134 -36.21 19.97 33.02
CA SER B 134 -37.65 20.03 32.86
C SER B 134 -38.10 21.44 32.52
N PHE B 135 -39.11 21.56 31.66
CA PHE B 135 -39.69 22.82 31.25
C PHE B 135 -41.20 22.73 31.20
N PRO B 136 -41.91 23.84 31.40
CA PRO B 136 -43.38 23.78 31.35
C PRO B 136 -43.88 23.65 29.91
N SER B 137 -45.00 22.95 29.75
CA SER B 137 -45.66 22.88 28.45
C SER B 137 -47.16 22.72 28.63
N THR B 138 -47.93 23.32 27.71
CA THR B 138 -49.37 23.10 27.68
C THR B 138 -49.76 21.88 26.84
N ASN B 139 -48.80 21.00 26.56
CA ASN B 139 -48.92 19.91 25.60
C ASN B 139 -47.86 18.90 25.98
N ASN B 140 -47.77 17.81 25.21
CA ASN B 140 -46.77 16.79 25.48
C ASN B 140 -45.76 16.69 24.33
N LEU B 141 -45.36 17.84 23.81
CA LEU B 141 -44.39 17.91 22.72
C LEU B 141 -42.98 18.09 23.26
N SER B 142 -41.99 17.52 22.54
CA SER B 142 -40.62 17.55 23.02
C SER B 142 -39.81 18.46 22.11
N MET B 143 -38.68 18.94 22.63
CA MET B 143 -37.81 19.83 21.86
C MET B 143 -36.54 19.11 21.45
N THR B 144 -36.06 19.43 20.25
CA THR B 144 -34.93 18.75 19.62
C THR B 144 -33.82 19.74 19.32
N PHE B 145 -32.58 19.33 19.56
CA PHE B 145 -31.40 20.19 19.47
C PHE B 145 -30.32 19.47 18.69
N ASP B 146 -29.30 20.21 18.26
CA ASP B 146 -28.26 19.51 17.52
C ASP B 146 -27.02 19.51 18.42
N GLY B 147 -25.84 19.40 17.83
CA GLY B 147 -24.73 19.19 18.76
C GLY B 147 -24.17 20.42 19.43
N ARG B 148 -24.67 21.62 19.10
CA ARG B 148 -24.18 22.83 19.75
C ARG B 148 -24.63 22.93 21.22
N LEU B 149 -25.72 22.26 21.59
CA LEU B 149 -26.19 22.26 22.96
C LEU B 149 -25.35 21.36 23.87
N VAL B 150 -24.57 20.44 23.30
CA VAL B 150 -23.91 19.43 24.11
C VAL B 150 -22.92 20.07 25.09
N LYS B 151 -22.23 21.09 24.64
CA LYS B 151 -21.24 21.78 25.48
C LYS B 151 -21.85 22.62 26.57
N LYS B 152 -23.18 22.70 26.68
CA LYS B 152 -23.80 23.53 27.68
C LYS B 152 -24.44 22.74 28.82
N ILE B 153 -24.53 21.42 28.69
CA ILE B 153 -25.16 20.56 29.68
C ILE B 153 -24.25 19.39 29.97
N TRP B 154 -24.64 18.56 30.94
CA TRP B 154 -23.90 17.37 31.32
C TRP B 154 -24.34 16.19 30.47
N VAL B 155 -23.36 15.42 29.98
CA VAL B 155 -23.63 14.20 29.22
C VAL B 155 -22.64 13.12 29.63
N PRO B 156 -23.00 11.85 29.41
CA PRO B 156 -22.10 10.76 29.77
C PRO B 156 -20.86 10.71 28.88
N ASP B 157 -19.77 10.25 29.46
CA ASP B 157 -18.47 10.21 28.77
C ASP B 157 -18.06 8.78 28.45
N MET B 158 -18.69 8.21 27.42
CA MET B 158 -18.35 6.85 27.04
C MET B 158 -17.14 6.84 26.11
N PHE B 159 -16.35 5.76 26.20
CA PHE B 159 -15.23 5.55 25.30
C PHE B 159 -15.08 4.05 25.03
N PHE B 160 -14.33 3.74 23.97
CA PHE B 160 -14.18 2.38 23.45
C PHE B 160 -12.87 1.77 23.96
N VAL B 161 -12.96 0.67 24.70
CA VAL B 161 -11.75 0.07 25.27
C VAL B 161 -11.03 -0.78 24.22
N HIS B 162 -9.69 -0.76 24.27
CA HIS B 162 -8.83 -1.51 23.34
C HIS B 162 -9.04 -1.08 21.89
N SER B 163 -9.20 0.22 21.65
CA SER B 163 -9.33 0.66 20.27
C SER B 163 -8.10 1.45 19.87
N LYS B 164 -7.87 1.48 18.56
CA LYS B 164 -6.70 2.11 17.94
C LYS B 164 -6.99 3.47 17.35
N ARG B 165 -8.21 3.73 16.87
CA ARG B 165 -8.58 5.02 16.30
C ARG B 165 -10.09 5.06 16.08
N SER B 166 -10.65 6.28 16.04
CA SER B 166 -12.09 6.45 15.90
C SER B 166 -12.39 7.92 15.67
N PHE B 167 -13.58 8.18 15.11
CA PHE B 167 -14.01 9.54 14.82
C PHE B 167 -15.53 9.58 14.67
N ILE B 168 -16.08 10.79 14.75
CA ILE B 168 -17.52 11.04 14.64
C ILE B 168 -17.78 11.77 13.33
N HIS B 169 -18.77 11.29 12.57
CA HIS B 169 -19.02 11.82 11.23
C HIS B 169 -19.57 13.24 11.30
N ASP B 170 -19.16 14.09 10.35
CA ASP B 170 -19.54 15.50 10.40
C ASP B 170 -19.97 16.09 9.05
N THR B 171 -20.61 15.31 8.21
CA THR B 171 -21.12 15.82 6.93
C THR B 171 -22.61 15.53 6.81
N THR B 172 -23.39 16.55 6.47
CA THR B 172 -22.90 17.91 6.20
C THR B 172 -22.72 18.75 7.45
N THR B 173 -23.17 18.22 8.58
CA THR B 173 -22.90 18.81 9.88
C THR B 173 -22.70 17.67 10.86
N ASP B 174 -22.35 18.01 12.10
CA ASP B 174 -22.10 16.97 13.09
C ASP B 174 -23.32 16.06 13.23
N ASN B 175 -23.07 14.76 13.26
CA ASN B 175 -24.14 13.76 13.27
C ASN B 175 -24.55 13.44 14.71
N VAL B 176 -25.09 14.45 15.39
CA VAL B 176 -25.45 14.39 16.80
C VAL B 176 -26.86 14.91 17.02
N MET B 177 -27.63 14.23 17.88
CA MET B 177 -28.99 14.66 18.16
C MET B 177 -29.29 14.58 19.66
N LEU B 178 -30.10 15.53 20.15
CA LEU B 178 -30.60 15.56 21.52
C LEU B 178 -32.09 15.82 21.51
N ARG B 179 -32.85 15.02 22.28
CA ARG B 179 -34.29 15.18 22.41
C ARG B 179 -34.65 15.20 23.89
N VAL B 180 -35.40 16.21 24.31
CA VAL B 180 -35.68 16.45 25.72
C VAL B 180 -37.18 16.45 25.95
N GLN B 181 -37.63 15.60 26.90
CA GLN B 181 -39.06 15.49 27.19
C GLN B 181 -39.45 16.53 28.24
N PRO B 182 -40.73 16.90 28.30
CA PRO B 182 -41.16 17.89 29.30
C PRO B 182 -40.76 17.58 30.73
N ASP B 183 -40.58 16.31 31.07
CA ASP B 183 -40.31 15.89 32.44
C ASP B 183 -38.83 15.68 32.71
N GLY B 184 -37.99 15.91 31.71
CA GLY B 184 -36.55 15.82 31.81
C GLY B 184 -35.91 14.53 31.31
N LYS B 185 -36.66 13.65 30.67
CA LYS B 185 -36.06 12.50 30.02
C LYS B 185 -35.30 12.92 28.76
N VAL B 186 -34.09 12.37 28.59
CA VAL B 186 -33.16 12.74 27.51
C VAL B 186 -32.80 11.53 26.68
N LEU B 187 -32.76 11.71 25.36
CA LEU B 187 -32.15 10.76 24.42
C LEU B 187 -30.99 11.43 23.70
N TYR B 188 -29.87 10.71 23.61
CA TYR B 188 -28.61 11.17 23.03
C TYR B 188 -28.13 10.17 21.99
N SER B 189 -27.96 10.61 20.74
CA SER B 189 -27.69 9.73 19.60
C SER B 189 -26.54 10.27 18.77
N LEU B 190 -25.62 9.39 18.38
CA LEU B 190 -24.54 9.81 17.47
C LEU B 190 -24.03 8.64 16.62
N ARG B 191 -23.35 9.00 15.52
CA ARG B 191 -22.88 8.07 14.51
C ARG B 191 -21.35 8.08 14.48
N VAL B 192 -20.72 6.90 14.55
CA VAL B 192 -19.30 6.77 14.86
C VAL B 192 -18.70 5.58 14.12
N THR B 193 -17.42 5.71 13.76
CA THR B 193 -16.62 4.62 13.20
C THR B 193 -15.41 4.34 14.08
N VAL B 194 -15.11 3.06 14.31
CA VAL B 194 -14.11 2.64 15.29
C VAL B 194 -13.31 1.47 14.74
N THR B 195 -12.01 1.46 15.02
CA THR B 195 -11.12 0.33 14.73
C THR B 195 -10.62 -0.26 16.05
N ALA B 196 -10.80 -1.57 16.24
CA ALA B 196 -10.51 -2.25 17.49
C ALA B 196 -9.63 -3.47 17.24
N MET B 197 -8.88 -3.88 18.26
CA MET B 197 -8.01 -5.04 18.15
C MET B 197 -8.76 -6.35 18.38
N CYS B 198 -8.22 -7.42 17.80
CA CYS B 198 -8.79 -8.77 17.89
C CYS B 198 -7.64 -9.77 17.72
N ASN B 199 -7.11 -10.26 18.86
CA ASN B 199 -6.05 -11.28 18.80
C ASN B 199 -6.54 -12.54 18.10
N MET B 200 -5.72 -13.04 17.18
CA MET B 200 -6.06 -14.18 16.33
C MET B 200 -5.01 -15.28 16.42
N ASP B 201 -5.45 -16.51 16.15
CA ASP B 201 -4.59 -17.70 16.19
C ASP B 201 -4.73 -18.44 14.88
N PHE B 202 -3.63 -18.56 14.13
CA PHE B 202 -3.66 -19.20 12.82
C PHE B 202 -3.05 -20.59 12.84
N SER B 203 -3.06 -21.27 13.98
CA SER B 203 -2.37 -22.56 14.02
C SER B 203 -3.10 -23.62 13.19
N ARG B 204 -4.43 -23.57 13.12
CA ARG B 204 -5.24 -24.54 12.40
C ARG B 204 -5.69 -24.04 11.02
N PHE B 205 -5.05 -22.99 10.49
CA PHE B 205 -5.41 -22.46 9.18
C PHE B 205 -5.29 -23.55 8.13
N PRO B 206 -6.23 -23.65 7.18
CA PRO B 206 -7.41 -22.80 6.95
C PRO B 206 -8.67 -23.23 7.68
N LEU B 207 -8.55 -24.07 8.71
CA LEU B 207 -9.73 -24.56 9.42
C LEU B 207 -9.93 -23.85 10.77
N ASP B 208 -9.42 -22.63 10.90
CA ASP B 208 -9.47 -21.93 12.16
C ASP B 208 -10.80 -21.20 12.34
N THR B 209 -11.11 -20.89 13.60
CA THR B 209 -12.26 -20.08 13.99
C THR B 209 -11.80 -18.97 14.93
N GLN B 210 -12.32 -17.75 14.74
CA GLN B 210 -11.90 -16.58 15.50
C GLN B 210 -13.10 -15.95 16.20
N THR B 211 -12.87 -15.38 17.38
CA THR B 211 -13.92 -14.64 18.08
C THR B 211 -13.42 -13.23 18.39
N CYS B 212 -14.25 -12.22 18.12
CA CYS B 212 -13.92 -10.81 18.32
C CYS B 212 -14.96 -10.14 19.21
N SER B 213 -14.57 -9.00 19.79
CA SER B 213 -15.52 -8.24 20.60
C SER B 213 -15.22 -6.74 20.54
N LEU B 214 -16.24 -5.95 20.85
CA LEU B 214 -16.14 -4.50 21.02
C LEU B 214 -16.64 -4.13 22.41
N GLU B 215 -15.91 -3.25 23.10
CA GLU B 215 -16.14 -2.99 24.51
C GLU B 215 -16.38 -1.51 24.78
N ILE B 216 -17.26 -1.21 25.73
CA ILE B 216 -17.76 0.14 25.98
C ILE B 216 -17.67 0.43 27.47
N GLU B 217 -17.10 1.58 27.83
CA GLU B 217 -16.85 1.87 29.24
C GLU B 217 -16.84 3.37 29.49
N SER B 218 -17.13 3.75 30.74
CA SER B 218 -17.06 5.13 31.20
C SER B 218 -15.63 5.51 31.54
N TYR B 219 -15.20 6.71 31.16
CA TYR B 219 -13.80 7.03 31.40
C TYR B 219 -13.54 7.46 32.84
N ALA B 220 -14.43 8.25 33.43
CA ALA B 220 -14.10 8.93 34.68
C ALA B 220 -15.01 8.62 35.86
N TYR B 221 -16.08 7.85 35.68
CA TYR B 221 -17.06 7.63 36.74
C TYR B 221 -17.11 6.16 37.11
N THR B 222 -16.95 5.88 38.41
CA THR B 222 -16.99 4.51 38.91
C THR B 222 -18.44 4.09 39.13
N GLU B 223 -18.64 2.79 39.38
CA GLU B 223 -20.00 2.28 39.58
C GLU B 223 -20.72 2.94 40.75
N ASP B 224 -20.02 3.67 41.63
CA ASP B 224 -20.68 4.34 42.73
C ASP B 224 -21.37 5.61 42.28
N ASP B 225 -20.95 6.18 41.15
CA ASP B 225 -21.52 7.41 40.61
C ASP B 225 -22.36 7.20 39.36
N LEU B 226 -22.04 6.21 38.53
CA LEU B 226 -22.77 5.97 37.29
C LEU B 226 -22.95 4.48 37.09
N MET B 227 -24.19 4.06 36.83
CA MET B 227 -24.53 2.66 36.64
C MET B 227 -24.92 2.43 35.17
N LEU B 228 -24.09 1.70 34.44
CA LEU B 228 -24.24 1.50 33.00
C LEU B 228 -24.77 0.11 32.72
N TYR B 229 -25.80 -0.01 31.89
CA TYR B 229 -26.46 -1.28 31.65
C TYR B 229 -27.10 -1.28 30.26
N TRP B 230 -27.37 -2.48 29.73
CA TRP B 230 -28.11 -2.60 28.48
C TRP B 230 -29.58 -2.30 28.73
N LYS B 231 -30.16 -1.41 27.91
CA LYS B 231 -31.52 -0.93 28.19
C LYS B 231 -32.55 -2.05 28.15
N LYS B 232 -32.41 -2.96 27.19
CA LYS B 232 -33.45 -3.96 26.97
C LYS B 232 -32.85 -5.36 26.90
N GLY B 233 -31.73 -5.57 27.59
CA GLY B 233 -31.14 -6.90 27.58
C GLY B 233 -30.61 -7.24 26.22
N ASN B 234 -30.99 -8.41 25.72
CA ASN B 234 -30.48 -8.88 24.45
C ASN B 234 -31.20 -8.28 23.24
N ASP B 235 -32.35 -7.66 23.45
CA ASP B 235 -33.06 -6.91 22.43
C ASP B 235 -32.45 -5.54 22.15
N SER B 236 -31.36 -5.20 22.81
CA SER B 236 -30.73 -3.90 22.69
C SER B 236 -29.76 -3.79 21.52
N LEU B 237 -29.51 -4.89 20.80
CA LEU B 237 -28.56 -4.94 19.70
C LEU B 237 -29.30 -5.32 18.42
N LYS B 238 -29.14 -4.50 17.38
CA LYS B 238 -29.70 -4.76 16.06
C LYS B 238 -28.59 -4.70 15.03
N THR B 239 -28.65 -5.58 14.03
CA THR B 239 -27.65 -5.58 12.97
C THR B 239 -28.30 -5.47 11.59
N ASP B 240 -27.56 -4.88 10.66
CA ASP B 240 -28.09 -4.67 9.31
C ASP B 240 -28.28 -5.99 8.59
N GLU B 241 -29.31 -6.05 7.75
CA GLU B 241 -29.64 -7.30 7.10
C GLU B 241 -28.62 -7.72 6.05
N ARG B 242 -27.81 -6.80 5.53
CA ARG B 242 -26.87 -7.13 4.46
C ARG B 242 -25.42 -6.99 4.93
N ILE B 243 -25.15 -7.25 6.21
CA ILE B 243 -23.79 -7.11 6.72
C ILE B 243 -22.96 -8.29 6.24
N SER B 244 -21.77 -8.01 5.74
CA SER B 244 -20.98 -9.08 5.13
C SER B 244 -19.53 -8.65 5.00
N LEU B 245 -18.67 -9.65 4.87
CA LEU B 245 -17.24 -9.49 4.68
C LEU B 245 -16.82 -10.34 3.49
N SER B 246 -15.70 -9.98 2.86
CA SER B 246 -15.45 -10.58 1.55
C SER B 246 -14.93 -12.00 1.72
N GLN B 247 -14.06 -12.22 2.70
CA GLN B 247 -13.39 -13.48 2.89
C GLN B 247 -13.83 -14.24 4.15
N PHE B 248 -14.90 -13.82 4.82
CA PHE B 248 -15.32 -14.46 6.06
C PHE B 248 -16.83 -14.62 6.08
N LEU B 249 -17.30 -15.57 6.89
CA LEU B 249 -18.72 -15.69 7.21
C LEU B 249 -18.92 -15.26 8.66
N ILE B 250 -20.02 -14.56 8.94
CA ILE B 250 -20.23 -13.93 10.23
C ILE B 250 -21.47 -14.52 10.86
N GLN B 251 -21.39 -14.82 12.16
CA GLN B 251 -22.48 -15.50 12.84
C GLN B 251 -22.45 -15.17 14.33
N GLU B 252 -23.61 -15.29 14.97
CA GLU B 252 -23.76 -15.38 16.42
C GLU B 252 -23.41 -14.07 17.14
N PHE B 253 -24.18 -13.03 16.84
CA PHE B 253 -24.10 -11.77 17.59
C PHE B 253 -24.83 -11.90 18.92
N HIS B 254 -24.23 -11.39 20.00
CA HIS B 254 -24.86 -11.34 21.31
C HIS B 254 -24.06 -10.42 22.23
N THR B 255 -24.65 -10.09 23.39
CA THR B 255 -24.13 -9.11 24.33
C THR B 255 -23.89 -9.73 25.71
N THR B 256 -22.94 -9.17 26.45
CA THR B 256 -22.61 -9.58 27.81
C THR B 256 -22.17 -8.36 28.61
N THR B 257 -22.01 -8.54 29.92
CA THR B 257 -21.53 -7.48 30.82
C THR B 257 -20.56 -8.06 31.84
N LYS B 258 -19.63 -7.22 32.31
CA LYS B 258 -18.66 -7.68 33.30
C LYS B 258 -18.04 -6.48 34.00
N LEU B 259 -17.74 -6.66 35.29
CA LEU B 259 -17.09 -5.62 36.10
C LEU B 259 -15.58 -5.67 35.95
N ALA B 260 -14.95 -4.50 35.82
CA ALA B 260 -13.50 -4.43 35.77
C ALA B 260 -12.97 -3.52 36.88
N PHE B 261 -11.69 -3.71 37.21
CA PHE B 261 -11.07 -3.12 38.38
C PHE B 261 -9.80 -2.43 37.96
N TYR B 262 -9.64 -1.18 38.39
CA TYR B 262 -8.44 -0.40 38.16
C TYR B 262 -7.87 -0.02 39.51
N SER B 263 -6.58 -0.27 39.73
CA SER B 263 -6.01 0.02 41.03
C SER B 263 -5.89 1.51 41.27
N SER B 264 -5.90 2.32 40.20
CA SER B 264 -5.79 3.76 40.36
C SER B 264 -7.11 4.38 40.84
N THR B 265 -8.26 3.87 40.43
CA THR B 265 -9.51 4.55 40.79
C THR B 265 -10.64 3.65 41.28
N GLY B 266 -10.73 2.41 40.82
CA GLY B 266 -11.86 1.63 41.34
C GLY B 266 -12.48 0.61 40.41
N TRP B 267 -13.75 0.27 40.67
CA TRP B 267 -14.53 -0.66 39.86
C TRP B 267 -15.39 0.07 38.82
N TYR B 268 -15.50 -0.52 37.63
CA TYR B 268 -16.25 0.06 36.53
C TYR B 268 -17.05 -1.01 35.81
N ASN B 269 -18.16 -0.62 35.20
CA ASN B 269 -19.00 -1.52 34.42
C ASN B 269 -18.55 -1.50 32.97
N ARG B 270 -18.53 -2.67 32.34
CA ARG B 270 -18.07 -2.80 30.96
C ARG B 270 -19.06 -3.63 30.17
N LEU B 271 -19.37 -3.20 28.93
CA LEU B 271 -20.32 -3.90 28.09
C LEU B 271 -19.60 -4.45 26.86
N TYR B 272 -20.11 -5.58 26.36
CA TYR B 272 -19.45 -6.34 25.29
C TYR B 272 -20.40 -6.64 24.15
N ILE B 273 -19.86 -6.67 22.93
CA ILE B 273 -20.57 -7.12 21.73
C ILE B 273 -19.72 -8.20 21.09
N ASN B 274 -20.27 -9.41 20.95
CA ASN B 274 -19.50 -10.57 20.53
C ASN B 274 -19.99 -11.16 19.21
N PHE B 275 -19.06 -11.71 18.42
CA PHE B 275 -19.41 -12.38 17.16
C PHE B 275 -18.27 -13.30 16.74
N THR B 276 -18.52 -14.13 15.72
CA THR B 276 -17.64 -15.22 15.32
C THR B 276 -17.44 -15.24 13.81
N LEU B 277 -16.25 -15.65 13.37
CA LEU B 277 -15.86 -15.63 11.95
C LEU B 277 -15.40 -17.01 11.49
N ARG B 278 -15.71 -17.36 10.23
CA ARG B 278 -15.31 -18.62 9.62
C ARG B 278 -14.97 -18.42 8.16
N ARG B 279 -14.16 -19.32 7.60
CA ARG B 279 -13.74 -19.25 6.21
C ARG B 279 -14.56 -20.18 5.32
N HIS B 280 -14.28 -20.12 4.03
CA HIS B 280 -14.86 -21.02 3.03
C HIS B 280 -13.89 -22.16 2.78
N ILE B 281 -14.25 -23.37 3.22
CA ILE B 281 -13.26 -24.45 3.26
C ILE B 281 -13.02 -25.02 1.86
N PHE B 282 -14.06 -25.12 1.04
CA PHE B 282 -13.89 -25.80 -0.24
C PHE B 282 -12.93 -25.06 -1.16
N PHE B 283 -12.98 -23.72 -1.15
CA PHE B 283 -12.04 -22.94 -1.95
C PHE B 283 -10.60 -23.34 -1.63
N PHE B 284 -10.26 -23.41 -0.35
CA PHE B 284 -8.89 -23.74 0.05
C PHE B 284 -8.56 -25.19 -0.27
N LEU B 285 -9.51 -26.10 -0.08
CA LEU B 285 -9.27 -27.49 -0.46
C LEU B 285 -8.86 -27.60 -1.92
N LEU B 286 -9.69 -27.04 -2.82
CA LEU B 286 -9.42 -27.10 -4.26
C LEU B 286 -8.13 -26.39 -4.63
N GLN B 287 -7.83 -25.26 -3.97
CA GLN B 287 -6.66 -24.50 -4.37
C GLN B 287 -5.36 -25.11 -3.87
N THR B 288 -5.34 -25.71 -2.68
CA THR B 288 -4.09 -26.23 -2.12
C THR B 288 -3.99 -27.75 -2.07
N TYR B 289 -4.95 -28.45 -1.45
CA TYR B 289 -4.75 -29.86 -1.16
C TYR B 289 -4.87 -30.72 -2.41
N PHE B 290 -5.68 -30.30 -3.37
CA PHE B 290 -5.89 -31.09 -4.58
C PHE B 290 -4.61 -31.25 -5.43
N PRO B 291 -3.89 -30.18 -5.79
CA PRO B 291 -2.70 -30.36 -6.65
C PRO B 291 -1.58 -31.16 -6.02
N ALA B 292 -1.30 -30.93 -4.74
CA ALA B 292 -0.29 -31.71 -4.02
C ALA B 292 -0.56 -33.20 -4.11
N THR B 293 -1.80 -33.61 -3.83
CA THR B 293 -2.17 -35.01 -3.88
C THR B 293 -2.04 -35.56 -5.30
N LEU B 294 -2.42 -34.76 -6.29
CA LEU B 294 -2.27 -35.21 -7.67
C LEU B 294 -0.81 -35.42 -8.05
N MET B 295 0.09 -34.54 -7.60
CA MET B 295 1.51 -34.71 -7.91
C MET B 295 2.11 -35.91 -7.19
N VAL B 296 1.76 -36.10 -5.91
CA VAL B 296 2.16 -37.34 -5.22
C VAL B 296 1.68 -38.57 -5.98
N MET B 297 0.44 -38.55 -6.48
CA MET B 297 -0.02 -39.74 -7.22
C MET B 297 0.72 -39.89 -8.55
N LEU B 298 1.10 -38.78 -9.17
CA LEU B 298 1.84 -38.83 -10.43
C LEU B 298 3.23 -39.40 -10.24
N SER B 299 3.83 -39.21 -9.06
CA SER B 299 5.19 -39.72 -8.89
C SER B 299 5.25 -41.24 -8.76
N TRP B 300 4.12 -41.90 -8.51
CA TRP B 300 4.05 -43.35 -8.41
C TRP B 300 4.03 -44.04 -9.78
N VAL B 301 3.84 -43.29 -10.86
CA VAL B 301 3.77 -43.87 -12.20
C VAL B 301 5.08 -44.54 -12.55
N SER B 302 6.20 -44.00 -12.05
CA SER B 302 7.50 -44.53 -12.46
C SER B 302 7.73 -45.95 -11.97
N PHE B 303 6.97 -46.43 -10.98
CA PHE B 303 7.16 -47.79 -10.51
C PHE B 303 6.69 -48.84 -11.52
N TRP B 304 5.92 -48.43 -12.52
CA TRP B 304 5.40 -49.35 -13.52
C TRP B 304 6.13 -49.24 -14.87
N ILE B 305 7.21 -48.46 -14.92
CA ILE B 305 7.94 -48.22 -16.15
C ILE B 305 9.16 -49.14 -16.19
N ASP B 306 9.53 -49.58 -17.39
CA ASP B 306 10.64 -50.49 -17.58
C ASP B 306 11.93 -49.89 -17.03
N ARG B 307 12.62 -50.66 -16.17
CA ARG B 307 13.81 -50.16 -15.49
C ARG B 307 14.99 -49.95 -16.42
N ARG B 308 14.96 -50.49 -17.63
CA ARG B 308 16.02 -50.29 -18.60
C ARG B 308 15.95 -48.95 -19.31
N ALA B 309 14.81 -48.26 -19.23
CA ALA B 309 14.65 -46.92 -19.81
C ALA B 309 15.07 -45.85 -18.79
N VAL B 310 16.38 -45.75 -18.60
CA VAL B 310 16.95 -44.69 -17.75
C VAL B 310 16.62 -43.29 -18.28
N PRO B 311 16.81 -42.97 -19.56
CA PRO B 311 16.52 -41.60 -20.02
C PRO B 311 15.06 -41.21 -19.89
N ALA B 312 14.16 -42.15 -19.59
CA ALA B 312 12.79 -41.81 -19.26
C ALA B 312 12.49 -41.85 -17.78
N ARG B 313 13.25 -42.60 -16.99
CA ARG B 313 12.95 -42.64 -15.57
C ARG B 313 13.50 -41.43 -14.84
N VAL B 314 14.71 -40.99 -15.19
CA VAL B 314 15.36 -39.91 -14.42
C VAL B 314 14.69 -38.54 -14.63
N PRO B 315 14.53 -38.06 -15.87
CA PRO B 315 13.89 -36.75 -16.05
C PRO B 315 12.51 -36.66 -15.42
N LEU B 316 11.80 -37.77 -15.31
CA LEU B 316 10.44 -37.71 -14.79
C LEU B 316 10.44 -37.36 -13.32
N GLY B 317 11.29 -38.05 -12.53
CA GLY B 317 11.40 -37.72 -11.13
C GLY B 317 11.88 -36.30 -10.89
N ILE B 318 12.90 -35.87 -11.66
CA ILE B 318 13.44 -34.54 -11.36
C ILE B 318 12.45 -33.44 -11.75
N THR B 319 11.73 -33.60 -12.86
CA THR B 319 10.70 -32.63 -13.22
C THR B 319 9.53 -32.63 -12.23
N THR B 320 9.23 -33.78 -11.62
CA THR B 320 8.15 -33.85 -10.66
C THR B 320 8.52 -33.06 -9.41
N VAL B 321 9.79 -33.18 -8.98
CA VAL B 321 10.29 -32.35 -7.89
C VAL B 321 10.17 -30.87 -8.23
N LEU B 322 10.53 -30.50 -9.46
CA LEU B 322 10.48 -29.10 -9.84
C LEU B 322 9.05 -28.55 -9.82
N THR B 323 8.10 -29.33 -10.33
CA THR B 323 6.69 -28.94 -10.30
C THR B 323 6.18 -28.76 -8.87
N MET B 324 6.51 -29.70 -7.98
CA MET B 324 6.05 -29.58 -6.61
C MET B 324 6.65 -28.34 -5.93
N SER B 325 7.91 -28.03 -6.21
CA SER B 325 8.50 -26.83 -5.64
C SER B 325 7.81 -25.56 -6.11
N THR B 326 7.51 -25.46 -7.42
CA THR B 326 6.79 -24.30 -7.91
C THR B 326 5.42 -24.19 -7.27
N ILE B 327 4.72 -25.31 -7.08
CA ILE B 327 3.41 -25.25 -6.44
C ILE B 327 3.52 -24.68 -5.04
N ILE B 328 4.53 -25.14 -4.28
CA ILE B 328 4.66 -24.69 -2.90
C ILE B 328 4.99 -23.21 -2.83
N THR B 329 5.90 -22.74 -3.68
CA THR B 329 6.19 -21.31 -3.73
C THR B 329 4.95 -20.49 -4.06
N GLY B 330 4.18 -20.95 -5.07
CA GLY B 330 2.98 -20.22 -5.45
C GLY B 330 1.97 -20.11 -4.31
N VAL B 331 1.74 -21.22 -3.60
CA VAL B 331 0.85 -21.21 -2.44
C VAL B 331 1.38 -20.26 -1.36
N ASN B 332 2.70 -20.22 -1.20
CA ASN B 332 3.25 -19.40 -0.12
C ASN B 332 3.02 -17.92 -0.40
N ALA B 333 3.10 -17.54 -1.68
CA ALA B 333 2.90 -16.15 -2.09
C ALA B 333 1.46 -15.65 -1.94
N SER B 334 0.48 -16.50 -1.59
CA SER B 334 -0.90 -16.04 -1.61
C SER B 334 -1.59 -16.11 -0.26
N MET B 335 -0.92 -16.54 0.76
CA MET B 335 -1.48 -16.56 2.10
C MET B 335 -1.04 -15.32 2.86
N PRO B 336 -1.74 -14.95 3.92
CA PRO B 336 -1.30 -13.80 4.71
C PRO B 336 0.04 -14.07 5.36
N ARG B 337 0.87 -13.03 5.42
CA ARG B 337 2.27 -13.16 5.83
C ARG B 337 2.33 -13.34 7.35
N VAL B 338 2.12 -14.58 7.79
CA VAL B 338 2.18 -14.92 9.21
C VAL B 338 3.30 -15.92 9.40
N SER B 339 4.29 -15.59 10.23
CA SER B 339 5.54 -16.37 10.18
C SER B 339 5.61 -17.34 11.37
N TYR B 340 4.71 -18.32 11.32
CA TYR B 340 4.84 -19.50 12.16
C TYR B 340 4.06 -20.63 11.49
N ILE B 341 4.20 -21.83 12.06
CA ILE B 341 3.88 -23.05 11.34
C ILE B 341 2.38 -23.31 11.39
N LYS B 342 1.78 -23.59 10.22
CA LYS B 342 0.36 -23.87 10.11
C LYS B 342 0.15 -25.25 9.49
N ALA B 343 -1.07 -25.76 9.63
CA ALA B 343 -1.40 -27.13 9.23
C ALA B 343 -1.11 -27.40 7.75
N VAL B 344 -1.47 -26.45 6.89
CA VAL B 344 -1.34 -26.64 5.46
C VAL B 344 0.14 -26.78 5.10
N ASP B 345 1.02 -26.07 5.80
CA ASP B 345 2.46 -26.24 5.62
C ASP B 345 2.89 -27.67 5.91
N ILE B 346 2.36 -28.25 7.00
CA ILE B 346 2.70 -29.64 7.33
C ILE B 346 2.29 -30.58 6.21
N TYR B 347 1.06 -30.41 5.70
CA TYR B 347 0.62 -31.26 4.58
C TYR B 347 1.57 -31.13 3.40
N LEU B 348 1.92 -29.89 3.04
CA LEU B 348 2.69 -29.68 1.81
C LEU B 348 4.09 -30.24 1.92
N TRP B 349 4.76 -30.05 3.08
CA TRP B 349 6.13 -30.53 3.18
C TRP B 349 6.20 -32.06 3.33
N VAL B 350 5.20 -32.68 3.96
CA VAL B 350 5.14 -34.14 3.90
C VAL B 350 5.01 -34.64 2.47
N SER B 351 4.17 -33.99 1.66
CA SER B 351 4.07 -34.46 0.28
C SER B 351 5.40 -34.27 -0.47
N PHE B 352 6.10 -33.16 -0.20
CA PHE B 352 7.40 -32.96 -0.83
C PHE B 352 8.37 -34.09 -0.48
N VAL B 353 8.36 -34.53 0.79
CA VAL B 353 9.25 -35.62 1.19
C VAL B 353 8.91 -36.91 0.45
N PHE B 354 7.61 -37.21 0.30
CA PHE B 354 7.25 -38.38 -0.50
C PHE B 354 7.84 -38.31 -1.90
N VAL B 355 7.72 -37.15 -2.55
CA VAL B 355 8.25 -37.03 -3.92
C VAL B 355 9.77 -37.24 -3.94
N PHE B 356 10.49 -36.74 -2.93
CA PHE B 356 11.93 -36.94 -2.86
C PHE B 356 12.30 -38.43 -2.75
N LEU B 357 11.60 -39.14 -1.86
CA LEU B 357 11.87 -40.56 -1.67
C LEU B 357 11.67 -41.36 -2.94
N SER B 358 10.70 -40.94 -3.78
CA SER B 358 10.48 -41.72 -5.01
C SER B 358 11.66 -41.66 -5.97
N VAL B 359 12.47 -40.60 -5.94
CA VAL B 359 13.68 -40.54 -6.77
C VAL B 359 14.80 -41.37 -6.16
N LEU B 360 14.90 -41.36 -4.83
CA LEU B 360 15.95 -42.19 -4.21
C LEU B 360 15.76 -43.68 -4.54
N GLU B 361 14.50 -44.12 -4.62
CA GLU B 361 14.19 -45.50 -4.97
C GLU B 361 14.84 -45.93 -6.30
N TYR B 362 14.59 -45.17 -7.36
CA TYR B 362 15.13 -45.56 -8.66
C TYR B 362 16.63 -45.45 -8.70
N ALA B 363 17.22 -44.50 -7.95
CA ALA B 363 18.68 -44.46 -7.89
C ALA B 363 19.22 -45.81 -7.41
N ALA B 364 18.64 -46.32 -6.32
CA ALA B 364 19.06 -47.61 -5.78
C ALA B 364 18.90 -48.74 -6.81
N VAL B 365 17.77 -48.76 -7.51
CA VAL B 365 17.48 -49.83 -8.46
C VAL B 365 18.50 -49.84 -9.59
N ASN B 366 18.79 -48.66 -10.14
CA ASN B 366 19.74 -48.60 -11.24
C ASN B 366 21.14 -49.05 -10.81
N TYR B 367 21.60 -48.60 -9.64
CA TYR B 367 22.92 -49.04 -9.17
C TYR B 367 22.99 -50.55 -9.04
N LEU B 368 21.97 -51.16 -8.43
CA LEU B 368 22.02 -52.61 -8.20
C LEU B 368 21.98 -53.38 -9.51
N THR B 369 21.15 -52.94 -10.47
CA THR B 369 21.14 -53.63 -11.76
C THR B 369 22.50 -53.58 -12.44
N THR B 370 23.15 -52.41 -12.41
CA THR B 370 24.44 -52.26 -13.07
C THR B 370 25.47 -53.18 -12.44
N VAL B 371 25.49 -53.25 -11.09
CA VAL B 371 26.41 -54.17 -10.41
C VAL B 371 26.19 -55.60 -10.87
N GLN B 372 24.92 -56.02 -10.93
CA GLN B 372 24.64 -57.41 -11.31
C GLN B 372 25.15 -57.71 -12.71
N GLU B 373 24.88 -56.82 -13.67
CA GLU B 373 25.33 -57.06 -15.03
C GLU B 373 26.85 -57.12 -15.12
N ARG B 374 27.55 -56.19 -14.46
CA ARG B 374 29.01 -56.22 -14.49
C ARG B 374 29.54 -57.51 -13.89
N LYS B 375 28.96 -57.97 -12.78
CA LYS B 375 29.42 -59.21 -12.16
C LYS B 375 29.22 -60.39 -13.11
N GLU B 376 28.04 -60.47 -13.74
CA GLU B 376 27.77 -61.57 -14.66
C GLU B 376 28.75 -61.59 -15.81
N GLN B 377 29.04 -60.43 -16.39
CA GLN B 377 29.98 -60.39 -17.52
C GLN B 377 31.39 -60.75 -17.07
N LYS B 378 31.79 -60.31 -15.88
CA LYS B 378 33.11 -60.66 -15.37
C LYS B 378 33.24 -62.17 -15.16
N LEU B 379 32.18 -62.80 -14.65
CA LEU B 379 32.22 -64.24 -14.42
C LEU B 379 32.33 -65.00 -15.74
N ARG B 380 31.60 -64.55 -16.76
CA ARG B 380 31.63 -65.20 -18.07
C ARG B 380 33.00 -65.05 -18.72
N ASP B 451 12.48 -59.01 -16.39
CA ASP B 451 11.76 -59.21 -15.15
C ASP B 451 11.73 -57.95 -14.30
N THR B 452 10.87 -57.94 -13.29
CA THR B 452 10.71 -56.78 -12.43
C THR B 452 11.58 -56.92 -11.18
N HIS B 453 12.30 -55.86 -10.85
CA HIS B 453 13.14 -55.88 -9.66
C HIS B 453 12.27 -55.89 -8.40
N ALA B 454 12.78 -56.49 -7.33
CA ALA B 454 11.98 -56.67 -6.11
C ALA B 454 11.60 -55.33 -5.49
N ILE B 455 12.47 -54.33 -5.62
CA ILE B 455 12.23 -53.04 -5.00
C ILE B 455 11.02 -52.36 -5.61
N ASP B 456 10.86 -52.45 -6.94
CA ASP B 456 9.68 -51.91 -7.58
C ASP B 456 8.41 -52.62 -7.12
N LYS B 457 8.47 -53.95 -7.01
CA LYS B 457 7.28 -54.72 -6.59
C LYS B 457 6.85 -54.34 -5.19
N TYR B 458 7.80 -54.16 -4.27
CA TYR B 458 7.40 -53.74 -2.92
C TYR B 458 6.97 -52.28 -2.89
N SER B 459 7.60 -51.42 -3.69
CA SER B 459 7.26 -50.01 -3.62
C SER B 459 5.85 -49.75 -4.11
N ARG B 460 5.44 -50.47 -5.17
CA ARG B 460 4.08 -50.35 -5.71
C ARG B 460 3.02 -50.56 -4.64
N ILE B 461 3.29 -51.36 -3.61
CA ILE B 461 2.33 -51.50 -2.52
C ILE B 461 2.61 -50.51 -1.38
N ILE B 462 3.88 -50.32 -1.03
CA ILE B 462 4.19 -49.65 0.23
C ILE B 462 3.91 -48.15 0.13
N PHE B 463 4.20 -47.51 -0.98
CA PHE B 463 4.04 -46.05 -1.02
C PHE B 463 2.58 -45.63 -0.78
N PRO B 464 1.59 -46.14 -1.51
CA PRO B 464 0.21 -45.65 -1.31
C PRO B 464 -0.37 -45.95 0.06
N ALA B 465 -0.15 -47.14 0.60
CA ALA B 465 -0.55 -47.43 1.98
C ALA B 465 -0.03 -46.41 2.99
N ALA B 466 1.24 -46.01 2.88
CA ALA B 466 1.79 -45.07 3.85
C ALA B 466 1.18 -43.69 3.66
N TYR B 467 0.91 -43.31 2.42
CA TYR B 467 0.23 -42.03 2.22
C TYR B 467 -1.19 -42.05 2.77
N ILE B 468 -1.91 -43.16 2.59
CA ILE B 468 -3.25 -43.29 3.14
C ILE B 468 -3.23 -43.22 4.67
N LEU B 469 -2.25 -43.86 5.30
CA LEU B 469 -2.17 -43.79 6.77
C LEU B 469 -1.86 -42.37 7.25
N PHE B 470 -0.93 -41.69 6.58
CA PHE B 470 -0.69 -40.30 6.90
C PHE B 470 -1.97 -39.47 6.79
N ASN B 471 -2.77 -39.71 5.74
CA ASN B 471 -3.98 -38.91 5.58
C ASN B 471 -4.98 -39.18 6.69
N LEU B 472 -5.13 -40.45 7.08
CA LEU B 472 -6.04 -40.79 8.17
C LEU B 472 -5.64 -40.09 9.45
N ILE B 473 -4.37 -40.14 9.82
CA ILE B 473 -3.91 -39.50 11.05
C ILE B 473 -4.10 -37.99 10.98
N TYR B 474 -3.67 -37.38 9.87
CA TYR B 474 -3.79 -35.93 9.70
C TYR B 474 -5.23 -35.47 9.86
N TRP B 475 -6.16 -36.11 9.13
CA TRP B 475 -7.54 -35.65 9.20
C TRP B 475 -8.25 -36.09 10.47
N SER B 476 -7.70 -37.05 11.23
CA SER B 476 -8.31 -37.30 12.53
C SER B 476 -7.87 -36.26 13.55
N ILE B 477 -6.73 -35.63 13.31
CA ILE B 477 -6.15 -34.65 14.24
C ILE B 477 -6.71 -33.26 13.99
N PHE B 478 -6.78 -32.83 12.73
CA PHE B 478 -7.22 -31.49 12.39
C PHE B 478 -8.69 -31.41 11.97
N SER B 479 -9.45 -32.48 12.18
CA SER B 479 -10.89 -32.54 11.85
C SER B 479 -11.16 -32.42 10.35
N LYS C 74 -20.98 27.14 41.41
CA LYS C 74 -20.00 26.73 40.42
C LYS C 74 -18.76 26.16 41.10
N SER C 75 -18.37 24.96 40.68
CA SER C 75 -17.24 24.26 41.27
C SER C 75 -15.91 24.95 40.97
N GLU C 76 -15.83 25.66 39.85
CA GLU C 76 -14.59 26.37 39.52
C GLU C 76 -14.41 27.64 40.33
N GLN C 77 -15.41 28.04 41.11
CA GLN C 77 -15.24 29.14 42.06
C GLN C 77 -14.73 28.67 43.41
N LEU C 78 -14.75 27.36 43.67
CA LEU C 78 -14.13 26.85 44.89
C LEU C 78 -12.61 26.92 44.81
N LEU C 79 -12.05 26.72 43.62
CA LEU C 79 -10.66 27.04 43.35
C LEU C 79 -10.62 28.49 42.89
N ARG C 80 -9.81 29.31 43.57
CA ARG C 80 -9.64 30.71 43.21
C ARG C 80 -8.82 30.78 41.92
N ILE C 81 -9.51 30.55 40.80
CA ILE C 81 -8.84 30.47 39.51
C ILE C 81 -8.25 31.83 39.11
N ASP C 82 -9.01 32.90 39.35
CA ASP C 82 -8.72 34.24 38.87
C ASP C 82 -7.72 34.98 39.76
N ASP C 83 -7.25 34.32 40.80
CA ASP C 83 -6.56 34.92 41.93
C ASP C 83 -5.10 34.50 41.95
N HIS C 84 -4.69 33.75 40.93
CA HIS C 84 -3.34 33.23 40.80
C HIS C 84 -2.93 33.28 39.34
N ASP C 85 -1.63 33.48 39.12
CA ASP C 85 -1.04 33.41 37.79
C ASP C 85 -0.66 31.96 37.53
N PHE C 86 -1.41 31.28 36.68
CA PHE C 86 -1.10 29.89 36.34
C PHE C 86 -0.23 29.77 35.11
N SER C 87 0.55 30.78 34.79
CA SER C 87 1.56 30.64 33.76
C SER C 87 2.94 30.37 34.33
N MET C 88 3.08 30.35 35.65
CA MET C 88 4.29 29.95 36.34
C MET C 88 4.05 28.67 37.13
N ARG C 89 5.13 27.96 37.39
CA ARG C 89 5.09 26.68 38.05
C ARG C 89 4.83 26.84 39.55
N PRO C 90 4.32 25.80 40.21
CA PRO C 90 4.27 25.83 41.67
C PRO C 90 5.68 25.89 42.24
N GLY C 91 5.83 26.59 43.36
CA GLY C 91 7.15 26.79 43.92
C GLY C 91 8.12 27.63 43.11
N PHE C 92 7.62 28.50 42.24
CA PHE C 92 8.48 29.34 41.40
C PHE C 92 9.47 30.12 42.26
N GLY C 93 10.72 30.14 41.83
CA GLY C 93 11.74 30.90 42.53
C GLY C 93 12.53 30.10 43.56
N GLY C 94 12.13 28.86 43.84
CA GLY C 94 12.78 28.05 44.84
C GLY C 94 13.22 26.72 44.27
N PRO C 95 13.22 25.68 45.11
CA PRO C 95 13.64 24.36 44.62
C PRO C 95 12.66 23.80 43.60
N ALA C 96 13.16 22.87 42.80
CA ALA C 96 12.36 22.20 41.78
C ALA C 96 11.21 21.39 42.37
N ILE C 97 10.14 21.28 41.59
CA ILE C 97 8.94 20.56 42.01
C ILE C 97 9.04 19.13 41.50
N PRO C 98 8.95 18.13 42.36
CA PRO C 98 8.96 16.72 41.91
C PRO C 98 7.66 16.31 41.24
N VAL C 99 7.78 15.52 40.17
CA VAL C 99 6.64 15.05 39.39
C VAL C 99 6.83 13.55 39.15
N GLY C 100 5.86 12.74 39.57
CA GLY C 100 5.98 11.29 39.52
C GLY C 100 5.08 10.69 38.47
N VAL C 101 5.57 9.65 37.81
CA VAL C 101 4.97 9.12 36.58
C VAL C 101 4.68 7.62 36.70
N ASP C 102 3.52 7.20 36.19
CA ASP C 102 3.14 5.79 36.10
C ASP C 102 2.66 5.52 34.68
N VAL C 103 2.87 4.29 34.19
CA VAL C 103 2.52 3.97 32.81
C VAL C 103 1.83 2.61 32.75
N GLN C 104 0.73 2.52 31.97
CA GLN C 104 0.05 1.25 31.72
C GLN C 104 -0.05 1.04 30.21
N VAL C 105 0.62 0.00 29.72
CA VAL C 105 0.60 -0.32 28.29
C VAL C 105 -0.60 -1.20 27.98
N GLU C 106 -1.43 -0.74 27.03
CA GLU C 106 -2.60 -1.50 26.61
C GLU C 106 -2.35 -2.39 25.40
N SER C 107 -1.48 -2.00 24.46
CA SER C 107 -1.33 -2.89 23.30
C SER C 107 -0.16 -2.45 22.44
N LEU C 108 0.31 -3.39 21.62
CA LEU C 108 1.30 -3.13 20.58
C LEU C 108 0.61 -3.30 19.24
N ASP C 109 0.56 -2.22 18.45
CA ASP C 109 -0.35 -2.14 17.33
C ASP C 109 0.25 -2.65 16.03
N SER C 110 1.49 -2.31 15.72
CA SER C 110 2.12 -2.76 14.48
C SER C 110 3.62 -2.56 14.60
N ILE C 111 4.36 -3.18 13.67
CA ILE C 111 5.79 -2.91 13.51
C ILE C 111 6.16 -2.89 12.03
N SER C 112 7.12 -2.05 11.68
CA SER C 112 7.54 -1.84 10.30
C SER C 112 9.04 -2.11 10.22
N GLU C 113 9.41 -3.18 9.51
CA GLU C 113 10.81 -3.56 9.43
C GLU C 113 11.60 -2.70 8.43
N VAL C 114 10.96 -2.27 7.33
CA VAL C 114 11.66 -1.45 6.35
C VAL C 114 11.86 -0.03 6.87
N ASP C 115 10.85 0.53 7.52
CA ASP C 115 10.96 1.88 8.07
C ASP C 115 11.52 1.92 9.49
N MET C 116 11.61 0.77 10.17
CA MET C 116 12.25 0.65 11.47
C MET C 116 11.55 1.52 12.53
N ASP C 117 10.31 1.13 12.85
CA ASP C 117 9.55 1.81 13.89
C ASP C 117 8.47 0.88 14.42
N PHE C 118 7.83 1.28 15.52
CA PHE C 118 6.74 0.53 16.12
C PHE C 118 5.70 1.48 16.71
N THR C 119 4.50 0.96 16.95
CA THR C 119 3.37 1.74 17.45
C THR C 119 2.78 1.10 18.70
N MET C 120 2.41 1.94 19.67
CA MET C 120 1.97 1.49 20.99
C MET C 120 0.85 2.40 21.50
N THR C 121 -0.03 1.84 22.34
CA THR C 121 -1.14 2.59 22.94
C THR C 121 -1.14 2.43 24.45
N LEU C 122 -1.32 3.53 25.20
CA LEU C 122 -1.00 3.43 26.64
C LEU C 122 -1.73 4.52 27.40
N TYR C 123 -1.73 4.36 28.74
CA TYR C 123 -2.22 5.37 29.69
C TYR C 123 -1.04 6.01 30.40
N LEU C 124 -1.07 7.34 30.53
CA LEU C 124 -0.01 8.11 31.17
C LEU C 124 -0.60 8.90 32.32
N ARG C 125 0.01 8.79 33.50
CA ARG C 125 -0.53 9.38 34.71
C ARG C 125 0.56 10.19 35.43
N HIS C 126 0.19 11.38 35.91
CA HIS C 126 1.11 12.28 36.59
C HIS C 126 0.62 12.57 38.01
N TYR C 127 1.56 12.82 38.92
CA TYR C 127 1.23 13.18 40.29
C TYR C 127 2.10 14.33 40.76
N TRP C 128 1.49 15.36 41.34
CA TRP C 128 2.21 16.47 41.93
C TRP C 128 1.27 17.21 42.88
N LYS C 129 1.83 18.17 43.62
CA LYS C 129 1.08 18.95 44.61
C LYS C 129 1.15 20.43 44.28
N ASP C 130 0.03 21.13 44.46
CA ASP C 130 -0.06 22.57 44.23
C ASP C 130 -0.95 23.17 45.30
N GLU C 131 -0.39 24.05 46.13
CA GLU C 131 -1.15 24.62 47.24
C GLU C 131 -2.16 25.66 46.79
N ARG C 132 -2.01 26.20 45.58
CA ARG C 132 -2.97 27.19 45.08
C ARG C 132 -4.31 26.55 44.74
N LEU C 133 -4.36 25.23 44.63
CA LEU C 133 -5.56 24.49 44.26
C LEU C 133 -6.37 24.01 45.47
N SER C 134 -5.86 24.22 46.69
CA SER C 134 -6.55 23.76 47.89
C SER C 134 -7.89 24.48 48.06
N PHE C 135 -8.89 23.75 48.54
CA PHE C 135 -10.21 24.28 48.80
C PHE C 135 -10.75 23.75 50.11
N PRO C 136 -11.64 24.49 50.79
CA PRO C 136 -12.18 24.00 52.05
C PRO C 136 -13.21 22.89 51.83
N SER C 137 -13.26 21.95 52.77
CA SER C 137 -14.29 20.93 52.75
C SER C 137 -14.65 20.48 54.16
N THR C 138 -15.92 20.15 54.37
CA THR C 138 -16.34 19.56 55.63
C THR C 138 -16.22 18.04 55.63
N ASN C 139 -15.45 17.49 54.70
CA ASN C 139 -15.38 16.06 54.40
C ASN C 139 -14.05 15.84 53.68
N ASN C 140 -13.80 14.60 53.29
CA ASN C 140 -12.57 14.29 52.58
C ASN C 140 -12.86 13.80 51.16
N LEU C 141 -13.82 14.45 50.50
CA LEU C 141 -14.20 14.13 49.13
C LEU C 141 -13.44 14.99 48.13
N SER C 142 -13.16 14.43 46.96
CA SER C 142 -12.35 15.13 45.97
C SER C 142 -13.23 15.49 44.79
N MET C 143 -12.80 16.48 44.01
CA MET C 143 -13.57 16.92 42.85
C MET C 143 -12.87 16.50 41.57
N THR C 144 -13.66 16.16 40.57
CA THR C 144 -13.19 15.59 39.31
C THR C 144 -13.63 16.47 38.14
N PHE C 145 -12.72 16.67 37.18
CA PHE C 145 -12.92 17.59 36.07
C PHE C 145 -12.54 16.89 34.76
N ASP C 146 -12.92 17.47 33.64
CA ASP C 146 -12.54 16.81 32.41
C ASP C 146 -11.50 17.70 31.73
N GLY C 147 -11.36 17.60 30.42
CA GLY C 147 -10.21 18.32 29.89
C GLY C 147 -10.38 19.80 29.66
N ARG C 148 -11.57 20.35 29.90
CA ARG C 148 -11.78 21.79 29.72
C ARG C 148 -11.08 22.62 30.79
N LEU C 149 -10.81 22.03 31.96
CA LEU C 149 -10.09 22.73 33.03
C LEU C 149 -8.60 22.85 32.75
N VAL C 150 -8.06 22.04 31.84
CA VAL C 150 -6.60 21.96 31.68
C VAL C 150 -6.04 23.30 31.24
N LYS C 151 -6.75 24.00 30.37
CA LYS C 151 -6.30 25.30 29.86
C LYS C 151 -6.38 26.41 30.89
N LYS C 152 -6.87 26.15 32.10
CA LYS C 152 -7.00 27.20 33.09
C LYS C 152 -5.98 27.12 34.21
N ILE C 153 -5.22 26.03 34.29
CA ILE C 153 -4.26 25.81 35.36
C ILE C 153 -2.94 25.36 34.73
N TRP C 154 -1.92 25.23 35.58
CA TRP C 154 -0.60 24.79 35.15
C TRP C 154 -0.52 23.26 35.19
N VAL C 155 0.04 22.68 34.13
CA VAL C 155 0.26 21.24 34.06
C VAL C 155 1.62 20.96 33.43
N PRO C 156 2.19 19.79 33.69
CA PRO C 156 3.49 19.44 33.12
C PRO C 156 3.42 19.23 31.61
N ASP C 157 4.52 19.55 30.94
CA ASP C 157 4.58 19.48 29.47
C ASP C 157 5.47 18.32 29.02
N MET C 158 4.96 17.11 29.11
CA MET C 158 5.76 15.95 28.70
C MET C 158 5.62 15.73 27.19
N PHE C 159 6.69 15.22 26.59
CA PHE C 159 6.68 14.83 25.18
C PHE C 159 7.54 13.60 24.99
N PHE C 160 7.36 12.94 23.84
CA PHE C 160 7.98 11.67 23.52
C PHE C 160 9.22 11.89 22.64
N VAL C 161 10.39 11.48 23.10
CA VAL C 161 11.62 11.73 22.34
C VAL C 161 11.78 10.68 21.24
N HIS C 162 12.29 11.10 20.09
CA HIS C 162 12.52 10.22 18.92
C HIS C 162 11.23 9.61 18.41
N SER C 163 10.15 10.38 18.38
CA SER C 163 8.92 9.85 17.83
C SER C 163 8.59 10.54 16.52
N LYS C 164 7.81 9.84 15.70
CA LYS C 164 7.44 10.28 14.36
C LYS C 164 6.03 10.85 14.27
N ARG C 165 5.10 10.40 15.10
CA ARG C 165 3.73 10.91 15.10
C ARG C 165 3.00 10.38 16.33
N SER C 166 1.96 11.10 16.75
CA SER C 166 1.21 10.72 17.95
C SER C 166 -0.04 11.59 18.04
N PHE C 167 -1.02 11.12 18.82
CA PHE C 167 -2.27 11.82 19.00
C PHE C 167 -2.97 11.34 20.27
N ILE C 168 -3.94 12.13 20.74
CA ILE C 168 -4.71 11.83 21.95
C ILE C 168 -6.14 11.51 21.52
N HIS C 169 -6.69 10.42 22.06
CA HIS C 169 -7.99 9.93 21.64
C HIS C 169 -9.10 10.87 22.09
N ASP C 170 -10.14 11.04 21.24
CA ASP C 170 -11.18 12.03 21.54
C ASP C 170 -12.59 11.53 21.26
N THR C 171 -12.87 10.24 21.46
CA THR C 171 -14.21 9.71 21.30
C THR C 171 -14.66 8.99 22.55
N THR C 172 -15.86 9.33 23.04
CA THR C 172 -16.74 10.31 22.42
C THR C 172 -16.43 11.74 22.81
N THR C 173 -15.52 11.91 23.76
CA THR C 173 -14.99 13.20 24.11
C THR C 173 -13.52 13.00 24.45
N ASP C 174 -12.81 14.10 24.70
CA ASP C 174 -11.38 14.00 25.00
C ASP C 174 -11.15 13.06 26.18
N ASN C 175 -10.16 12.18 26.03
CA ASN C 175 -9.89 11.14 27.02
C ASN C 175 -8.90 11.65 28.07
N VAL C 176 -9.35 12.66 28.82
CA VAL C 176 -8.54 13.36 29.81
C VAL C 176 -9.28 13.48 31.13
N MET C 177 -8.56 13.27 32.25
CA MET C 177 -9.17 13.37 33.56
C MET C 177 -8.27 14.13 34.53
N LEU C 178 -8.89 14.90 35.43
CA LEU C 178 -8.22 15.60 36.52
C LEU C 178 -8.96 15.37 37.82
N ARG C 179 -8.21 15.02 38.87
CA ARG C 179 -8.77 14.80 40.21
C ARG C 179 -7.97 15.60 41.22
N VAL C 180 -8.66 16.40 42.04
CA VAL C 180 -8.02 17.35 42.93
C VAL C 180 -8.43 17.06 44.37
N GLN C 181 -7.43 16.87 45.25
CA GLN C 181 -7.70 16.57 46.64
C GLN C 181 -7.86 17.84 47.44
N PRO C 182 -8.56 17.80 48.58
CA PRO C 182 -8.73 19.01 49.39
C PRO C 182 -7.45 19.76 49.72
N ASP C 183 -6.31 19.07 49.77
CA ASP C 183 -5.06 19.66 50.20
C ASP C 183 -4.19 20.09 49.03
N GLY C 184 -4.67 19.90 47.81
CA GLY C 184 -4.00 20.31 46.59
C GLY C 184 -3.23 19.23 45.85
N LYS C 185 -3.34 17.97 46.25
CA LYS C 185 -2.76 16.89 45.45
C LYS C 185 -3.56 16.67 44.17
N VAL C 186 -2.85 16.50 43.05
CA VAL C 186 -3.45 16.39 41.73
C VAL C 186 -3.03 15.08 41.05
N LEU C 187 -3.99 14.44 40.39
CA LEU C 187 -3.74 13.34 39.46
C LEU C 187 -4.21 13.74 38.06
N TYR C 188 -3.37 13.46 37.07
CA TYR C 188 -3.58 13.83 35.66
C TYR C 188 -3.39 12.58 34.79
N SER C 189 -4.42 12.21 34.04
CA SER C 189 -4.47 10.94 33.30
C SER C 189 -4.94 11.17 31.88
N LEU C 190 -4.26 10.55 30.91
CA LEU C 190 -4.72 10.62 29.52
C LEU C 190 -4.29 9.38 28.72
N ARG C 191 -4.98 9.18 27.59
CA ARG C 191 -4.83 8.01 26.73
C ARG C 191 -4.28 8.44 25.37
N VAL C 192 -3.20 7.79 24.91
CA VAL C 192 -2.39 8.28 23.81
C VAL C 192 -1.85 7.12 22.97
N THR C 193 -1.68 7.36 21.67
CA THR C 193 -1.03 6.43 20.75
C THR C 193 0.18 7.11 20.11
N VAL C 194 1.30 6.38 20.01
CA VAL C 194 2.58 6.94 19.61
C VAL C 194 3.31 5.97 18.69
N THR C 195 3.99 6.52 17.69
CA THR C 195 4.89 5.75 16.81
C THR C 195 6.32 6.25 17.02
N ALA C 196 7.25 5.33 17.32
CA ALA C 196 8.61 5.67 17.68
C ALA C 196 9.60 4.87 16.84
N MET C 197 10.82 5.38 16.67
CA MET C 197 11.85 4.70 15.90
C MET C 197 12.59 3.65 16.74
N CYS C 198 13.12 2.66 16.03
CA CYS C 198 13.87 1.55 16.64
C CYS C 198 14.86 1.03 15.59
N ASN C 199 16.12 1.50 15.67
CA ASN C 199 17.16 1.02 14.76
C ASN C 199 17.36 -0.49 14.91
N MET C 200 17.41 -1.18 13.78
CA MET C 200 17.50 -2.64 13.72
C MET C 200 18.68 -3.10 12.89
N ASP C 201 19.17 -4.31 13.19
CA ASP C 201 20.30 -4.93 12.52
C ASP C 201 19.90 -6.31 12.06
N PHE C 202 19.91 -6.53 10.74
CA PHE C 202 19.48 -7.80 10.18
C PHE C 202 20.65 -8.66 9.71
N SER C 203 21.83 -8.47 10.27
CA SER C 203 22.97 -9.21 9.75
C SER C 203 22.88 -10.72 10.04
N ARG C 204 22.31 -11.09 11.18
CA ARG C 204 22.17 -12.49 11.59
C ARG C 204 20.79 -13.07 11.32
N PHE C 205 19.99 -12.43 10.47
CA PHE C 205 18.66 -12.92 10.14
C PHE C 205 18.75 -14.35 9.58
N PRO C 206 17.84 -15.26 9.98
CA PRO C 206 16.70 -15.10 10.87
C PRO C 206 16.97 -15.34 12.34
N LEU C 207 18.25 -15.31 12.76
CA LEU C 207 18.58 -15.58 14.15
C LEU C 207 18.90 -14.31 14.92
N ASP C 208 18.37 -13.17 14.49
CA ASP C 208 18.69 -11.89 15.10
C ASP C 208 17.82 -11.62 16.33
N THR C 209 18.31 -10.72 17.18
CA THR C 209 17.58 -10.21 18.34
C THR C 209 17.62 -8.69 18.33
N GLN C 210 16.50 -8.06 18.64
CA GLN C 210 16.37 -6.61 18.59
C GLN C 210 15.94 -6.06 19.94
N THR C 211 16.41 -4.85 20.27
CA THR C 211 15.98 -4.18 21.49
C THR C 211 15.43 -2.80 21.14
N CYS C 212 14.25 -2.44 21.69
CA CYS C 212 13.57 -1.18 21.45
C CYS C 212 13.31 -0.44 22.76
N SER C 213 13.06 0.87 22.64
CA SER C 213 12.72 1.66 23.82
C SER C 213 11.81 2.81 23.46
N LEU C 214 11.09 3.30 24.47
CA LEU C 214 10.27 4.50 24.40
C LEU C 214 10.72 5.48 25.48
N GLU C 215 10.87 6.77 25.12
CA GLU C 215 11.51 7.75 25.99
C GLU C 215 10.61 8.94 26.26
N ILE C 216 10.68 9.48 27.47
CA ILE C 216 9.75 10.49 27.96
C ILE C 216 10.56 11.63 28.57
N GLU C 217 10.24 12.87 28.19
CA GLU C 217 11.05 14.01 28.62
C GLU C 217 10.20 15.28 28.67
N SER C 218 10.65 16.22 29.50
CA SER C 218 10.05 17.55 29.59
C SER C 218 10.57 18.45 28.48
N TYR C 219 9.68 19.24 27.87
CA TYR C 219 10.15 20.02 26.73
C TYR C 219 10.89 21.28 27.16
N ALA C 220 10.41 21.98 28.19
CA ALA C 220 10.88 23.33 28.47
C ALA C 220 11.51 23.54 29.83
N TYR C 221 11.49 22.57 30.72
CA TYR C 221 11.96 22.76 32.08
C TYR C 221 13.16 21.88 32.37
N THR C 222 14.25 22.49 32.86
CA THR C 222 15.46 21.77 33.19
C THR C 222 15.33 21.18 34.58
N GLU C 223 16.28 20.30 34.94
CA GLU C 223 16.24 19.65 36.25
C GLU C 223 16.30 20.64 37.41
N ASP C 224 16.63 21.91 37.17
CA ASP C 224 16.64 22.89 38.24
C ASP C 224 15.25 23.37 38.59
N ASP C 225 14.30 23.23 37.66
CA ASP C 225 12.92 23.65 37.85
C ASP C 225 11.93 22.51 38.00
N LEU C 226 12.18 21.36 37.39
CA LEU C 226 11.26 20.23 37.46
C LEU C 226 12.06 18.94 37.59
N MET C 227 11.71 18.12 38.57
CA MET C 227 12.39 16.86 38.84
C MET C 227 11.46 15.70 38.50
N LEU C 228 11.79 14.95 37.45
CA LEU C 228 10.94 13.89 36.92
C LEU C 228 11.50 12.53 37.32
N TYR C 229 10.63 11.66 37.83
CA TYR C 229 11.08 10.36 38.36
C TYR C 229 9.95 9.35 38.26
N TRP C 230 10.30 8.07 38.31
CA TRP C 230 9.31 7.00 38.38
C TRP C 230 8.71 6.95 39.78
N LYS C 231 7.37 6.96 39.87
CA LYS C 231 6.71 7.10 41.18
C LYS C 231 7.05 5.94 42.11
N LYS C 232 7.10 4.73 41.58
CA LYS C 232 7.23 3.54 42.42
C LYS C 232 8.34 2.64 41.93
N GLY C 233 9.34 3.21 41.27
CA GLY C 233 10.46 2.39 40.81
C GLY C 233 9.99 1.47 39.72
N ASN C 234 10.31 0.19 39.88
CA ASN C 234 10.01 -0.78 38.84
C ASN C 234 8.57 -1.28 38.88
N ASP C 235 7.84 -1.02 39.97
CA ASP C 235 6.42 -1.27 40.08
C ASP C 235 5.56 -0.25 39.35
N SER C 236 6.17 0.72 38.68
CA SER C 236 5.45 1.79 38.02
C SER C 236 5.00 1.44 36.60
N LEU C 237 5.36 0.26 36.10
CA LEU C 237 5.04 -0.18 34.75
C LEU C 237 4.19 -1.43 34.81
N LYS C 238 3.04 -1.40 34.14
CA LYS C 238 2.16 -2.56 34.03
C LYS C 238 1.87 -2.82 32.56
N THR C 239 1.78 -4.10 32.18
CA THR C 239 1.48 -4.44 30.80
C THR C 239 0.28 -5.38 30.72
N ASP C 240 -0.44 -5.30 29.60
CA ASP C 240 -1.64 -6.09 29.43
C ASP C 240 -1.30 -7.57 29.31
N GLU C 241 -2.20 -8.42 29.83
CA GLU C 241 -1.90 -9.84 29.87
C GLU C 241 -1.92 -10.49 28.49
N ARG C 242 -2.56 -9.89 27.49
CA ARG C 242 -2.67 -10.50 26.18
C ARG C 242 -1.92 -9.71 25.11
N ILE C 243 -0.81 -9.06 25.49
CA ILE C 243 -0.06 -8.26 24.53
C ILE C 243 0.72 -9.18 23.62
N SER C 244 0.66 -8.94 22.32
CA SER C 244 1.27 -9.87 21.38
C SER C 244 1.45 -9.21 20.03
N LEU C 245 2.36 -9.79 19.26
CA LEU C 245 2.66 -9.37 17.89
C LEU C 245 2.63 -10.60 16.99
N SER C 246 2.41 -10.40 15.70
CA SER C 246 2.05 -11.56 14.89
C SER C 246 3.30 -12.37 14.57
N GLN C 247 4.40 -11.69 14.28
CA GLN C 247 5.63 -12.33 13.82
C GLN C 247 6.78 -12.26 14.83
N PHE C 248 6.51 -11.85 16.08
CA PHE C 248 7.59 -11.70 17.06
C PHE C 248 7.14 -12.24 18.41
N LEU C 249 8.12 -12.59 19.25
CA LEU C 249 7.87 -12.89 20.65
C LEU C 249 8.44 -11.76 21.49
N ILE C 250 7.74 -11.38 22.56
CA ILE C 250 8.07 -10.19 23.33
C ILE C 250 8.40 -10.61 24.75
N GLN C 251 9.47 -10.02 25.30
CA GLN C 251 9.96 -10.42 26.61
C GLN C 251 10.70 -9.27 27.26
N GLU C 252 10.75 -9.32 28.60
CA GLU C 252 11.69 -8.54 29.42
C GLU C 252 11.42 -7.03 29.38
N PHE C 253 10.24 -6.66 29.87
CA PHE C 253 9.92 -5.25 30.11
C PHE C 253 10.58 -4.75 31.39
N HIS C 254 11.16 -3.56 31.34
CA HIS C 254 11.74 -2.90 32.51
C HIS C 254 12.02 -1.44 32.20
N THR C 255 12.31 -0.66 33.26
CA THR C 255 12.47 0.79 33.20
C THR C 255 13.86 1.23 33.67
N THR C 256 14.31 2.37 33.15
CA THR C 256 15.59 2.97 33.51
C THR C 256 15.46 4.49 33.45
N THR C 257 16.49 5.20 33.94
CA THR C 257 16.54 6.66 33.89
C THR C 257 17.94 7.12 33.53
N LYS C 258 18.04 8.30 32.91
CA LYS C 258 19.35 8.84 32.54
C LYS C 258 19.23 10.33 32.26
N LEU C 259 20.29 11.06 32.62
CA LEU C 259 20.36 12.50 32.38
C LEU C 259 20.87 12.82 30.98
N ALA C 260 20.25 13.79 30.33
CA ALA C 260 20.71 14.23 29.01
C ALA C 260 21.02 15.72 29.03
N PHE C 261 21.84 16.13 28.07
CA PHE C 261 22.44 17.47 28.05
C PHE C 261 22.18 18.09 26.69
N TYR C 262 21.68 19.32 26.71
CA TYR C 262 21.46 20.11 25.51
C TYR C 262 22.30 21.38 25.63
N SER C 263 23.09 21.69 24.60
CA SER C 263 23.96 22.85 24.70
C SER C 263 23.15 24.14 24.64
N SER C 264 21.93 24.09 24.11
CA SER C 264 21.10 25.30 24.03
C SER C 264 20.51 25.68 25.39
N THR C 265 20.15 24.71 26.24
CA THR C 265 19.47 25.06 27.47
C THR C 265 19.95 24.37 28.74
N GLY C 266 20.45 23.16 28.66
CA GLY C 266 20.87 22.56 29.92
C GLY C 266 20.72 21.07 30.08
N TRP C 267 20.63 20.61 31.34
CA TRP C 267 20.44 19.20 31.68
C TRP C 267 18.97 18.86 31.92
N TYR C 268 18.55 17.67 31.49
CA TYR C 268 17.16 17.23 31.60
C TYR C 268 17.13 15.76 32.01
N ASN C 269 16.05 15.38 32.70
CA ASN C 269 15.84 14.00 33.10
C ASN C 269 15.06 13.27 32.02
N ARG C 270 15.44 12.02 31.76
CA ARG C 270 14.82 11.22 30.70
C ARG C 270 14.47 9.84 31.25
N LEU C 271 13.28 9.33 30.92
CA LEU C 271 12.84 8.02 31.39
C LEU C 271 12.69 7.07 30.21
N TYR C 272 12.94 5.79 30.45
CA TYR C 272 13.00 4.78 29.40
C TYR C 272 12.11 3.59 29.72
N ILE C 273 11.55 2.99 28.67
CA ILE C 273 10.81 1.73 28.75
C ILE C 273 11.44 0.77 27.74
N ASN C 274 11.94 -0.37 28.23
CA ASN C 274 12.74 -1.27 27.39
C ASN C 274 12.09 -2.64 27.23
N PHE C 275 12.30 -3.27 26.06
CA PHE C 275 11.81 -4.62 25.81
C PHE C 275 12.58 -5.22 24.64
N THR C 276 12.38 -6.53 24.42
CA THR C 276 13.18 -7.33 23.51
C THR C 276 12.29 -8.21 22.62
N LEU C 277 12.74 -8.44 21.36
CA LEU C 277 11.96 -9.17 20.37
C LEU C 277 12.76 -10.34 19.79
N ARG C 278 12.05 -11.44 19.49
CA ARG C 278 12.66 -12.64 18.92
C ARG C 278 11.70 -13.27 17.92
N ARG C 279 12.25 -14.06 16.98
CA ARG C 279 11.47 -14.72 15.94
C ARG C 279 11.21 -16.18 16.29
N HIS C 280 10.43 -16.84 15.43
CA HIS C 280 10.18 -18.28 15.51
C HIS C 280 11.15 -19.00 14.59
N ILE C 281 12.11 -19.73 15.16
CA ILE C 281 13.22 -20.23 14.36
C ILE C 281 12.79 -21.42 13.51
N PHE C 282 11.94 -22.30 14.04
CA PHE C 282 11.62 -23.53 13.32
C PHE C 282 10.90 -23.26 12.01
N PHE C 283 9.99 -22.27 12.00
CA PHE C 283 9.32 -21.90 10.77
C PHE C 283 10.33 -21.60 9.66
N PHE C 284 11.34 -20.77 9.97
CA PHE C 284 12.32 -20.39 8.97
C PHE C 284 13.21 -21.57 8.58
N LEU C 285 13.58 -22.41 9.55
CA LEU C 285 14.34 -23.60 9.23
C LEU C 285 13.63 -24.45 8.18
N LEU C 286 12.38 -24.80 8.46
CA LEU C 286 11.60 -25.64 7.55
C LEU C 286 11.35 -24.96 6.20
N GLN C 287 11.14 -23.65 6.21
CA GLN C 287 10.82 -22.98 4.94
C GLN C 287 12.05 -22.77 4.06
N THR C 288 13.22 -22.49 4.63
CA THR C 288 14.39 -22.18 3.81
C THR C 288 15.48 -23.26 3.82
N TYR C 289 15.97 -23.67 4.99
CA TYR C 289 17.18 -24.49 5.01
C TYR C 289 16.91 -25.91 4.56
N PHE C 290 15.69 -26.41 4.80
CA PHE C 290 15.37 -27.81 4.45
C PHE C 290 15.42 -28.06 2.94
N PRO C 291 14.73 -27.28 2.09
CA PRO C 291 14.74 -27.60 0.65
C PRO C 291 16.11 -27.49 -0.01
N ALA C 292 16.89 -26.46 0.33
CA ALA C 292 18.24 -26.32 -0.19
C ALA C 292 19.09 -27.56 0.08
N THR C 293 19.08 -28.04 1.31
CA THR C 293 19.84 -29.24 1.68
C THR C 293 19.34 -30.46 0.92
N LEU C 294 18.02 -30.58 0.75
CA LEU C 294 17.49 -31.69 -0.01
C LEU C 294 17.94 -31.66 -1.47
N MET C 295 17.97 -30.47 -2.09
CA MET C 295 18.42 -30.38 -3.48
C MET C 295 19.91 -30.66 -3.61
N VAL C 296 20.74 -30.14 -2.69
CA VAL C 296 22.15 -30.53 -2.68
C VAL C 296 22.31 -32.05 -2.56
N MET C 297 21.50 -32.69 -1.70
CA MET C 297 21.64 -34.14 -1.60
C MET C 297 21.16 -34.85 -2.86
N LEU C 298 20.16 -34.29 -3.53
CA LEU C 298 19.68 -34.87 -4.77
C LEU C 298 20.70 -34.79 -5.89
N SER C 299 21.56 -33.76 -5.87
CA SER C 299 22.52 -33.65 -6.97
C SER C 299 23.63 -34.69 -6.89
N TRP C 300 23.82 -35.35 -5.75
CA TRP C 300 24.82 -36.39 -5.59
C TRP C 300 24.40 -37.74 -6.17
N VAL C 301 23.12 -37.89 -6.55
CA VAL C 301 22.61 -39.14 -7.09
C VAL C 301 23.33 -39.48 -8.39
N SER C 302 23.70 -38.45 -9.16
CA SER C 302 24.29 -38.73 -10.47
C SER C 302 25.65 -39.42 -10.38
N PHE C 303 26.32 -39.38 -9.23
CA PHE C 303 27.60 -40.08 -9.11
C PHE C 303 27.46 -41.59 -9.14
N TRP C 304 26.26 -42.12 -8.95
CA TRP C 304 26.02 -43.56 -8.92
C TRP C 304 25.37 -44.06 -10.20
N ILE C 305 25.23 -43.22 -11.21
CA ILE C 305 24.55 -43.57 -12.45
C ILE C 305 25.59 -43.92 -13.50
N ASP C 306 25.24 -44.88 -14.37
CA ASP C 306 26.15 -45.36 -15.40
C ASP C 306 26.60 -44.21 -16.30
N ARG C 307 27.92 -44.06 -16.47
CA ARG C 307 28.48 -42.94 -17.22
C ARG C 307 28.17 -43.00 -18.71
N ARG C 308 27.74 -44.15 -19.22
CA ARG C 308 27.39 -44.28 -20.63
C ARG C 308 26.01 -43.73 -20.95
N ALA C 309 25.17 -43.48 -19.95
CA ALA C 309 23.85 -42.89 -20.13
C ALA C 309 23.95 -41.37 -20.06
N VAL C 310 24.49 -40.80 -21.15
CA VAL C 310 24.54 -39.35 -21.29
C VAL C 310 23.16 -38.70 -21.30
N PRO C 311 22.19 -39.19 -22.08
CA PRO C 311 20.87 -38.53 -22.11
C PRO C 311 20.15 -38.58 -20.78
N ALA C 312 20.63 -39.35 -19.81
CA ALA C 312 20.08 -39.29 -18.46
C ALA C 312 20.97 -38.51 -17.49
N ARG C 313 22.26 -38.36 -17.76
CA ARG C 313 23.08 -37.62 -16.82
C ARG C 313 22.96 -36.12 -17.02
N VAL C 314 22.90 -35.66 -18.27
CA VAL C 314 22.91 -34.22 -18.52
C VAL C 314 21.62 -33.51 -18.09
N PRO C 315 20.43 -33.95 -18.55
CA PRO C 315 19.20 -33.27 -18.13
C PRO C 315 19.03 -33.22 -16.62
N LEU C 316 19.57 -34.18 -15.90
CA LEU C 316 19.35 -34.22 -14.45
C LEU C 316 20.08 -33.06 -13.78
N GLY C 317 21.35 -32.86 -14.12
CA GLY C 317 22.08 -31.73 -13.58
C GLY C 317 21.46 -30.40 -13.96
N ILE C 318 21.08 -30.25 -15.23
CA ILE C 318 20.58 -28.93 -15.62
C ILE C 318 19.22 -28.62 -14.97
N THR C 319 18.34 -29.63 -14.86
CA THR C 319 17.09 -29.41 -14.16
C THR C 319 17.28 -29.14 -12.66
N THR C 320 18.32 -29.72 -12.07
CA THR C 320 18.58 -29.50 -10.66
C THR C 320 19.00 -28.06 -10.43
N VAL C 321 19.83 -27.52 -11.35
CA VAL C 321 20.17 -26.10 -11.30
C VAL C 321 18.92 -25.24 -11.42
N LEU C 322 18.01 -25.61 -12.33
CA LEU C 322 16.81 -24.80 -12.53
C LEU C 322 15.93 -24.79 -11.28
N THR C 323 15.75 -25.95 -10.66
CA THR C 323 14.99 -26.05 -9.41
C THR C 323 15.61 -25.20 -8.30
N MET C 324 16.93 -25.27 -8.13
CA MET C 324 17.56 -24.47 -7.08
C MET C 324 17.39 -22.98 -7.34
N SER C 325 17.46 -22.56 -8.61
CA SER C 325 17.27 -21.14 -8.90
C SER C 325 15.85 -20.68 -8.57
N THR C 326 14.84 -21.48 -8.93
CA THR C 326 13.47 -21.13 -8.58
C THR C 326 13.29 -21.04 -7.07
N ILE C 327 13.91 -21.97 -6.32
CA ILE C 327 13.78 -21.91 -4.86
C ILE C 327 14.34 -20.61 -4.33
N ILE C 328 15.51 -20.20 -4.84
CA ILE C 328 16.16 -19.01 -4.32
C ILE C 328 15.34 -17.76 -4.65
N THR C 329 14.82 -17.67 -5.87
CA THR C 329 13.95 -16.54 -6.21
C THR C 329 12.72 -16.49 -5.30
N GLY C 330 12.09 -17.65 -5.08
CA GLY C 330 10.91 -17.69 -4.23
C GLY C 330 11.19 -17.21 -2.82
N VAL C 331 12.30 -17.66 -2.23
CA VAL C 331 12.70 -17.22 -0.89
C VAL C 331 12.96 -15.72 -0.90
N ASN C 332 13.53 -15.20 -1.99
CA ASN C 332 13.88 -13.79 -2.00
C ASN C 332 12.63 -12.93 -1.99
N ALA C 333 11.59 -13.39 -2.68
CA ALA C 333 10.32 -12.66 -2.75
C ALA C 333 9.55 -12.61 -1.43
N SER C 334 9.97 -13.32 -0.38
CA SER C 334 9.13 -13.37 0.81
C SER C 334 9.78 -12.82 2.06
N MET C 335 10.98 -12.31 1.97
CA MET C 335 11.65 -11.69 3.08
C MET C 335 11.48 -10.18 3.00
N PRO C 336 11.65 -9.46 4.11
CA PRO C 336 11.55 -8.00 4.05
C PRO C 336 12.66 -7.43 3.18
N ARG C 337 12.31 -6.38 2.43
CA ARG C 337 13.20 -5.83 1.41
C ARG C 337 14.32 -5.04 2.06
N VAL C 338 15.34 -5.74 2.52
CA VAL C 338 16.51 -5.13 3.15
C VAL C 338 17.72 -5.44 2.29
N SER C 339 18.40 -4.41 1.79
CA SER C 339 19.37 -4.66 0.71
C SER C 339 20.80 -4.65 1.24
N TYR C 340 21.08 -5.66 2.06
CA TYR C 340 22.46 -6.00 2.38
C TYR C 340 22.50 -7.46 2.81
N ILE C 341 23.71 -7.96 3.01
CA ILE C 341 23.94 -9.41 3.00
C ILE C 341 23.58 -10.01 4.35
N LYS C 342 22.79 -11.09 4.34
CA LYS C 342 22.38 -11.77 5.56
C LYS C 342 22.80 -13.24 5.50
N ALA C 343 22.78 -13.88 6.67
CA ALA C 343 23.31 -15.23 6.83
C ALA C 343 22.66 -16.24 5.89
N VAL C 344 21.33 -16.16 5.76
CA VAL C 344 20.58 -17.13 4.97
C VAL C 344 21.00 -17.03 3.51
N ASP C 345 21.30 -15.81 3.04
CA ASP C 345 21.85 -15.64 1.69
C ASP C 345 23.15 -16.41 1.51
N ILE C 346 24.03 -16.34 2.50
CA ILE C 346 25.30 -17.07 2.44
C ILE C 346 25.05 -18.57 2.31
N TYR C 347 24.15 -19.11 3.14
CA TYR C 347 23.82 -20.53 3.05
C TYR C 347 23.34 -20.88 1.64
N LEU C 348 22.41 -20.08 1.11
CA LEU C 348 21.77 -20.44 -0.15
C LEU C 348 22.75 -20.38 -1.32
N TRP C 349 23.61 -19.36 -1.37
CA TRP C 349 24.51 -19.26 -2.50
C TRP C 349 25.65 -20.28 -2.43
N VAL C 350 26.09 -20.66 -1.23
CA VAL C 350 27.02 -21.79 -1.13
C VAL C 350 26.38 -23.07 -1.68
N SER C 351 25.10 -23.31 -1.35
CA SER C 351 24.49 -24.52 -1.89
C SER C 351 24.38 -24.45 -3.43
N PHE C 352 24.08 -23.27 -3.96
CA PHE C 352 24.03 -23.12 -5.42
C PHE C 352 25.38 -23.47 -6.05
N VAL C 353 26.47 -23.04 -5.43
CA VAL C 353 27.80 -23.35 -5.97
C VAL C 353 28.05 -24.86 -5.96
N PHE C 354 27.67 -25.54 -4.88
CA PHE C 354 27.80 -27.00 -4.89
C PHE C 354 27.07 -27.62 -6.07
N VAL C 355 25.83 -27.19 -6.33
CA VAL C 355 25.08 -27.77 -7.45
C VAL C 355 25.77 -27.50 -8.79
N PHE C 356 26.36 -26.32 -8.95
CA PHE C 356 27.09 -26.02 -10.19
C PHE C 356 28.29 -26.95 -10.40
N LEU C 357 29.06 -27.14 -9.33
CA LEU C 357 30.24 -28.00 -9.41
C LEU C 357 29.87 -29.43 -9.80
N SER C 358 28.69 -29.90 -9.37
CA SER C 358 28.35 -31.29 -9.71
C SER C 358 28.13 -31.49 -11.21
N VAL C 359 27.74 -30.45 -11.96
CA VAL C 359 27.62 -30.55 -13.41
C VAL C 359 28.99 -30.48 -14.07
N LEU C 360 29.87 -29.64 -13.54
CA LEU C 360 31.22 -29.59 -14.14
C LEU C 360 31.93 -30.95 -14.06
N GLU C 361 31.70 -31.68 -12.97
CA GLU C 361 32.27 -33.02 -12.80
C GLU C 361 31.96 -33.95 -13.98
N TYR C 362 30.66 -34.09 -14.29
CA TYR C 362 30.29 -35.01 -15.36
C TYR C 362 30.76 -34.52 -16.72
N ALA C 363 30.83 -33.21 -16.92
CA ALA C 363 31.39 -32.72 -18.18
C ALA C 363 32.81 -33.28 -18.37
N ALA C 364 33.63 -33.16 -17.33
CA ALA C 364 35.00 -33.68 -17.39
C ALA C 364 35.02 -35.18 -17.69
N VAL C 365 34.16 -35.94 -17.02
CA VAL C 365 34.15 -37.40 -17.16
C VAL C 365 33.81 -37.79 -18.59
N ASN C 366 32.78 -37.16 -19.15
CA ASN C 366 32.39 -37.51 -20.51
C ASN C 366 33.50 -37.19 -21.53
N TYR C 367 34.13 -36.01 -21.40
CA TYR C 367 35.21 -35.68 -22.32
C TYR C 367 36.34 -36.71 -22.26
N LEU C 368 36.75 -37.09 -21.04
CA LEU C 368 37.87 -38.01 -20.92
C LEU C 368 37.53 -39.39 -21.48
N THR C 369 36.32 -39.88 -21.22
CA THR C 369 35.94 -41.17 -21.77
C THR C 369 35.98 -41.15 -23.30
N THR C 370 35.47 -40.08 -23.91
CA THR C 370 35.42 -40.00 -25.36
C THR C 370 36.84 -40.01 -25.93
N VAL C 371 37.75 -39.24 -25.31
CA VAL C 371 39.15 -39.25 -25.76
C VAL C 371 39.72 -40.65 -25.72
N GLN C 372 39.49 -41.38 -24.61
CA GLN C 372 40.06 -42.71 -24.48
C GLN C 372 39.56 -43.63 -25.59
N GLU C 373 38.25 -43.63 -25.82
CA GLU C 373 37.69 -44.50 -26.86
C GLU C 373 38.25 -44.17 -28.24
N ARG C 374 38.32 -42.87 -28.58
CA ARG C 374 38.87 -42.50 -29.88
C ARG C 374 40.31 -42.94 -30.02
N LYS C 375 41.11 -42.78 -28.96
CA LYS C 375 42.52 -43.20 -29.02
C LYS C 375 42.62 -44.71 -29.25
N GLU C 376 41.82 -45.49 -28.50
CA GLU C 376 41.86 -46.94 -28.64
C GLU C 376 41.51 -47.36 -30.05
N GLN C 377 40.46 -46.77 -30.63
CA GLN C 377 40.06 -47.15 -31.98
C GLN C 377 41.13 -46.74 -33.00
N LYS C 378 41.75 -45.58 -32.81
CA LYS C 378 42.80 -45.16 -33.74
C LYS C 378 43.99 -46.11 -33.67
N LEU C 379 44.35 -46.57 -32.48
CA LEU C 379 45.47 -47.51 -32.35
C LEU C 379 45.17 -48.83 -33.02
N ARG C 380 43.94 -49.33 -32.88
CA ARG C 380 43.54 -50.58 -33.50
C ARG C 380 43.53 -50.48 -35.01
N ASP C 451 33.30 -50.44 -16.10
CA ASP C 451 33.96 -50.05 -14.86
C ASP C 451 33.64 -48.62 -14.50
N THR C 452 33.96 -48.25 -13.26
CA THR C 452 33.69 -46.91 -12.76
C THR C 452 34.91 -46.02 -12.93
N HIS C 453 34.69 -44.80 -13.46
CA HIS C 453 35.79 -43.86 -13.63
C HIS C 453 36.27 -43.36 -12.28
N ALA C 454 37.56 -43.02 -12.19
CA ALA C 454 38.15 -42.65 -10.91
C ALA C 454 37.52 -41.39 -10.34
N ILE C 455 37.09 -40.48 -11.22
CA ILE C 455 36.55 -39.20 -10.77
C ILE C 455 35.24 -39.41 -10.01
N ASP C 456 34.40 -40.31 -10.50
CA ASP C 456 33.17 -40.64 -9.78
C ASP C 456 33.47 -41.26 -8.41
N LYS C 457 34.45 -42.17 -8.35
CA LYS C 457 34.79 -42.82 -7.09
C LYS C 457 35.27 -41.81 -6.05
N TYR C 458 36.09 -40.86 -6.47
CA TYR C 458 36.53 -39.85 -5.50
C TYR C 458 35.42 -38.88 -5.17
N SER C 459 34.57 -38.53 -6.14
CA SER C 459 33.55 -37.53 -5.87
C SER C 459 32.52 -38.05 -4.86
N ARG C 460 32.17 -39.34 -4.97
CA ARG C 460 31.24 -39.96 -4.03
C ARG C 460 31.66 -39.78 -2.58
N ILE C 461 32.96 -39.66 -2.31
CA ILE C 461 33.40 -39.38 -0.94
C ILE C 461 33.57 -37.89 -0.70
N ILE C 462 34.15 -37.17 -1.65
CA ILE C 462 34.62 -35.82 -1.36
C ILE C 462 33.46 -34.85 -1.22
N PHE C 463 32.42 -34.96 -2.04
CA PHE C 463 31.38 -33.94 -1.97
C PHE C 463 30.70 -33.89 -0.59
N PRO C 464 30.19 -35.01 -0.05
CA PRO C 464 29.47 -34.91 1.24
C PRO C 464 30.33 -34.47 2.42
N ALA C 465 31.56 -34.97 2.53
CA ALA C 465 32.49 -34.47 3.54
C ALA C 465 32.65 -32.95 3.51
N ALA C 466 32.80 -32.36 2.33
CA ALA C 466 33.00 -30.92 2.26
C ALA C 466 31.74 -30.18 2.65
N TYR C 467 30.58 -30.73 2.28
CA TYR C 467 29.34 -30.08 2.72
C TYR C 467 29.18 -30.17 4.24
N ILE C 468 29.53 -31.31 4.84
CA ILE C 468 29.46 -31.46 6.29
C ILE C 468 30.41 -30.49 6.99
N LEU C 469 31.62 -30.29 6.44
CA LEU C 469 32.54 -29.34 7.06
C LEU C 469 32.02 -27.91 6.95
N PHE C 470 31.49 -27.54 5.80
CA PHE C 470 30.85 -26.23 5.67
C PHE C 470 29.75 -26.06 6.72
N ASN C 471 28.94 -27.09 6.93
CA ASN C 471 27.84 -26.94 7.89
C ASN C 471 28.36 -26.77 9.30
N LEU C 472 29.40 -27.51 9.68
CA LEU C 472 29.99 -27.37 11.01
C LEU C 472 30.49 -25.95 11.23
N ILE C 473 31.24 -25.40 10.27
CA ILE C 473 31.78 -24.06 10.43
C ILE C 473 30.65 -23.03 10.50
N TYR C 474 29.70 -23.12 9.57
CA TYR C 474 28.58 -22.17 9.54
C TYR C 474 27.84 -22.16 10.86
N TRP C 475 27.44 -23.33 11.36
CA TRP C 475 26.66 -23.35 12.60
C TRP C 475 27.50 -23.11 13.83
N SER C 476 28.83 -23.21 13.75
CA SER C 476 29.61 -22.79 14.91
C SER C 476 29.74 -21.27 14.96
N ILE C 477 29.61 -20.62 13.81
CA ILE C 477 29.76 -19.16 13.69
C ILE C 477 28.47 -18.43 14.02
N PHE C 478 27.34 -18.90 13.47
CA PHE C 478 26.06 -18.24 13.64
C PHE C 478 25.19 -18.85 14.74
N SER C 479 25.74 -19.73 15.56
CA SER C 479 25.03 -20.38 16.66
C SER C 479 23.88 -21.28 16.18
N LYS D 74 0.27 38.89 36.96
CA LYS D 74 0.29 38.27 35.64
C LYS D 74 1.59 38.61 34.92
N SER D 75 2.27 37.57 34.44
CA SER D 75 3.55 37.72 33.77
C SER D 75 3.44 38.45 32.44
N GLU D 76 2.28 38.35 31.77
CA GLU D 76 2.10 39.04 30.51
C GLU D 76 1.86 40.53 30.69
N GLN D 77 1.69 41.00 31.92
CA GLN D 77 1.65 42.44 32.18
C GLN D 77 3.03 43.03 32.42
N LEU D 78 4.04 42.20 32.63
CA LEU D 78 5.40 42.71 32.71
C LEU D 78 5.92 43.16 31.35
N LEU D 79 5.51 42.46 30.29
CA LEU D 79 5.67 42.95 28.93
C LEU D 79 4.44 43.79 28.58
N ARG D 80 4.66 45.04 28.19
CA ARG D 80 3.58 45.93 27.78
C ARG D 80 3.02 45.45 26.45
N ILE D 81 2.18 44.42 26.51
CA ILE D 81 1.69 43.79 25.30
C ILE D 81 0.77 44.74 24.52
N ASP D 82 -0.08 45.47 25.24
CA ASP D 82 -1.15 46.28 24.68
C ASP D 82 -0.68 47.65 24.22
N ASP D 83 0.62 47.90 24.34
CA ASP D 83 1.22 49.22 24.26
C ASP D 83 2.08 49.33 23.03
N HIS D 84 2.09 48.30 22.20
CA HIS D 84 2.89 48.22 21.00
C HIS D 84 2.08 47.51 19.92
N ASP D 85 2.33 47.91 18.68
CA ASP D 85 1.76 47.24 17.52
C ASP D 85 2.69 46.11 17.13
N PHE D 86 2.29 44.87 17.40
CA PHE D 86 3.12 43.72 17.03
C PHE D 86 2.76 43.15 15.68
N SER D 87 2.20 43.95 14.79
CA SER D 87 2.03 43.52 13.41
C SER D 87 3.12 44.05 12.50
N MET D 88 4.05 44.86 13.03
CA MET D 88 5.22 45.33 12.34
C MET D 88 6.47 44.76 13.00
N ARG D 89 7.54 44.69 12.22
CA ARG D 89 8.78 44.11 12.65
C ARG D 89 9.54 45.04 13.59
N PRO D 90 10.43 44.51 14.41
CA PRO D 90 11.34 45.37 15.16
C PRO D 90 12.22 46.17 14.21
N GLY D 91 12.53 47.40 14.60
CA GLY D 91 13.29 48.27 13.71
C GLY D 91 12.61 48.70 12.43
N PHE D 92 11.28 48.69 12.40
CA PHE D 92 10.54 49.07 11.20
C PHE D 92 10.95 50.45 10.72
N GLY D 93 11.17 50.58 9.41
CA GLY D 93 11.53 51.86 8.84
C GLY D 93 13.02 52.10 8.69
N GLY D 94 13.86 51.22 9.23
CA GLY D 94 15.29 51.39 9.20
C GLY D 94 15.98 50.17 8.61
N PRO D 95 17.19 49.89 9.06
CA PRO D 95 17.91 48.73 8.54
C PRO D 95 17.23 47.43 8.92
N ALA D 96 17.53 46.39 8.14
CA ALA D 96 17.00 45.05 8.36
C ALA D 96 17.46 44.47 9.69
N ILE D 97 16.61 43.60 10.25
CA ILE D 97 16.88 42.96 11.54
C ILE D 97 17.52 41.61 11.26
N PRO D 98 18.71 41.34 11.81
CA PRO D 98 19.33 40.03 11.66
C PRO D 98 18.66 38.94 12.49
N VAL D 99 18.54 37.75 11.90
CA VAL D 99 17.90 36.60 12.53
C VAL D 99 18.81 35.40 12.32
N GLY D 100 19.22 34.75 13.41
CA GLY D 100 20.20 33.67 13.36
C GLY D 100 19.56 32.33 13.65
N VAL D 101 20.02 31.29 12.97
CA VAL D 101 19.34 29.99 12.91
C VAL D 101 20.29 28.86 13.29
N ASP D 102 19.78 27.91 14.08
CA ASP D 102 20.49 26.68 14.43
C ASP D 102 19.58 25.49 14.16
N VAL D 103 20.15 24.34 13.80
CA VAL D 103 19.34 23.18 13.45
C VAL D 103 19.92 21.92 14.10
N GLN D 104 19.05 21.08 14.66
CA GLN D 104 19.44 19.78 15.21
C GLN D 104 18.59 18.70 14.56
N VAL D 105 19.21 17.81 13.79
CA VAL D 105 18.50 16.72 13.12
C VAL D 105 18.40 15.53 14.06
N GLU D 106 17.17 15.07 14.30
CA GLU D 106 16.93 13.92 15.15
C GLU D 106 16.84 12.61 14.38
N SER D 107 16.33 12.59 13.15
CA SER D 107 16.23 11.29 12.49
C SER D 107 15.85 11.44 11.03
N LEU D 108 16.13 10.38 10.27
CA LEU D 108 15.69 10.25 8.89
C LEU D 108 14.66 9.13 8.83
N ASP D 109 13.44 9.47 8.43
CA ASP D 109 12.30 8.60 8.67
C ASP D 109 12.03 7.61 7.55
N SER D 110 12.11 8.05 6.29
CA SER D 110 11.88 7.16 5.15
C SER D 110 12.41 7.81 3.89
N ILE D 111 12.51 7.01 2.83
CA ILE D 111 12.82 7.54 1.50
C ILE D 111 12.00 6.78 0.45
N SER D 112 11.60 7.48 -0.60
CA SER D 112 10.74 6.95 -1.65
C SER D 112 11.47 7.13 -2.97
N GLU D 113 11.86 6.02 -3.60
CA GLU D 113 12.61 6.09 -4.84
C GLU D 113 11.72 6.36 -6.05
N VAL D 114 10.49 5.85 -6.06
CA VAL D 114 9.59 6.09 -7.19
C VAL D 114 9.08 7.52 -7.18
N ASP D 115 8.72 8.04 -6.01
CA ASP D 115 8.23 9.41 -5.91
C ASP D 115 9.33 10.44 -5.71
N MET D 116 10.55 10.01 -5.39
CA MET D 116 11.73 10.87 -5.30
C MET D 116 11.56 11.95 -4.22
N ASP D 117 11.53 11.49 -2.97
CA ASP D 117 11.44 12.39 -1.83
C ASP D 117 11.96 11.69 -0.58
N PHE D 118 12.15 12.47 0.49
CA PHE D 118 12.59 11.93 1.78
C PHE D 118 11.93 12.70 2.92
N THR D 119 11.96 12.11 4.12
CA THR D 119 11.31 12.66 5.30
C THR D 119 12.29 12.75 6.45
N MET D 120 12.21 13.84 7.22
CA MET D 120 13.18 14.17 8.27
C MET D 120 12.48 14.83 9.44
N THR D 121 13.01 14.65 10.65
CA THR D 121 12.46 15.23 11.87
C THR D 121 13.54 16.02 12.62
N LEU D 122 13.23 17.24 13.09
CA LEU D 122 14.33 18.10 13.51
C LEU D 122 13.82 19.17 14.47
N TYR D 123 14.77 19.84 15.14
CA TYR D 123 14.54 21.01 15.98
C TYR D 123 15.04 22.26 15.26
N LEU D 124 14.24 23.32 15.28
CA LEU D 124 14.57 24.59 14.63
C LEU D 124 14.54 25.70 15.67
N ARG D 125 15.62 26.49 15.73
CA ARG D 125 15.79 27.50 16.76
C ARG D 125 16.14 28.84 16.13
N HIS D 126 15.53 29.92 16.63
CA HIS D 126 15.74 31.26 16.11
C HIS D 126 16.25 32.18 17.21
N TYR D 127 17.05 33.18 16.83
CA TYR D 127 17.56 34.16 17.77
C TYR D 127 17.45 35.57 17.18
N TRP D 128 16.89 36.50 17.96
CA TRP D 128 16.83 37.90 17.56
C TRP D 128 16.58 38.74 18.80
N LYS D 129 16.64 40.06 18.63
CA LYS D 129 16.47 41.00 19.72
C LYS D 129 15.32 41.96 19.42
N ASP D 130 14.53 42.27 20.46
CA ASP D 130 13.40 43.18 20.35
C ASP D 130 13.32 44.01 21.63
N GLU D 131 13.50 45.33 21.50
CA GLU D 131 13.54 46.19 22.67
C GLU D 131 12.16 46.41 23.28
N ARG D 132 11.09 46.15 22.52
CA ARG D 132 9.75 46.31 23.07
C ARG D 132 9.42 45.25 24.10
N LEU D 133 10.19 44.17 24.16
CA LEU D 133 9.97 43.06 25.07
C LEU D 133 10.73 43.18 26.38
N SER D 134 11.58 44.20 26.52
CA SER D 134 12.37 44.36 27.73
C SER D 134 11.48 44.62 28.95
N PHE D 135 11.87 44.07 30.09
CA PHE D 135 11.15 44.24 31.34
C PHE D 135 12.13 44.45 32.49
N PRO D 136 11.72 45.15 33.55
CA PRO D 136 12.65 45.37 34.67
C PRO D 136 12.81 44.12 35.50
N SER D 137 14.01 43.95 36.06
CA SER D 137 14.27 42.86 37.00
C SER D 137 15.32 43.27 38.02
N THR D 138 15.17 42.78 39.25
CA THR D 138 16.19 42.96 40.26
C THR D 138 17.24 41.84 40.23
N ASN D 139 17.31 41.10 39.13
CA ASN D 139 18.09 39.88 39.00
C ASN D 139 18.30 39.66 37.51
N ASN D 140 18.97 38.57 37.15
CA ASN D 140 19.21 38.26 35.74
C ASN D 140 18.50 36.98 35.33
N LEU D 141 17.27 36.81 35.81
CA LEU D 141 16.45 35.65 35.49
C LEU D 141 15.55 35.91 34.30
N SER D 142 15.28 34.87 33.50
CA SER D 142 14.52 35.05 32.28
C SER D 142 13.17 34.37 32.45
N MET D 143 12.19 34.79 31.64
CA MET D 143 10.85 34.21 31.72
C MET D 143 10.58 33.33 30.50
N THR D 144 9.85 32.25 30.72
CA THR D 144 9.61 31.21 29.73
C THR D 144 8.11 31.06 29.49
N PHE D 145 7.72 30.90 28.23
CA PHE D 145 6.32 30.87 27.81
C PHE D 145 6.11 29.70 26.87
N ASP D 146 4.85 29.35 26.62
CA ASP D 146 4.66 28.23 25.72
C ASP D 146 4.05 28.81 24.45
N GLY D 147 3.33 28.00 23.67
CA GLY D 147 2.97 28.55 22.38
C GLY D 147 1.79 29.49 22.35
N ARG D 148 1.09 29.70 23.47
CA ARG D 148 -0.04 30.60 23.50
C ARG D 148 0.38 32.07 23.38
N LEU D 149 1.62 32.40 23.73
CA LEU D 149 2.13 33.76 23.60
C LEU D 149 2.46 34.12 22.15
N VAL D 150 2.62 33.13 21.28
CA VAL D 150 3.16 33.40 19.95
C VAL D 150 2.22 34.31 19.17
N LYS D 151 0.92 34.12 19.32
CA LYS D 151 -0.08 34.92 18.61
C LYS D 151 -0.18 36.34 19.13
N LYS D 152 0.58 36.72 20.16
CA LYS D 152 0.45 38.06 20.72
C LYS D 152 1.63 38.96 20.38
N ILE D 153 2.70 38.40 19.81
CA ILE D 153 3.92 39.15 19.50
C ILE D 153 4.33 38.83 18.07
N TRP D 154 5.37 39.52 17.60
CA TRP D 154 5.91 39.32 16.27
C TRP D 154 6.96 38.22 16.29
N VAL D 155 6.89 37.32 15.32
CA VAL D 155 7.89 36.26 15.16
C VAL D 155 8.21 36.07 13.69
N PRO D 156 9.38 35.51 13.38
CA PRO D 156 9.75 35.29 11.98
C PRO D 156 8.90 34.21 11.32
N ASP D 157 8.69 34.37 10.01
CA ASP D 157 7.83 33.47 9.24
C ASP D 157 8.65 32.59 8.30
N MET D 158 9.31 31.58 8.86
CA MET D 158 10.10 30.70 8.02
C MET D 158 9.24 29.60 7.41
N PHE D 159 9.61 29.16 6.21
CA PHE D 159 8.96 28.04 5.55
C PHE D 159 10.00 27.24 4.77
N PHE D 160 9.62 26.03 4.40
CA PHE D 160 10.51 25.05 3.76
C PHE D 160 10.29 25.05 2.24
N VAL D 161 11.31 25.37 1.47
CA VAL D 161 11.15 25.46 0.02
C VAL D 161 11.20 24.06 -0.61
N HIS D 162 10.39 23.84 -1.64
CA HIS D 162 10.32 22.56 -2.37
C HIS D 162 9.87 21.42 -1.46
N SER D 163 8.92 21.67 -0.58
CA SER D 163 8.43 20.58 0.25
C SER D 163 7.00 20.24 -0.14
N LYS D 164 6.62 19.00 0.17
CA LYS D 164 5.34 18.42 -0.19
C LYS D 164 4.34 18.40 0.97
N ARG D 165 4.80 18.29 2.21
CA ARG D 165 3.92 18.27 3.38
C ARG D 165 4.77 18.39 4.64
N SER D 166 4.15 18.87 5.72
CA SER D 166 4.86 19.09 6.98
C SER D 166 3.86 19.43 8.07
N PHE D 167 4.28 19.25 9.32
CA PHE D 167 3.43 19.53 10.47
C PHE D 167 4.29 19.71 11.72
N ILE D 168 3.68 20.30 12.75
CA ILE D 168 4.34 20.57 14.03
C ILE D 168 3.72 19.66 15.09
N HIS D 169 4.56 19.00 15.87
CA HIS D 169 4.09 18.00 16.83
C HIS D 169 3.33 18.66 17.97
N ASP D 170 2.25 17.99 18.45
CA ASP D 170 1.39 18.60 19.45
C ASP D 170 0.96 17.65 20.58
N THR D 171 1.83 16.72 20.97
CA THR D 171 1.54 15.83 22.08
C THR D 171 2.64 15.92 23.13
N THR D 172 2.25 16.10 24.40
CA THR D 172 0.86 16.22 24.82
C THR D 172 0.28 17.61 24.66
N THR D 173 1.15 18.56 24.33
CA THR D 173 0.73 19.90 23.97
C THR D 173 1.67 20.38 22.86
N ASP D 174 1.39 21.56 22.32
CA ASP D 174 2.22 22.06 21.23
C ASP D 174 3.68 22.14 21.64
N ASN D 175 4.56 21.67 20.76
CA ASN D 175 5.98 21.54 21.06
C ASN D 175 6.70 22.84 20.70
N VAL D 176 6.35 23.91 21.39
CA VAL D 176 6.85 25.26 21.13
C VAL D 176 7.32 25.92 22.42
N MET D 177 8.46 26.63 22.35
CA MET D 177 8.98 27.31 23.53
C MET D 177 9.48 28.71 23.18
N LEU D 178 9.29 29.65 24.12
CA LEU D 178 9.80 31.01 24.03
C LEU D 178 10.49 31.39 25.32
N ARG D 179 11.69 31.98 25.22
CA ARG D 179 12.46 32.44 26.36
C ARG D 179 12.90 33.87 26.12
N VAL D 180 12.63 34.75 27.07
CA VAL D 180 12.83 36.18 26.90
C VAL D 180 13.77 36.70 27.98
N GLN D 181 14.86 37.37 27.55
CA GLN D 181 15.84 37.88 28.49
C GLN D 181 15.44 39.27 28.96
N PRO D 182 15.93 39.71 30.13
CA PRO D 182 15.59 41.05 30.61
C PRO D 182 15.81 42.18 29.62
N ASP D 183 16.75 42.02 28.69
CA ASP D 183 17.14 43.08 27.77
C ASP D 183 16.45 42.97 26.43
N GLY D 184 15.61 41.96 26.25
CA GLY D 184 14.82 41.74 25.05
C GLY D 184 15.36 40.71 24.07
N LYS D 185 16.41 39.98 24.43
CA LYS D 185 16.83 38.85 23.59
C LYS D 185 15.84 37.69 23.67
N VAL D 186 15.52 37.12 22.51
CA VAL D 186 14.50 36.08 22.39
C VAL D 186 15.10 34.82 21.76
N LEU D 187 14.72 33.65 22.30
CA LEU D 187 14.95 32.36 21.68
C LEU D 187 13.61 31.69 21.39
N TYR D 188 13.48 31.14 20.18
CA TYR D 188 12.26 30.51 19.65
C TYR D 188 12.59 29.12 19.13
N SER D 189 11.95 28.09 19.67
CA SER D 189 12.29 26.69 19.43
C SER D 189 11.04 25.88 19.12
N LEU D 190 11.10 25.04 18.09
CA LEU D 190 9.99 24.14 17.80
C LEU D 190 10.45 22.86 17.11
N ARG D 191 9.59 21.84 17.16
CA ARG D 191 9.86 20.49 16.67
C ARG D 191 8.93 20.17 15.51
N VAL D 192 9.50 19.72 14.38
CA VAL D 192 8.79 19.67 13.10
C VAL D 192 9.23 18.46 12.28
N THR D 193 8.30 17.92 11.49
CA THR D 193 8.59 16.88 10.51
C THR D 193 8.22 17.35 9.10
N VAL D 194 9.07 17.07 8.13
CA VAL D 194 8.96 17.62 6.78
C VAL D 194 9.30 16.56 5.74
N THR D 195 8.56 16.57 4.64
CA THR D 195 8.86 15.73 3.46
C THR D 195 9.24 16.65 2.30
N ALA D 196 10.41 16.41 1.68
CA ALA D 196 10.96 17.27 0.64
C ALA D 196 11.34 16.45 -0.58
N MET D 197 11.38 17.10 -1.74
CA MET D 197 11.74 16.42 -2.98
C MET D 197 13.25 16.35 -3.16
N CYS D 198 13.67 15.34 -3.93
CA CYS D 198 15.09 15.07 -4.23
C CYS D 198 15.15 14.35 -5.58
N ASN D 199 15.39 15.13 -6.66
CA ASN D 199 15.54 14.52 -7.99
C ASN D 199 16.72 13.54 -8.01
N MET D 200 16.47 12.36 -8.58
CA MET D 200 17.41 11.25 -8.60
C MET D 200 17.66 10.76 -10.03
N ASP D 201 18.85 10.18 -10.23
CA ASP D 201 19.27 9.64 -11.52
C ASP D 201 19.72 8.20 -11.32
N PHE D 202 19.03 7.26 -11.98
CA PHE D 202 19.33 5.84 -11.82
C PHE D 202 20.06 5.26 -13.02
N SER D 203 20.77 6.08 -13.78
CA SER D 203 21.37 5.55 -14.99
C SER D 203 22.51 4.56 -14.69
N ARG D 204 23.26 4.78 -13.61
CA ARG D 204 24.39 3.94 -13.23
C ARG D 204 24.05 2.93 -12.12
N PHE D 205 22.76 2.69 -11.88
CA PHE D 205 22.35 1.74 -10.86
C PHE D 205 22.96 0.36 -11.14
N PRO D 206 23.45 -0.35 -10.11
CA PRO D 206 23.46 -0.03 -8.68
C PRO D 206 24.67 0.74 -8.20
N LEU D 207 25.43 1.37 -9.09
CA LEU D 207 26.63 2.09 -8.69
C LEU D 207 26.42 3.60 -8.66
N ASP D 208 25.18 4.04 -8.47
CA ASP D 208 24.86 5.46 -8.51
C ASP D 208 25.12 6.13 -7.16
N THR D 209 25.26 7.45 -7.21
CA THR D 209 25.38 8.32 -6.05
C THR D 209 24.39 9.47 -6.16
N GLN D 210 23.73 9.80 -5.06
CA GLN D 210 22.70 10.82 -5.04
C GLN D 210 23.03 11.91 -4.03
N THR D 211 22.64 13.15 -4.34
CA THR D 211 22.80 14.26 -3.40
C THR D 211 21.45 14.92 -3.17
N CYS D 212 21.11 15.18 -1.89
CA CYS D 212 19.84 15.79 -1.48
C CYS D 212 20.09 17.04 -0.64
N SER D 213 19.06 17.89 -0.55
CA SER D 213 19.16 19.08 0.28
C SER D 213 17.80 19.47 0.84
N LEU D 214 17.85 20.22 1.94
CA LEU D 214 16.68 20.86 2.56
C LEU D 214 16.92 22.36 2.64
N GLU D 215 15.90 23.15 2.27
CA GLU D 215 16.06 24.59 2.08
C GLU D 215 15.09 25.39 2.95
N ILE D 216 15.54 26.53 3.45
CA ILE D 216 14.82 27.31 4.46
C ILE D 216 14.78 28.77 3.99
N GLU D 217 13.60 29.38 4.02
CA GLU D 217 13.44 30.73 3.48
C GLU D 217 12.31 31.47 4.17
N SER D 218 12.39 32.79 4.13
CA SER D 218 11.34 33.68 4.63
C SER D 218 10.24 33.85 3.60
N TYR D 219 8.99 33.82 4.04
CA TYR D 219 7.92 33.87 3.03
C TYR D 219 7.67 35.28 2.52
N ALA D 220 7.67 36.28 3.42
CA ALA D 220 7.15 37.59 3.07
C ALA D 220 8.13 38.75 3.19
N TYR D 221 9.34 38.53 3.68
CA TYR D 221 10.28 39.62 3.94
C TYR D 221 11.51 39.48 3.08
N THR D 222 11.85 40.54 2.34
CA THR D 222 13.02 40.54 1.48
C THR D 222 14.26 40.89 2.30
N GLU D 223 15.44 40.72 1.69
CA GLU D 223 16.68 41.00 2.40
C GLU D 223 16.80 42.44 2.88
N ASP D 224 15.94 43.35 2.40
CA ASP D 224 15.99 44.72 2.87
C ASP D 224 15.34 44.88 4.23
N ASP D 225 14.47 43.95 4.61
CA ASP D 225 13.76 43.99 5.88
C ASP D 225 14.22 42.92 6.87
N LEU D 226 14.67 41.76 6.41
CA LEU D 226 15.10 40.69 7.30
C LEU D 226 16.35 40.03 6.73
N MET D 227 17.37 39.90 7.55
CA MET D 227 18.65 39.31 7.16
C MET D 227 18.82 37.97 7.87
N LEU D 228 18.77 36.88 7.10
CA LEU D 228 18.79 35.52 7.64
C LEU D 228 20.16 34.89 7.41
N TYR D 229 20.72 34.29 8.45
CA TYR D 229 22.08 33.76 8.39
C TYR D 229 22.24 32.61 9.38
N TRP D 230 23.26 31.78 9.16
CA TRP D 230 23.61 30.73 10.11
C TRP D 230 24.30 31.35 11.33
N LYS D 231 23.82 31.02 12.54
CA LYS D 231 24.30 31.70 13.73
C LYS D 231 25.79 31.48 13.96
N LYS D 232 26.28 30.27 13.72
CA LYS D 232 27.64 29.93 14.07
C LYS D 232 28.36 29.27 12.90
N GLY D 233 27.96 29.60 11.69
CA GLY D 233 28.65 29.04 10.54
C GLY D 233 28.37 27.56 10.44
N ASN D 234 29.44 26.78 10.31
CA ASN D 234 29.29 25.34 10.12
C ASN D 234 29.08 24.59 11.42
N ASP D 235 29.31 25.21 12.56
CA ASP D 235 28.98 24.68 13.88
C ASP D 235 27.50 24.77 14.22
N SER D 236 26.68 25.28 13.30
CA SER D 236 25.27 25.48 13.55
C SER D 236 24.42 24.25 13.28
N LEU D 237 25.01 23.17 12.77
CA LEU D 237 24.30 21.95 12.42
C LEU D 237 24.83 20.79 13.24
N LYS D 238 23.93 20.08 13.91
CA LYS D 238 24.26 18.89 14.69
C LYS D 238 23.38 17.75 14.23
N THR D 239 23.94 16.53 14.18
CA THR D 239 23.16 15.37 13.79
C THR D 239 23.25 14.26 14.84
N ASP D 240 22.20 13.46 14.92
CA ASP D 240 22.13 12.41 15.93
C ASP D 240 23.16 11.32 15.64
N GLU D 241 23.69 10.74 16.71
CA GLU D 241 24.77 9.77 16.54
C GLU D 241 24.31 8.46 15.91
N ARG D 242 23.02 8.14 15.96
CA ARG D 242 22.53 6.87 15.44
C ARG D 242 21.63 7.06 14.22
N ILE D 243 21.88 8.09 13.41
CA ILE D 243 21.04 8.34 12.25
C ILE D 243 21.39 7.33 11.17
N SER D 244 20.36 6.72 10.58
CA SER D 244 20.62 5.65 9.63
C SER D 244 19.39 5.39 8.77
N LEU D 245 19.64 4.76 7.64
CA LEU D 245 18.62 4.35 6.69
C LEU D 245 18.84 2.89 6.34
N SER D 246 17.78 2.21 5.89
CA SER D 246 17.89 0.76 5.85
C SER D 246 18.71 0.32 4.66
N GLN D 247 18.52 0.99 3.52
CA GLN D 247 19.13 0.59 2.26
C GLN D 247 20.19 1.57 1.76
N PHE D 248 20.61 2.54 2.57
CA PHE D 248 21.57 3.54 2.11
C PHE D 248 22.61 3.81 3.18
N LEU D 249 23.76 4.33 2.76
CA LEU D 249 24.76 4.86 3.68
C LEU D 249 24.78 6.37 3.54
N ILE D 250 24.94 7.08 4.65
CA ILE D 250 24.78 8.53 4.69
C ILE D 250 26.10 9.15 5.10
N GLN D 251 26.49 10.23 4.42
CA GLN D 251 27.78 10.84 4.67
C GLN D 251 27.74 12.32 4.28
N GLU D 252 28.65 13.08 4.89
CA GLU D 252 29.04 14.43 4.42
C GLU D 252 27.92 15.46 4.58
N PHE D 253 27.52 15.69 5.82
CA PHE D 253 26.62 16.80 6.15
C PHE D 253 27.37 18.12 6.16
N HIS D 254 26.78 19.17 5.59
CA HIS D 254 27.34 20.51 5.62
C HIS D 254 26.27 21.52 5.15
N THR D 255 26.55 22.80 5.37
CA THR D 255 25.63 23.91 5.13
C THR D 255 26.19 24.92 4.13
N THR D 256 25.29 25.61 3.43
CA THR D 256 25.64 26.65 2.46
C THR D 256 24.55 27.71 2.46
N THR D 257 24.81 28.82 1.78
CA THR D 257 23.83 29.91 1.65
C THR D 257 23.86 30.45 0.21
N LYS D 258 22.73 30.99 -0.23
CA LYS D 258 22.66 31.56 -1.57
C LYS D 258 21.46 32.49 -1.68
N LEU D 259 21.61 33.55 -2.47
CA LEU D 259 20.55 34.52 -2.73
C LEU D 259 19.65 34.07 -3.87
N ALA D 260 18.34 34.24 -3.69
CA ALA D 260 17.41 33.92 -4.76
C ALA D 260 16.55 35.15 -5.10
N PHE D 261 15.98 35.12 -6.30
CA PHE D 261 15.34 36.28 -6.90
C PHE D 261 13.96 35.88 -7.37
N TYR D 262 12.96 36.66 -6.98
CA TYR D 262 11.59 36.49 -7.42
C TYR D 262 11.17 37.75 -8.16
N SER D 263 10.61 37.60 -9.37
CA SER D 263 10.25 38.80 -10.13
C SER D 263 9.05 39.49 -9.52
N SER D 264 8.25 38.79 -8.72
CA SER D 264 7.09 39.41 -8.09
C SER D 264 7.47 40.32 -6.93
N THR D 265 8.52 39.99 -6.15
CA THR D 265 8.79 40.79 -4.97
C THR D 265 10.25 41.18 -4.74
N GLY D 266 11.20 40.35 -5.15
CA GLY D 266 12.57 40.78 -4.88
C GLY D 266 13.60 39.70 -4.58
N TRP D 267 14.67 40.07 -3.88
CA TRP D 267 15.73 39.16 -3.47
C TRP D 267 15.52 38.63 -2.05
N TYR D 268 15.85 37.35 -1.84
CA TYR D 268 15.67 36.69 -0.55
C TYR D 268 16.88 35.81 -0.25
N ASN D 269 17.15 35.62 1.04
CA ASN D 269 18.23 34.75 1.50
C ASN D 269 17.70 33.34 1.68
N ARG D 270 18.51 32.36 1.29
CA ARG D 270 18.11 30.95 1.36
C ARG D 270 19.23 30.14 1.98
N LEU D 271 18.88 29.21 2.88
CA LEU D 271 19.87 28.38 3.55
C LEU D 271 19.68 26.93 3.16
N TYR D 272 20.78 26.17 3.13
CA TYR D 272 20.79 24.81 2.62
C TYR D 272 21.43 23.84 3.61
N ILE D 273 20.93 22.61 3.61
CA ILE D 273 21.51 21.50 4.36
C ILE D 273 21.75 20.36 3.37
N ASN D 274 23.00 19.93 3.22
CA ASN D 274 23.36 19.00 2.16
C ASN D 274 23.92 17.68 2.71
N PHE D 275 23.67 16.58 2.00
CA PHE D 275 24.19 15.27 2.36
C PHE D 275 24.15 14.35 1.14
N THR D 276 24.79 13.18 1.28
CA THR D 276 25.05 12.26 0.18
C THR D 276 24.70 10.83 0.56
N LEU D 277 24.23 10.04 -0.43
CA LEU D 277 23.76 8.68 -0.20
C LEU D 277 24.49 7.69 -1.12
N ARG D 278 24.74 6.47 -0.61
CA ARG D 278 25.39 5.41 -1.35
C ARG D 278 24.79 4.06 -0.98
N ARG D 279 24.93 3.08 -1.87
CA ARG D 279 24.38 1.74 -1.66
C ARG D 279 25.46 0.77 -1.20
N HIS D 280 25.04 -0.46 -0.92
CA HIS D 280 25.93 -1.56 -0.58
C HIS D 280 26.20 -2.37 -1.84
N ILE D 281 27.43 -2.31 -2.35
CA ILE D 281 27.69 -2.84 -3.69
C ILE D 281 27.76 -4.36 -3.67
N PHE D 282 28.34 -4.95 -2.63
CA PHE D 282 28.56 -6.39 -2.65
C PHE D 282 27.25 -7.18 -2.66
N PHE D 283 26.23 -6.70 -1.94
CA PHE D 283 24.93 -7.35 -1.97
C PHE D 283 24.43 -7.48 -3.40
N PHE D 284 24.49 -6.39 -4.17
CA PHE D 284 23.98 -6.41 -5.54
C PHE D 284 24.87 -7.26 -6.45
N LEU D 285 26.18 -7.22 -6.25
CA LEU D 285 27.07 -8.08 -7.02
C LEU D 285 26.66 -9.54 -6.87
N LEU D 286 26.58 -10.01 -5.62
CA LEU D 286 26.24 -11.41 -5.34
C LEU D 286 24.84 -11.76 -5.83
N GLN D 287 23.88 -10.84 -5.70
CA GLN D 287 22.52 -11.18 -6.08
C GLN D 287 22.29 -11.18 -7.58
N THR D 288 22.95 -10.29 -8.33
CA THR D 288 22.69 -10.21 -9.78
C THR D 288 23.83 -10.69 -10.66
N TYR D 289 25.05 -10.17 -10.51
CA TYR D 289 26.08 -10.43 -11.51
C TYR D 289 26.63 -11.85 -11.41
N PHE D 290 26.62 -12.43 -10.21
CA PHE D 290 27.18 -13.77 -10.04
C PHE D 290 26.40 -14.84 -10.80
N PRO D 291 25.06 -14.96 -10.67
CA PRO D 291 24.36 -16.05 -11.37
C PRO D 291 24.40 -15.96 -12.88
N ALA D 292 24.26 -14.76 -13.44
CA ALA D 292 24.37 -14.57 -14.88
C ALA D 292 25.70 -15.10 -15.43
N THR D 293 26.80 -14.74 -14.78
CA THR D 293 28.12 -15.19 -15.21
C THR D 293 28.24 -16.71 -15.09
N LEU D 294 27.68 -17.27 -14.02
CA LEU D 294 27.72 -18.73 -13.87
C LEU D 294 26.95 -19.44 -14.98
N MET D 295 25.78 -18.90 -15.36
CA MET D 295 25.01 -19.52 -16.44
C MET D 295 25.71 -19.38 -17.80
N VAL D 296 26.28 -18.21 -18.09
CA VAL D 296 27.10 -18.08 -19.29
C VAL D 296 28.24 -19.11 -19.28
N MET D 297 28.89 -19.32 -18.14
CA MET D 297 29.98 -20.30 -18.14
C MET D 297 29.43 -21.72 -18.31
N LEU D 298 28.24 -21.98 -17.80
CA LEU D 298 27.64 -23.31 -17.94
C LEU D 298 27.28 -23.60 -19.39
N SER D 299 26.94 -22.57 -20.17
CA SER D 299 26.56 -22.85 -21.55
C SER D 299 27.73 -23.27 -22.44
N TRP D 300 28.97 -23.03 -22.01
CA TRP D 300 30.16 -23.44 -22.74
C TRP D 300 30.49 -24.92 -22.60
N VAL D 301 29.85 -25.62 -21.67
CA VAL D 301 30.13 -27.04 -21.43
C VAL D 301 29.79 -27.85 -22.67
N SER D 302 28.78 -27.43 -23.43
CA SER D 302 28.35 -28.23 -24.56
C SER D 302 29.40 -28.31 -25.66
N PHE D 303 30.39 -27.41 -25.68
CA PHE D 303 31.42 -27.49 -26.71
C PHE D 303 32.35 -28.68 -26.52
N TRP D 304 32.34 -29.31 -25.36
CA TRP D 304 33.22 -30.45 -25.07
C TRP D 304 32.47 -31.77 -25.10
N ILE D 305 31.21 -31.78 -25.51
CA ILE D 305 30.38 -32.97 -25.51
C ILE D 305 30.35 -33.56 -26.92
N ASP D 306 30.29 -34.90 -26.99
CA ASP D 306 30.30 -35.60 -28.27
C ASP D 306 29.15 -35.14 -29.15
N ARG D 307 29.47 -34.75 -30.38
CA ARG D 307 28.47 -34.19 -31.30
C ARG D 307 27.43 -35.20 -31.76
N ARG D 308 27.69 -36.50 -31.58
CA ARG D 308 26.73 -37.53 -31.96
C ARG D 308 25.62 -37.71 -30.93
N ALA D 309 25.77 -37.17 -29.73
CA ALA D 309 24.74 -37.22 -28.70
C ALA D 309 23.82 -36.00 -28.82
N VAL D 310 22.97 -36.06 -29.86
CA VAL D 310 21.93 -35.02 -30.05
C VAL D 310 20.96 -34.96 -28.88
N PRO D 311 20.39 -36.08 -28.39
CA PRO D 311 19.42 -35.97 -27.29
C PRO D 311 20.01 -35.43 -26.01
N ALA D 312 21.34 -35.30 -25.91
CA ALA D 312 21.94 -34.61 -24.78
C ALA D 312 22.40 -33.20 -25.10
N ARG D 313 22.64 -32.87 -26.38
CA ARG D 313 23.09 -31.52 -26.67
C ARG D 313 21.92 -30.55 -26.74
N VAL D 314 20.80 -30.96 -27.32
CA VAL D 314 19.69 -30.02 -27.53
C VAL D 314 19.00 -29.60 -26.23
N PRO D 315 18.51 -30.56 -25.40
CA PRO D 315 17.84 -30.14 -24.15
C PRO D 315 18.70 -29.27 -23.27
N LEU D 316 20.02 -29.40 -23.34
CA LEU D 316 20.88 -28.64 -22.44
C LEU D 316 20.84 -27.16 -22.80
N GLY D 317 20.99 -26.84 -24.08
CA GLY D 317 20.90 -25.46 -24.51
C GLY D 317 19.53 -24.86 -24.22
N ILE D 318 18.46 -25.61 -24.51
CA ILE D 318 17.14 -24.99 -24.34
C ILE D 318 16.81 -24.77 -22.85
N THR D 319 17.20 -25.71 -21.99
CA THR D 319 17.00 -25.51 -20.56
C THR D 319 17.86 -24.37 -20.02
N THR D 320 19.03 -24.14 -20.60
CA THR D 320 19.91 -23.07 -20.15
C THR D 320 19.26 -21.72 -20.47
N VAL D 321 18.66 -21.63 -21.66
CA VAL D 321 17.89 -20.43 -22.02
C VAL D 321 16.75 -20.22 -21.02
N LEU D 322 16.05 -21.29 -20.66
CA LEU D 322 14.91 -21.15 -19.75
C LEU D 322 15.35 -20.67 -18.37
N THR D 323 16.45 -21.22 -17.85
CA THR D 323 17.00 -20.78 -16.58
C THR D 323 17.39 -19.30 -16.61
N MET D 324 18.08 -18.87 -17.67
CA MET D 324 18.48 -17.47 -17.74
C MET D 324 17.26 -16.55 -17.80
N SER D 325 16.21 -16.95 -18.52
CA SER D 325 15.00 -16.12 -18.56
C SER D 325 14.35 -15.99 -17.18
N THR D 326 14.25 -17.10 -16.45
CA THR D 326 13.69 -17.01 -15.09
C THR D 326 14.53 -16.11 -14.20
N ILE D 327 15.87 -16.19 -14.32
CA ILE D 327 16.71 -15.32 -13.50
C ILE D 327 16.43 -13.86 -13.80
N ILE D 328 16.30 -13.51 -15.09
CA ILE D 328 16.09 -12.13 -15.46
C ILE D 328 14.74 -11.61 -14.96
N THR D 329 13.69 -12.42 -15.11
CA THR D 329 12.39 -12.04 -14.58
C THR D 329 12.44 -11.81 -13.07
N GLY D 330 13.10 -12.74 -12.36
CA GLY D 330 13.20 -12.60 -10.90
C GLY D 330 13.90 -11.33 -10.48
N VAL D 331 15.02 -11.00 -11.14
CA VAL D 331 15.74 -9.76 -10.85
C VAL D 331 14.85 -8.56 -11.17
N ASN D 332 14.04 -8.64 -12.22
CA ASN D 332 13.25 -7.49 -12.59
C ASN D 332 12.19 -7.20 -11.55
N ALA D 333 11.64 -8.25 -10.96
CA ALA D 333 10.61 -8.11 -9.93
C ALA D 333 11.11 -7.52 -8.61
N SER D 334 12.41 -7.30 -8.42
CA SER D 334 12.88 -6.89 -7.10
C SER D 334 13.57 -5.54 -7.09
N MET D 335 13.66 -4.87 -8.21
CA MET D 335 14.23 -3.54 -8.27
C MET D 335 13.13 -2.51 -8.24
N PRO D 336 13.43 -1.27 -7.87
CA PRO D 336 12.39 -0.23 -7.90
C PRO D 336 11.89 0.01 -9.32
N ARG D 337 10.59 0.25 -9.44
CA ARG D 337 9.92 0.31 -10.73
C ARG D 337 10.26 1.63 -11.43
N VAL D 338 11.43 1.66 -12.06
CA VAL D 338 11.89 2.83 -12.80
C VAL D 338 12.03 2.44 -14.25
N SER D 339 11.30 3.12 -15.15
CA SER D 339 11.16 2.56 -16.50
C SER D 339 12.06 3.31 -17.48
N TYR D 340 13.36 3.12 -17.29
CA TYR D 340 14.35 3.45 -18.30
C TYR D 340 15.59 2.61 -18.05
N ILE D 341 16.53 2.70 -18.99
CA ILE D 341 17.56 1.68 -19.12
C ILE D 341 18.68 1.93 -18.12
N LYS D 342 19.07 0.88 -17.38
CA LYS D 342 20.14 0.96 -16.39
C LYS D 342 21.23 -0.05 -16.72
N ALA D 343 22.40 0.16 -16.09
CA ALA D 343 23.60 -0.61 -16.40
C ALA D 343 23.40 -2.12 -16.25
N VAL D 344 22.74 -2.51 -15.16
CA VAL D 344 22.57 -3.92 -14.84
C VAL D 344 21.73 -4.60 -15.93
N ASP D 345 20.76 -3.87 -16.49
CA ASP D 345 20.00 -4.38 -17.63
C ASP D 345 20.91 -4.69 -18.81
N ILE D 346 21.85 -3.80 -19.10
CA ILE D 346 22.78 -4.02 -20.20
C ILE D 346 23.59 -5.30 -19.97
N TYR D 347 24.12 -5.46 -18.75
CA TYR D 347 24.86 -6.69 -18.45
C TYR D 347 24.00 -7.93 -18.69
N LEU D 348 22.76 -7.91 -18.18
CA LEU D 348 21.93 -9.11 -18.23
C LEU D 348 21.53 -9.47 -19.65
N TRP D 349 21.18 -8.48 -20.48
CA TRP D 349 20.74 -8.82 -21.84
C TRP D 349 21.92 -9.21 -22.73
N VAL D 350 23.12 -8.66 -22.50
CA VAL D 350 24.28 -9.18 -23.20
C VAL D 350 24.52 -10.65 -22.86
N SER D 351 24.39 -11.01 -21.57
CA SER D 351 24.59 -12.41 -21.24
C SER D 351 23.52 -13.30 -21.90
N PHE D 352 22.28 -12.81 -21.96
CA PHE D 352 21.24 -13.58 -22.64
C PHE D 352 21.60 -13.83 -24.10
N VAL D 353 22.14 -12.82 -24.78
CA VAL D 353 22.52 -12.99 -26.18
C VAL D 353 23.62 -14.05 -26.32
N PHE D 354 24.61 -14.04 -25.42
CA PHE D 354 25.62 -15.10 -25.47
C PHE D 354 24.98 -16.48 -25.38
N VAL D 355 24.03 -16.66 -24.45
CA VAL D 355 23.40 -17.97 -24.31
C VAL D 355 22.65 -18.38 -25.57
N PHE D 356 22.00 -17.41 -26.24
CA PHE D 356 21.29 -17.70 -27.49
C PHE D 356 22.25 -18.17 -28.60
N LEU D 357 23.37 -17.46 -28.74
CA LEU D 357 24.35 -17.82 -29.76
C LEU D 357 24.89 -19.24 -29.55
N SER D 358 25.02 -19.67 -28.30
CA SER D 358 25.56 -21.02 -28.09
C SER D 358 24.65 -22.12 -28.63
N VAL D 359 23.33 -21.89 -28.71
CA VAL D 359 22.42 -22.86 -29.31
C VAL D 359 22.50 -22.81 -30.83
N LEU D 360 22.64 -21.60 -31.38
CA LEU D 360 22.76 -21.53 -32.84
C LEU D 360 23.98 -22.30 -33.35
N GLU D 361 25.08 -22.28 -32.59
CA GLU D 361 26.29 -23.01 -32.94
C GLU D 361 26.01 -24.50 -33.18
N TYR D 362 25.40 -25.17 -32.21
CA TYR D 362 25.17 -26.60 -32.36
C TYR D 362 24.16 -26.90 -33.47
N ALA D 363 23.20 -26.02 -33.69
CA ALA D 363 22.29 -26.23 -34.82
C ALA D 363 23.10 -26.35 -36.12
N ALA D 364 24.03 -25.40 -36.33
CA ALA D 364 24.87 -25.44 -37.52
C ALA D 364 25.68 -26.73 -37.62
N VAL D 365 26.26 -27.16 -36.49
CA VAL D 365 27.13 -28.34 -36.49
C VAL D 365 26.34 -29.58 -36.88
N ASN D 366 25.14 -29.74 -36.29
CA ASN D 366 24.35 -30.92 -36.59
C ASN D 366 23.94 -30.96 -38.06
N TYR D 367 23.50 -29.81 -38.61
CA TYR D 367 23.11 -29.79 -40.02
C TYR D 367 24.28 -30.21 -40.92
N LEU D 368 25.47 -29.65 -40.67
CA LEU D 368 26.60 -29.94 -41.53
C LEU D 368 27.02 -31.41 -41.45
N THR D 369 27.03 -31.98 -40.24
CA THR D 369 27.36 -33.39 -40.11
C THR D 369 26.40 -34.27 -40.90
N THR D 370 25.09 -33.97 -40.80
CA THR D 370 24.09 -34.78 -41.47
C THR D 370 24.28 -34.71 -42.99
N VAL D 371 24.55 -33.52 -43.52
CA VAL D 371 24.82 -33.37 -44.95
C VAL D 371 26.00 -34.24 -45.36
N GLN D 372 27.09 -34.20 -44.58
CA GLN D 372 28.28 -34.95 -44.95
C GLN D 372 27.98 -36.45 -45.01
N GLU D 373 27.30 -36.97 -43.99
CA GLU D 373 26.99 -38.40 -43.96
C GLU D 373 26.11 -38.80 -45.14
N ARG D 374 25.07 -38.01 -45.43
CA ARG D 374 24.20 -38.34 -46.56
C ARG D 374 24.99 -38.34 -47.87
N LYS D 375 25.88 -37.36 -48.06
CA LYS D 375 26.68 -37.31 -49.28
C LYS D 375 27.56 -38.54 -49.41
N GLU D 376 28.23 -38.91 -48.31
CA GLU D 376 29.11 -40.07 -48.35
C GLU D 376 28.34 -41.34 -48.70
N GLN D 377 27.17 -41.53 -48.11
CA GLN D 377 26.40 -42.74 -48.40
C GLN D 377 25.90 -42.72 -49.84
N LYS D 378 25.49 -41.56 -50.35
CA LYS D 378 25.06 -41.48 -51.74
C LYS D 378 26.19 -41.81 -52.70
N LEU D 379 27.41 -41.35 -52.40
CA LEU D 379 28.55 -41.64 -53.26
C LEU D 379 28.87 -43.14 -53.27
N ARG D 380 28.80 -43.78 -52.11
CA ARG D 380 29.07 -45.21 -51.99
C ARG D 380 28.02 -46.04 -52.74
N ASP D 451 36.04 -37.78 -34.57
CA ASP D 451 36.84 -36.55 -34.55
C ASP D 451 36.00 -35.34 -34.18
N THR D 452 36.67 -34.25 -33.87
CA THR D 452 36.01 -33.02 -33.46
C THR D 452 35.79 -32.09 -34.65
N HIS D 453 34.57 -31.56 -34.78
CA HIS D 453 34.28 -30.65 -35.86
C HIS D 453 35.01 -29.32 -35.63
N ALA D 454 35.34 -28.64 -36.73
CA ALA D 454 36.16 -27.43 -36.65
C ALA D 454 35.45 -26.32 -35.88
N ILE D 455 34.12 -26.28 -35.99
CA ILE D 455 33.36 -25.21 -35.36
C ILE D 455 33.45 -25.31 -33.84
N ASP D 456 33.40 -26.53 -33.29
CA ASP D 456 33.59 -26.70 -31.86
C ASP D 456 34.99 -26.26 -31.42
N LYS D 457 36.02 -26.63 -32.19
CA LYS D 457 37.39 -26.27 -31.84
C LYS D 457 37.58 -24.76 -31.80
N TYR D 458 37.02 -24.04 -32.77
CA TYR D 458 37.14 -22.60 -32.73
C TYR D 458 36.27 -21.98 -31.64
N SER D 459 35.08 -22.55 -31.40
CA SER D 459 34.20 -21.93 -30.42
C SER D 459 34.78 -22.01 -29.02
N ARG D 460 35.41 -23.15 -28.70
CA ARG D 460 36.05 -23.34 -27.39
C ARG D 460 37.03 -22.22 -27.07
N ILE D 461 37.64 -21.60 -28.07
CA ILE D 461 38.51 -20.45 -27.78
C ILE D 461 37.76 -19.14 -27.89
N ILE D 462 36.90 -18.99 -28.90
CA ILE D 462 36.39 -17.67 -29.24
C ILE D 462 35.37 -17.19 -28.21
N PHE D 463 34.52 -18.06 -27.70
CA PHE D 463 33.47 -17.56 -26.81
C PHE D 463 34.05 -16.90 -25.54
N PRO D 464 34.93 -17.56 -24.77
CA PRO D 464 35.40 -16.94 -23.52
C PRO D 464 36.21 -15.66 -23.73
N ALA D 465 37.10 -15.61 -24.72
CA ALA D 465 37.79 -14.37 -25.06
C ALA D 465 36.84 -13.19 -25.28
N ALA D 466 35.75 -13.41 -26.02
CA ALA D 466 34.84 -12.30 -26.30
C ALA D 466 34.10 -11.88 -25.05
N TYR D 467 33.77 -12.85 -24.18
CA TYR D 467 33.13 -12.46 -22.93
C TYR D 467 34.09 -11.68 -22.04
N ILE D 468 35.37 -12.08 -21.99
CA ILE D 468 36.37 -11.35 -21.22
C ILE D 468 36.55 -9.93 -21.75
N LEU D 469 36.56 -9.75 -23.08
CA LEU D 469 36.69 -8.41 -23.63
C LEU D 469 35.47 -7.54 -23.30
N PHE D 470 34.27 -8.11 -23.42
CA PHE D 470 33.08 -7.38 -22.99
C PHE D 470 33.20 -6.95 -21.54
N ASN D 471 33.69 -7.84 -20.67
CA ASN D 471 33.77 -7.47 -19.25
C ASN D 471 34.77 -6.35 -19.02
N LEU D 472 35.91 -6.39 -19.71
CA LEU D 472 36.90 -5.33 -19.57
C LEU D 472 36.31 -3.98 -19.97
N ILE D 473 35.64 -3.93 -21.13
CA ILE D 473 35.07 -2.66 -21.58
C ILE D 473 33.99 -2.17 -20.62
N TYR D 474 33.07 -3.07 -20.24
CA TYR D 474 31.99 -2.70 -19.33
C TYR D 474 32.53 -2.12 -18.03
N TRP D 475 33.46 -2.82 -17.38
CA TRP D 475 33.96 -2.33 -16.10
C TRP D 475 34.93 -1.17 -16.24
N SER D 476 35.47 -0.91 -17.43
CA SER D 476 36.23 0.32 -17.57
C SER D 476 35.32 1.52 -17.72
N ILE D 477 34.11 1.30 -18.20
CA ILE D 477 33.14 2.36 -18.47
C ILE D 477 32.35 2.73 -17.21
N PHE D 478 31.86 1.73 -16.49
CA PHE D 478 31.01 1.96 -15.31
C PHE D 478 31.78 1.89 -13.99
N SER D 479 33.11 1.88 -14.03
CA SER D 479 33.96 1.83 -12.83
C SER D 479 33.78 0.54 -12.03
N LYS E 74 -1.75 51.26 15.77
CA LYS E 74 -2.18 50.02 15.14
C LYS E 74 -2.36 50.23 13.65
N SER E 75 -1.72 49.34 12.87
CA SER E 75 -1.75 49.43 11.42
C SER E 75 -3.14 49.15 10.85
N GLU E 76 -3.95 48.35 11.55
CA GLU E 76 -5.29 48.06 11.07
C GLU E 76 -6.26 49.22 11.30
N GLN E 77 -5.83 50.26 12.01
CA GLN E 77 -6.64 51.47 12.11
C GLN E 77 -6.34 52.46 10.99
N LEU E 78 -5.26 52.26 10.24
CA LEU E 78 -5.01 53.09 9.06
C LEU E 78 -5.99 52.75 7.94
N LEU E 79 -6.38 51.49 7.81
CA LEU E 79 -7.51 51.08 6.99
C LEU E 79 -8.75 51.16 7.87
N ARG E 80 -9.75 51.92 7.44
CA ARG E 80 -11.02 52.03 8.15
C ARG E 80 -11.78 50.72 8.01
N ILE E 81 -11.38 49.74 8.83
CA ILE E 81 -11.94 48.40 8.71
C ILE E 81 -13.42 48.38 9.10
N ASP E 82 -13.77 49.12 10.15
CA ASP E 82 -15.08 49.08 10.79
C ASP E 82 -16.10 49.97 10.09
N ASP E 83 -15.69 50.62 9.00
CA ASP E 83 -16.37 51.74 8.37
C ASP E 83 -16.91 51.32 7.02
N HIS E 84 -16.75 50.06 6.67
CA HIS E 84 -17.17 49.51 5.39
C HIS E 84 -17.71 48.11 5.61
N ASP E 85 -18.68 47.74 4.79
CA ASP E 85 -19.20 46.37 4.76
C ASP E 85 -18.34 45.57 3.80
N PHE E 86 -17.50 44.69 4.33
CA PHE E 86 -16.66 43.85 3.49
C PHE E 86 -17.30 42.50 3.18
N SER E 87 -18.62 42.41 3.21
CA SER E 87 -19.28 41.23 2.72
C SER E 87 -19.80 41.40 1.30
N MET E 88 -19.64 42.58 0.71
CA MET E 88 -19.93 42.86 -0.67
C MET E 88 -18.65 43.18 -1.43
N ARG E 89 -18.70 42.98 -2.74
CA ARG E 89 -17.55 43.15 -3.60
C ARG E 89 -17.27 44.63 -3.85
N PRO E 90 -16.04 44.97 -4.21
CA PRO E 90 -15.77 46.33 -4.68
C PRO E 90 -16.57 46.62 -5.95
N GLY E 91 -17.02 47.86 -6.09
CA GLY E 91 -17.87 48.20 -7.22
C GLY E 91 -19.24 47.56 -7.26
N PHE E 92 -19.78 47.15 -6.10
CA PHE E 92 -21.08 46.51 -6.05
C PHE E 92 -22.14 47.39 -6.71
N GLY E 93 -22.98 46.77 -7.53
CA GLY E 93 -24.06 47.48 -8.18
C GLY E 93 -23.74 48.01 -9.56
N GLY E 94 -22.48 47.91 -10.00
CA GLY E 94 -22.06 48.42 -11.28
C GLY E 94 -21.37 47.37 -12.11
N PRO E 95 -20.42 47.77 -12.95
CA PRO E 95 -19.73 46.79 -13.78
C PRO E 95 -18.88 45.85 -12.94
N ALA E 96 -18.57 44.69 -13.53
CA ALA E 96 -17.76 43.67 -12.89
C ALA E 96 -16.34 44.16 -12.62
N ILE E 97 -15.74 43.59 -11.58
CA ILE E 97 -14.38 43.96 -11.17
C ILE E 97 -13.41 42.97 -11.80
N PRO E 98 -12.43 43.44 -12.57
CA PRO E 98 -11.41 42.54 -13.13
C PRO E 98 -10.43 42.03 -12.10
N VAL E 99 -10.07 40.74 -12.22
CA VAL E 99 -9.14 40.07 -11.31
C VAL E 99 -8.13 39.31 -12.15
N GLY E 100 -6.85 39.59 -11.96
CA GLY E 100 -5.80 39.03 -12.78
C GLY E 100 -4.97 38.02 -12.01
N VAL E 101 -4.54 36.95 -12.71
CA VAL E 101 -3.99 35.75 -12.08
C VAL E 101 -2.63 35.41 -12.68
N ASP E 102 -1.68 35.01 -11.81
CA ASP E 102 -0.38 34.51 -12.21
C ASP E 102 -0.11 33.20 -11.48
N VAL E 103 0.63 32.29 -12.11
CA VAL E 103 0.87 30.97 -11.52
C VAL E 103 2.33 30.58 -11.66
N GLN E 104 2.92 30.03 -10.58
CA GLN E 104 4.27 29.49 -10.61
C GLN E 104 4.24 28.06 -10.12
N VAL E 105 4.57 27.11 -11.00
CA VAL E 105 4.58 25.69 -10.65
C VAL E 105 5.93 25.33 -10.04
N GLU E 106 5.92 24.77 -8.84
CA GLU E 106 7.13 24.34 -8.18
C GLU E 106 7.47 22.88 -8.40
N SER E 107 6.49 21.98 -8.55
CA SER E 107 6.89 20.58 -8.71
C SER E 107 5.70 19.72 -9.10
N LEU E 108 6.01 18.55 -9.65
CA LEU E 108 5.04 17.50 -9.93
C LEU E 108 5.34 16.33 -9.01
N ASP E 109 4.39 16.00 -8.14
CA ASP E 109 4.68 15.16 -6.99
C ASP E 109 4.50 13.67 -7.25
N SER E 110 3.44 13.27 -7.93
CA SER E 110 3.20 11.87 -8.23
C SER E 110 2.17 11.77 -9.34
N ILE E 111 2.05 10.55 -9.90
CA ILE E 111 0.96 10.24 -10.82
C ILE E 111 0.47 8.80 -10.58
N SER E 112 -0.82 8.60 -10.77
CA SER E 112 -1.49 7.32 -10.50
C SER E 112 -2.17 6.88 -11.78
N GLU E 113 -1.68 5.79 -12.37
CA GLU E 113 -2.24 5.32 -13.63
C GLU E 113 -3.55 4.55 -13.45
N VAL E 114 -3.70 3.81 -12.35
CA VAL E 114 -4.93 3.06 -12.11
C VAL E 114 -6.06 3.99 -11.72
N ASP E 115 -5.80 4.97 -10.87
CA ASP E 115 -6.82 5.91 -10.45
C ASP E 115 -6.95 7.13 -11.37
N MET E 116 -5.98 7.34 -12.28
CA MET E 116 -6.04 8.38 -13.30
C MET E 116 -6.13 9.78 -12.68
N ASP E 117 -5.02 10.18 -12.02
CA ASP E 117 -4.92 11.51 -11.45
C ASP E 117 -3.45 11.87 -11.27
N PHE E 118 -3.20 13.15 -10.95
CA PHE E 118 -1.85 13.65 -10.69
C PHE E 118 -1.88 14.71 -9.61
N THR E 119 -0.70 14.98 -9.03
CA THR E 119 -0.55 15.91 -7.92
C THR E 119 0.51 16.95 -8.23
N MET E 120 0.25 18.20 -7.85
CA MET E 120 1.08 19.35 -8.20
C MET E 120 1.13 20.34 -7.04
N THR E 121 2.23 21.08 -6.94
CA THR E 121 2.42 22.09 -5.89
C THR E 121 2.80 23.44 -6.51
N LEU E 122 2.18 24.55 -6.07
CA LEU E 122 2.31 25.76 -6.87
C LEU E 122 2.03 26.98 -6.02
N TYR E 123 2.38 28.15 -6.55
CA TYR E 123 2.06 29.46 -5.99
C TYR E 123 0.97 30.12 -6.84
N LEU E 124 -0.02 30.71 -6.17
CA LEU E 124 -1.16 31.36 -6.82
C LEU E 124 -1.23 32.81 -6.36
N ARG E 125 -1.30 33.74 -7.30
CA ARG E 125 -1.24 35.16 -7.00
C ARG E 125 -2.39 35.90 -7.68
N HIS E 126 -3.01 36.82 -6.96
CA HIS E 126 -4.16 37.58 -7.44
C HIS E 126 -3.85 39.07 -7.41
N TYR E 127 -4.45 39.82 -8.34
CA TYR E 127 -4.30 41.28 -8.38
C TYR E 127 -5.64 41.94 -8.62
N TRP E 128 -5.98 42.94 -7.81
CA TRP E 128 -7.18 43.74 -8.01
C TRP E 128 -7.04 45.04 -7.22
N LYS E 129 -7.99 45.94 -7.43
CA LYS E 129 -7.98 47.25 -6.80
C LYS E 129 -9.24 47.45 -5.97
N ASP E 130 -9.08 48.07 -4.79
CA ASP E 130 -10.20 48.37 -3.89
C ASP E 130 -9.94 49.74 -3.26
N GLU E 131 -10.83 50.70 -3.53
CA GLU E 131 -10.63 52.05 -3.05
C GLU E 131 -10.92 52.18 -1.56
N ARG E 132 -11.65 51.23 -0.96
CA ARG E 132 -11.92 51.29 0.47
C ARG E 132 -10.68 51.01 1.30
N LEU E 133 -9.64 50.46 0.70
CA LEU E 133 -8.40 50.10 1.38
C LEU E 133 -7.34 51.20 1.33
N SER E 134 -7.59 52.29 0.62
CA SER E 134 -6.62 53.36 0.50
C SER E 134 -6.35 54.02 1.84
N PHE E 135 -5.10 54.39 2.08
CA PHE E 135 -4.68 55.06 3.29
C PHE E 135 -3.71 56.19 2.98
N PRO E 136 -3.64 57.23 3.82
CA PRO E 136 -2.71 58.33 3.53
C PRO E 136 -1.28 57.92 3.85
N SER E 137 -0.34 58.48 3.07
CA SER E 137 1.07 58.30 3.35
C SER E 137 1.87 59.51 2.90
N THR E 138 2.93 59.83 3.65
CA THR E 138 3.86 60.87 3.22
C THR E 138 4.98 60.31 2.33
N ASN E 139 4.78 59.12 1.78
CA ASN E 139 5.82 58.35 1.09
C ASN E 139 5.08 57.36 0.21
N ASN E 140 5.83 56.52 -0.50
CA ASN E 140 5.21 55.52 -1.37
C ASN E 140 5.52 54.11 -0.89
N LEU E 141 5.47 53.91 0.41
CA LEU E 141 5.71 52.61 1.03
C LEU E 141 4.41 51.85 1.24
N SER E 142 4.48 50.51 1.14
CA SER E 142 3.28 49.70 1.21
C SER E 142 3.33 48.91 2.51
N MET E 143 2.15 48.45 2.96
CA MET E 143 2.07 47.68 4.20
C MET E 143 1.76 46.22 3.88
N THR E 144 2.32 45.33 4.68
CA THR E 144 2.27 43.89 4.46
C THR E 144 1.64 43.21 5.67
N PHE E 145 0.78 42.22 5.42
CA PHE E 145 -0.01 41.55 6.44
C PHE E 145 0.08 40.05 6.22
N ASP E 146 -0.34 39.27 7.23
CA ASP E 146 -0.25 37.84 7.01
C ASP E 146 -1.69 37.33 6.91
N GLY E 147 -1.93 36.06 7.20
CA GLY E 147 -3.27 35.60 6.87
C GLY E 147 -4.37 35.95 7.85
N ARG E 148 -4.04 36.57 8.99
CA ARG E 148 -5.07 36.95 9.95
C ARG E 148 -5.95 38.09 9.45
N LEU E 149 -5.46 38.91 8.53
CA LEU E 149 -6.25 39.99 7.95
C LEU E 149 -7.29 39.50 6.95
N VAL E 150 -7.13 38.28 6.44
CA VAL E 150 -7.97 37.84 5.32
C VAL E 150 -9.43 37.79 5.73
N LYS E 151 -9.71 37.37 6.95
CA LYS E 151 -11.07 37.27 7.44
C LYS E 151 -11.72 38.61 7.72
N LYS E 152 -11.02 39.72 7.54
CA LYS E 152 -11.59 41.02 7.84
C LYS E 152 -11.94 41.84 6.62
N ILE E 153 -11.52 41.40 5.43
CA ILE E 153 -11.76 42.11 4.19
C ILE E 153 -12.31 41.14 3.14
N TRP E 154 -12.66 41.68 1.98
CA TRP E 154 -13.17 40.89 0.88
C TRP E 154 -12.02 40.38 0.01
N VAL E 155 -12.08 39.10 -0.35
CA VAL E 155 -11.09 38.50 -1.25
C VAL E 155 -11.80 37.58 -2.23
N PRO E 156 -11.18 37.31 -3.38
CA PRO E 156 -11.79 36.41 -4.37
C PRO E 156 -11.83 34.97 -3.90
N ASP E 157 -12.85 34.25 -4.34
CA ASP E 157 -13.09 32.87 -3.91
C ASP E 157 -12.80 31.88 -5.05
N MET E 158 -11.52 31.65 -5.31
CA MET E 158 -11.17 30.72 -6.38
C MET E 158 -11.17 29.28 -5.85
N PHE E 159 -11.51 28.35 -6.74
CA PHE E 159 -11.45 26.92 -6.44
C PHE E 159 -11.03 26.16 -7.69
N PHE E 160 -10.60 24.92 -7.48
CA PHE E 160 -10.03 24.05 -8.51
C PHE E 160 -11.10 23.10 -9.05
N VAL E 161 -11.41 23.17 -10.33
CA VAL E 161 -12.45 22.31 -10.89
C VAL E 161 -11.92 20.91 -11.18
N HIS E 162 -12.77 19.90 -10.95
CA HIS E 162 -12.41 18.49 -11.17
C HIS E 162 -11.25 18.04 -10.30
N SER E 163 -11.21 18.48 -9.05
CA SER E 163 -10.15 18.02 -8.18
C SER E 163 -10.73 17.12 -7.09
N LYS E 164 -9.85 16.27 -6.56
CA LYS E 164 -10.20 15.25 -5.58
C LYS E 164 -9.83 15.63 -4.15
N ARG E 165 -8.77 16.42 -3.95
CA ARG E 165 -8.35 16.85 -2.62
C ARG E 165 -7.29 17.93 -2.76
N SER E 166 -7.15 18.76 -1.72
CA SER E 166 -6.21 19.88 -1.75
C SER E 166 -6.12 20.50 -0.36
N PHE E 167 -5.03 21.23 -0.13
CA PHE E 167 -4.81 21.88 1.16
C PHE E 167 -3.79 23.01 0.99
N ILE E 168 -3.75 23.89 2.00
CA ILE E 168 -2.84 25.04 2.02
C ILE E 168 -1.81 24.81 3.11
N HIS E 169 -0.54 25.03 2.78
CA HIS E 169 0.55 24.71 3.70
C HIS E 169 0.56 25.66 4.90
N ASP E 170 0.89 25.13 6.09
CA ASP E 170 0.80 25.95 7.31
C ASP E 170 1.99 25.77 8.26
N THR E 171 3.18 25.57 7.72
CA THR E 171 4.38 25.47 8.56
C THR E 171 5.43 26.47 8.10
N THR E 172 5.97 27.26 9.03
CA THR E 172 5.62 27.20 10.44
C THR E 172 4.38 28.00 10.82
N THR E 173 3.87 28.75 9.85
CA THR E 173 2.59 29.42 9.97
C THR E 173 1.93 29.39 8.61
N ASP E 174 0.69 29.86 8.54
CA ASP E 174 -0.02 29.84 7.27
C ASP E 174 0.77 30.56 6.18
N ASN E 175 0.84 29.93 5.01
CA ASN E 175 1.67 30.44 3.92
C ASN E 175 0.86 31.39 3.04
N VAL E 176 0.47 32.51 3.65
CA VAL E 176 -0.40 33.51 3.03
C VAL E 176 0.18 34.91 3.19
N MET E 177 0.10 35.73 2.13
CA MET E 177 0.61 37.08 2.21
C MET E 177 -0.35 38.07 1.54
N LEU E 178 -0.42 39.28 2.13
CA LEU E 178 -1.19 40.39 1.57
C LEU E 178 -0.34 41.66 1.56
N ARG E 179 -0.32 42.37 0.44
CA ARG E 179 0.40 43.62 0.29
C ARG E 179 -0.53 44.68 -0.27
N VAL E 180 -0.60 45.83 0.39
CA VAL E 180 -1.57 46.86 0.06
C VAL E 180 -0.85 48.15 -0.28
N GLN E 181 -1.15 48.72 -1.46
CA GLN E 181 -0.51 49.95 -1.89
C GLN E 181 -1.28 51.16 -1.39
N PRO E 182 -0.63 52.32 -1.27
CA PRO E 182 -1.33 53.51 -0.79
C PRO E 182 -2.63 53.84 -1.51
N ASP E 183 -2.76 53.44 -2.78
CA ASP E 183 -3.90 53.79 -3.60
C ASP E 183 -4.96 52.70 -3.64
N GLY E 184 -4.73 51.60 -2.94
CA GLY E 184 -5.66 50.50 -2.83
C GLY E 184 -5.41 49.30 -3.73
N LYS E 185 -4.29 49.26 -4.43
CA LYS E 185 -3.92 48.04 -5.16
C LYS E 185 -3.49 46.93 -4.20
N VAL E 186 -3.97 45.72 -4.44
CA VAL E 186 -3.76 44.57 -3.57
C VAL E 186 -3.10 43.43 -4.33
N LEU E 187 -2.14 42.77 -3.69
CA LEU E 187 -1.59 41.49 -4.13
C LEU E 187 -1.86 40.42 -3.07
N TYR E 188 -2.32 39.25 -3.50
CA TYR E 188 -2.72 38.13 -2.66
C TYR E 188 -2.01 36.87 -3.14
N SER E 189 -1.23 36.24 -2.27
CA SER E 189 -0.33 35.14 -2.63
C SER E 189 -0.49 33.99 -1.64
N LEU E 190 -0.56 32.75 -2.16
CA LEU E 190 -0.59 31.59 -1.28
C LEU E 190 -0.02 30.35 -1.95
N ARG E 191 0.37 29.37 -1.12
CA ARG E 191 1.05 28.14 -1.54
C ARG E 191 0.14 26.94 -1.28
N VAL E 192 -0.07 26.09 -2.29
CA VAL E 192 -1.13 25.10 -2.28
C VAL E 192 -0.69 23.82 -3.00
N THR E 193 -1.21 22.68 -2.55
CA THR E 193 -1.04 21.39 -3.22
C THR E 193 -2.39 20.81 -3.59
N VAL E 194 -2.50 20.26 -4.81
CA VAL E 194 -3.79 19.85 -5.37
C VAL E 194 -3.62 18.53 -6.12
N THR E 195 -4.62 17.66 -6.02
CA THR E 195 -4.72 16.42 -6.80
C THR E 195 -5.93 16.52 -7.73
N ALA E 196 -5.71 16.31 -9.03
CA ALA E 196 -6.73 16.49 -10.05
C ALA E 196 -6.83 15.27 -10.94
N MET E 197 -8.00 15.07 -11.56
CA MET E 197 -8.20 13.93 -12.44
C MET E 197 -7.69 14.19 -13.85
N CYS E 198 -7.36 13.10 -14.53
CA CYS E 198 -6.82 13.14 -15.91
C CYS E 198 -7.19 11.81 -16.58
N ASN E 199 -8.30 11.82 -17.34
CA ASN E 199 -8.70 10.61 -18.09
C ASN E 199 -7.62 10.20 -19.08
N MET E 200 -7.30 8.90 -19.08
CA MET E 200 -6.22 8.34 -19.87
C MET E 200 -6.71 7.20 -20.76
N ASP E 201 -6.00 6.97 -21.86
CA ASP E 201 -6.32 5.93 -22.83
C ASP E 201 -5.07 5.08 -23.06
N PHE E 202 -5.13 3.80 -22.73
CA PHE E 202 -3.98 2.92 -22.85
C PHE E 202 -4.09 1.97 -24.04
N SER E 203 -4.84 2.34 -25.07
CA SER E 203 -5.04 1.39 -26.16
C SER E 203 -3.76 1.16 -26.97
N ARG E 204 -2.91 2.19 -27.11
CA ARG E 204 -1.68 2.11 -27.88
C ARG E 204 -0.43 1.91 -27.00
N PHE E 205 -0.61 1.51 -25.75
CA PHE E 205 0.51 1.28 -24.85
C PHE E 205 1.48 0.25 -25.46
N PRO E 206 2.80 0.48 -25.37
CA PRO E 206 3.52 1.57 -24.70
C PRO E 206 3.79 2.79 -25.57
N LEU E 207 3.09 2.95 -26.69
CA LEU E 207 3.34 4.06 -27.59
C LEU E 207 2.28 5.15 -27.45
N ASP E 208 1.64 5.25 -26.29
CA ASP E 208 0.54 6.19 -26.09
C ASP E 208 1.07 7.57 -25.70
N THR E 209 0.22 8.58 -25.92
CA THR E 209 0.45 9.95 -25.50
C THR E 209 -0.77 10.47 -24.74
N GLN E 210 -0.53 11.18 -23.64
CA GLN E 210 -1.59 11.65 -22.77
C GLN E 210 -1.55 13.17 -22.63
N THR E 211 -2.71 13.80 -22.49
CA THR E 211 -2.77 15.25 -22.23
C THR E 211 -3.57 15.49 -20.96
N CYS E 212 -3.06 16.34 -20.06
CA CYS E 212 -3.68 16.68 -18.79
C CYS E 212 -3.88 18.19 -18.66
N SER E 213 -4.78 18.57 -17.75
CA SER E 213 -4.99 20.00 -17.49
C SER E 213 -5.41 20.24 -16.05
N LEU E 214 -5.18 21.47 -15.60
CA LEU E 214 -5.65 21.98 -14.31
C LEU E 214 -6.50 23.22 -14.54
N GLU E 215 -7.65 23.31 -13.86
CA GLU E 215 -8.66 24.32 -14.16
C GLU E 215 -9.01 25.15 -12.93
N ILE E 216 -9.27 26.43 -13.14
CA ILE E 216 -9.41 27.42 -12.06
C ILE E 216 -10.68 28.21 -12.32
N GLU E 217 -11.53 28.36 -11.29
CA GLU E 217 -12.82 28.99 -11.48
C GLU E 217 -13.30 29.63 -10.19
N SER E 218 -14.17 30.63 -10.33
CA SER E 218 -14.83 31.29 -9.22
C SER E 218 -16.04 30.48 -8.76
N TYR E 219 -16.23 30.35 -7.44
CA TYR E 219 -17.32 29.50 -7.00
C TYR E 219 -18.69 30.19 -7.08
N ALA E 220 -18.76 31.46 -6.70
CA ALA E 220 -20.05 32.10 -6.46
C ALA E 220 -20.36 33.31 -7.33
N TYR E 221 -19.43 33.79 -8.14
CA TYR E 221 -19.63 35.03 -8.88
C TYR E 221 -19.61 34.77 -10.38
N THR E 222 -20.65 35.22 -11.07
CA THR E 222 -20.75 35.04 -12.51
C THR E 222 -19.97 36.15 -13.22
N GLU E 223 -19.79 36.00 -14.53
CA GLU E 223 -19.05 36.99 -15.29
C GLU E 223 -19.64 38.39 -15.23
N ASP E 224 -20.88 38.53 -14.75
CA ASP E 224 -21.47 39.86 -14.64
C ASP E 224 -20.95 40.61 -13.41
N ASP E 225 -20.43 39.88 -12.43
CA ASP E 225 -19.90 40.46 -11.20
C ASP E 225 -18.39 40.39 -11.07
N LEU E 226 -17.75 39.38 -11.65
CA LEU E 226 -16.30 39.22 -11.54
C LEU E 226 -15.75 38.75 -12.87
N MET E 227 -14.73 39.43 -13.38
CA MET E 227 -14.10 39.12 -14.66
C MET E 227 -12.69 38.59 -14.41
N LEU E 228 -12.49 37.30 -14.68
CA LEU E 228 -11.24 36.60 -14.38
C LEU E 228 -10.44 36.40 -15.66
N TYR E 229 -9.15 36.73 -15.62
CA TYR E 229 -8.32 36.68 -16.83
C TYR E 229 -6.86 36.47 -16.44
N TRP E 230 -6.06 35.99 -17.40
CA TRP E 230 -4.62 35.87 -17.20
C TRP E 230 -3.98 37.26 -17.25
N LYS E 231 -3.18 37.60 -16.24
CA LYS E 231 -2.66 38.96 -16.11
C LYS E 231 -1.80 39.36 -17.30
N LYS E 232 -0.96 38.45 -17.77
CA LYS E 232 0.02 38.79 -18.79
C LYS E 232 -0.02 37.81 -19.95
N GLY E 233 -1.18 37.22 -20.21
CA GLY E 233 -1.28 36.31 -21.33
C GLY E 233 -0.47 35.07 -21.07
N ASN E 234 0.37 34.70 -22.04
CA ASN E 234 1.14 33.48 -21.93
C ASN E 234 2.39 33.62 -21.08
N ASP E 235 2.81 34.84 -20.77
CA ASP E 235 3.88 35.13 -19.82
C ASP E 235 3.47 34.97 -18.37
N SER E 236 2.22 34.57 -18.11
CA SER E 236 1.70 34.46 -16.76
C SER E 236 2.01 33.13 -16.09
N LEU E 237 2.63 32.20 -16.81
CA LEU E 237 2.92 30.86 -16.31
C LEU E 237 4.42 30.63 -16.32
N LYS E 238 4.97 30.24 -15.17
CA LYS E 238 6.39 29.90 -15.04
C LYS E 238 6.50 28.52 -14.43
N THR E 239 7.50 27.74 -14.89
CA THR E 239 7.71 26.42 -14.35
C THR E 239 9.15 26.24 -13.87
N ASP E 240 9.33 25.38 -12.87
CA ASP E 240 10.64 25.17 -12.29
C ASP E 240 11.57 24.48 -13.27
N GLU E 241 12.86 24.83 -13.20
CA GLU E 241 13.81 24.32 -14.18
C GLU E 241 14.08 22.83 -14.02
N ARG E 242 13.82 22.24 -12.86
CA ARG E 242 14.14 20.84 -12.62
C ARG E 242 12.88 20.00 -12.42
N ILE E 243 11.78 20.36 -13.08
CA ILE E 243 10.54 19.61 -12.91
C ILE E 243 10.65 18.31 -13.68
N SER E 244 10.26 17.21 -13.04
CA SER E 244 10.47 15.91 -13.67
C SER E 244 9.60 14.86 -13.00
N LEU E 245 9.38 13.78 -13.74
CA LEU E 245 8.65 12.61 -13.27
C LEU E 245 9.47 11.37 -13.57
N SER E 246 9.23 10.29 -12.83
CA SER E 246 10.20 9.22 -12.88
C SER E 246 10.04 8.41 -14.16
N GLN E 247 8.80 8.17 -14.56
CA GLN E 247 8.48 7.30 -15.69
C GLN E 247 7.92 8.04 -16.89
N PHE E 248 7.97 9.37 -16.93
CA PHE E 248 7.37 10.13 -18.02
C PHE E 248 8.30 11.27 -18.43
N LEU E 249 8.13 11.73 -19.67
CA LEU E 249 8.75 12.97 -20.13
C LEU E 249 7.67 14.03 -20.28
N ILE E 250 7.99 15.27 -19.92
CA ILE E 250 6.98 16.32 -19.83
C ILE E 250 7.36 17.43 -20.80
N GLN E 251 6.36 17.93 -21.53
CA GLN E 251 6.61 18.92 -22.57
C GLN E 251 5.37 19.77 -22.79
N GLU E 252 5.60 20.98 -23.32
CA GLU E 252 4.58 21.82 -23.95
C GLU E 252 3.55 22.36 -22.94
N PHE E 253 4.05 23.17 -22.00
CA PHE E 253 3.18 23.93 -21.11
C PHE E 253 2.61 25.15 -21.82
N HIS E 254 1.32 25.41 -21.63
CA HIS E 254 0.67 26.61 -22.16
C HIS E 254 -0.70 26.78 -21.50
N THR E 255 -1.30 27.96 -21.70
CA THR E 255 -2.55 28.38 -21.05
C THR E 255 -3.63 28.70 -22.07
N THR E 256 -4.89 28.53 -21.65
CA THR E 256 -6.07 28.84 -22.46
C THR E 256 -7.19 29.33 -21.56
N THR E 257 -8.27 29.82 -22.16
CA THR E 257 -9.45 30.28 -21.42
C THR E 257 -10.72 29.85 -22.16
N LYS E 258 -11.80 29.66 -21.40
CA LYS E 258 -13.07 29.26 -22.02
C LYS E 258 -14.21 29.54 -21.05
N LEU E 259 -15.35 29.92 -21.62
CA LEU E 259 -16.57 30.19 -20.85
C LEU E 259 -17.36 28.91 -20.59
N ALA E 260 -17.86 28.76 -19.37
CA ALA E 260 -18.71 27.62 -19.04
C ALA E 260 -20.05 28.09 -18.51
N PHE E 261 -21.04 27.20 -18.59
CA PHE E 261 -22.44 27.53 -18.37
C PHE E 261 -23.01 26.55 -17.36
N TYR E 262 -23.67 27.08 -16.35
CA TYR E 262 -24.37 26.29 -15.34
C TYR E 262 -25.84 26.68 -15.39
N SER E 263 -26.73 25.68 -15.47
CA SER E 263 -28.15 26.03 -15.58
C SER E 263 -28.68 26.56 -14.26
N SER E 264 -28.00 26.29 -13.15
CA SER E 264 -28.46 26.79 -11.86
C SER E 264 -28.18 28.28 -11.68
N THR E 265 -27.05 28.79 -12.20
CA THR E 265 -26.72 30.18 -11.91
C THR E 265 -26.25 31.02 -13.10
N GLY E 266 -25.60 30.43 -14.09
CA GLY E 266 -25.17 31.31 -15.18
C GLY E 266 -23.88 30.97 -15.88
N TRP E 267 -23.26 31.98 -16.50
CA TRP E 267 -21.98 31.84 -17.20
C TRP E 267 -20.80 32.22 -16.31
N TYR E 268 -19.69 31.50 -16.44
CA TYR E 268 -18.50 31.70 -15.63
C TYR E 268 -17.26 31.57 -16.51
N ASN E 269 -16.19 32.28 -16.11
CA ASN E 269 -14.91 32.21 -16.80
C ASN E 269 -14.06 31.11 -16.19
N ARG E 270 -13.35 30.36 -17.04
CA ARG E 270 -12.54 29.24 -16.59
C ARG E 270 -11.16 29.33 -17.24
N LEU E 271 -10.10 29.06 -16.45
CA LEU E 271 -8.74 29.13 -16.96
C LEU E 271 -8.12 27.75 -16.91
N TYR E 272 -7.20 27.49 -17.86
CA TYR E 272 -6.63 26.16 -18.06
C TYR E 272 -5.11 26.21 -18.09
N ILE E 273 -4.49 25.14 -17.60
CA ILE E 273 -3.04 24.91 -17.71
C ILE E 273 -2.85 23.55 -18.33
N ASN E 274 -2.17 23.49 -19.49
CA ASN E 274 -2.09 22.27 -20.29
C ASN E 274 -0.66 21.77 -20.43
N PHE E 275 -0.50 20.45 -20.50
CA PHE E 275 0.81 19.83 -20.74
C PHE E 275 0.62 18.40 -21.25
N THR E 276 1.73 17.79 -21.68
CA THR E 276 1.72 16.52 -22.39
C THR E 276 2.78 15.57 -21.84
N LEU E 277 2.49 14.26 -21.87
CA LEU E 277 3.35 13.23 -21.29
C LEU E 277 3.69 12.15 -22.32
N ARG E 278 4.92 11.63 -22.23
CA ARG E 278 5.40 10.57 -23.12
C ARG E 278 6.30 9.60 -22.35
N ARG E 279 6.41 8.38 -22.86
CA ARG E 279 7.22 7.34 -22.22
C ARG E 279 8.58 7.20 -22.90
N HIS E 280 9.41 6.33 -22.34
CA HIS E 280 10.71 5.95 -22.91
C HIS E 280 10.53 4.67 -23.72
N ILE E 281 10.63 4.77 -25.04
CA ILE E 281 10.21 3.65 -25.89
C ILE E 281 11.27 2.54 -25.87
N PHE E 282 12.54 2.89 -25.84
CA PHE E 282 13.57 1.86 -25.99
C PHE E 282 13.58 0.88 -24.82
N PHE E 283 13.34 1.38 -23.60
CA PHE E 283 13.23 0.50 -22.44
C PHE E 283 12.20 -0.60 -22.69
N PHE E 284 11.02 -0.22 -23.14
CA PHE E 284 9.95 -1.20 -23.36
C PHE E 284 10.27 -2.12 -24.54
N LEU E 285 10.88 -1.59 -25.59
CA LEU E 285 11.29 -2.44 -26.70
C LEU E 285 12.20 -3.56 -26.21
N LEU E 286 13.28 -3.19 -25.52
CA LEU E 286 14.25 -4.17 -25.02
C LEU E 286 13.63 -5.13 -24.00
N GLN E 287 12.73 -4.64 -23.16
CA GLN E 287 12.18 -5.51 -22.13
C GLN E 287 11.13 -6.48 -22.65
N THR E 288 10.31 -6.07 -23.62
CA THR E 288 9.23 -6.94 -24.09
C THR E 288 9.42 -7.50 -25.50
N TYR E 289 9.65 -6.66 -26.51
CA TYR E 289 9.57 -7.15 -27.88
C TYR E 289 10.78 -8.00 -28.25
N PHE E 290 11.94 -7.74 -27.65
CA PHE E 290 13.15 -8.48 -27.99
C PHE E 290 13.06 -9.96 -27.63
N PRO E 291 12.71 -10.35 -26.39
CA PRO E 291 12.71 -11.79 -26.05
C PRO E 291 11.70 -12.61 -26.83
N ALA E 292 10.48 -12.09 -27.02
CA ALA E 292 9.47 -12.77 -27.82
C ALA E 292 9.98 -13.11 -29.22
N THR E 293 10.59 -12.13 -29.89
CA THR E 293 11.13 -12.35 -31.24
C THR E 293 12.25 -13.38 -31.21
N LEU E 294 13.09 -13.33 -30.19
CA LEU E 294 14.16 -14.32 -30.09
C LEU E 294 13.60 -15.73 -29.91
N MET E 295 12.57 -15.90 -29.10
CA MET E 295 11.98 -17.23 -28.91
C MET E 295 11.28 -17.73 -30.17
N VAL E 296 10.55 -16.85 -30.86
CA VAL E 296 10.01 -17.24 -32.17
C VAL E 296 11.12 -17.68 -33.12
N MET E 297 12.25 -16.97 -33.13
CA MET E 297 13.32 -17.40 -34.03
C MET E 297 13.95 -18.71 -33.59
N LEU E 298 13.99 -18.95 -32.27
CA LEU E 298 14.52 -20.20 -31.76
C LEU E 298 13.64 -21.39 -32.11
N SER E 299 12.33 -21.18 -32.26
CA SER E 299 11.48 -22.32 -32.56
C SER E 299 11.64 -22.83 -34.00
N TRP E 300 12.25 -22.04 -34.88
CA TRP E 300 12.50 -22.43 -36.26
C TRP E 300 13.70 -23.36 -36.42
N VAL E 301 14.52 -23.53 -35.38
CA VAL E 301 15.71 -24.36 -35.44
C VAL E 301 15.31 -25.80 -35.71
N SER E 302 14.15 -26.23 -35.21
CA SER E 302 13.79 -27.64 -35.34
C SER E 302 13.54 -28.05 -36.78
N PHE E 303 13.31 -27.11 -37.70
CA PHE E 303 13.10 -27.47 -39.10
C PHE E 303 14.37 -27.99 -39.77
N TRP E 304 15.54 -27.77 -39.17
CA TRP E 304 16.80 -28.20 -39.74
C TRP E 304 17.38 -29.43 -39.05
N ILE E 305 16.63 -30.04 -38.14
CA ILE E 305 17.09 -31.17 -37.36
C ILE E 305 16.56 -32.46 -37.98
N ASP E 306 17.37 -33.52 -37.90
CA ASP E 306 17.02 -34.81 -38.48
C ASP E 306 15.71 -35.33 -37.93
N ARG E 307 14.77 -35.67 -38.81
CA ARG E 307 13.43 -36.08 -38.40
C ARG E 307 13.39 -37.41 -37.67
N ARG E 308 14.47 -38.20 -37.76
CA ARG E 308 14.54 -39.48 -37.05
C ARG E 308 14.87 -39.33 -35.57
N ALA E 309 15.36 -38.15 -35.16
CA ALA E 309 15.66 -37.88 -33.75
C ALA E 309 14.41 -37.31 -33.07
N VAL E 310 13.46 -38.21 -32.81
CA VAL E 310 12.26 -37.85 -32.05
C VAL E 310 12.59 -37.38 -30.63
N PRO E 311 13.42 -38.09 -29.84
CA PRO E 311 13.67 -37.63 -28.48
C PRO E 311 14.38 -36.29 -28.40
N ALA E 312 14.87 -35.76 -29.52
CA ALA E 312 15.38 -34.39 -29.54
C ALA E 312 14.41 -33.39 -30.16
N ARG E 313 13.47 -33.84 -30.99
CA ARG E 313 12.56 -32.86 -31.60
C ARG E 313 11.43 -32.51 -30.64
N VAL E 314 10.89 -33.49 -29.92
CA VAL E 314 9.70 -33.23 -29.09
C VAL E 314 10.00 -32.34 -27.87
N PRO E 315 10.97 -32.70 -27.02
CA PRO E 315 11.25 -31.85 -25.86
C PRO E 315 11.57 -30.41 -26.22
N LEU E 316 12.13 -30.17 -27.40
CA LEU E 316 12.53 -28.82 -27.75
C LEU E 316 11.31 -27.94 -27.96
N GLY E 317 10.33 -28.42 -28.73
CA GLY E 317 9.10 -27.67 -28.91
C GLY E 317 8.37 -27.44 -27.60
N ILE E 318 8.26 -28.48 -26.77
CA ILE E 318 7.45 -28.30 -25.56
C ILE E 318 8.15 -27.35 -24.57
N THR E 319 9.46 -27.42 -24.45
CA THR E 319 10.17 -26.47 -23.60
C THR E 319 10.10 -25.04 -24.14
N THR E 320 10.04 -24.89 -25.47
CA THR E 320 9.95 -23.55 -26.06
C THR E 320 8.62 -22.94 -25.70
N VAL E 321 7.55 -23.74 -25.75
CA VAL E 321 6.23 -23.28 -25.30
C VAL E 321 6.29 -22.86 -23.83
N LEU E 322 6.96 -23.65 -23.00
CA LEU E 322 7.01 -23.33 -21.57
C LEU E 322 7.75 -22.01 -21.31
N THR E 323 8.87 -21.81 -22.00
CA THR E 323 9.61 -20.55 -21.90
C THR E 323 8.78 -19.35 -22.33
N MET E 324 8.07 -19.47 -23.46
CA MET E 324 7.26 -18.35 -23.90
C MET E 324 6.14 -18.04 -22.91
N SER E 325 5.55 -19.07 -22.30
CA SER E 325 4.50 -18.82 -21.32
C SER E 325 5.05 -18.10 -20.09
N THR E 326 6.22 -18.51 -19.59
CA THR E 326 6.82 -17.80 -18.45
C THR E 326 7.12 -16.35 -18.81
N ILE E 327 7.61 -16.10 -20.03
CA ILE E 327 7.89 -14.71 -20.41
C ILE E 327 6.61 -13.88 -20.37
N ILE E 328 5.52 -14.42 -20.89
CA ILE E 328 4.28 -13.66 -20.95
C ILE E 328 3.74 -13.37 -19.55
N THR E 329 3.76 -14.37 -18.67
CA THR E 329 3.35 -14.13 -17.29
C THR E 329 4.20 -13.06 -16.64
N GLY E 330 5.53 -13.13 -16.82
CA GLY E 330 6.41 -12.14 -16.21
C GLY E 330 6.12 -10.73 -16.68
N VAL E 331 5.90 -10.55 -17.99
CA VAL E 331 5.55 -9.24 -18.54
C VAL E 331 4.21 -8.77 -17.97
N ASN E 332 3.28 -9.71 -17.76
CA ASN E 332 1.97 -9.30 -17.30
C ASN E 332 2.04 -8.76 -15.88
N ALA E 333 2.90 -9.35 -15.06
CA ALA E 333 3.07 -8.93 -13.68
C ALA E 333 3.72 -7.56 -13.51
N SER E 334 4.21 -6.91 -14.57
CA SER E 334 4.96 -5.68 -14.37
C SER E 334 4.35 -4.46 -15.03
N MET E 335 3.22 -4.60 -15.67
CA MET E 335 2.53 -3.47 -16.26
C MET E 335 1.44 -3.00 -15.32
N PRO E 336 0.97 -1.76 -15.47
CA PRO E 336 -0.13 -1.30 -14.62
C PRO E 336 -1.39 -2.11 -14.88
N ARG E 337 -2.14 -2.37 -13.81
CA ARG E 337 -3.27 -3.29 -13.84
C ARG E 337 -4.45 -2.62 -14.54
N VAL E 338 -4.43 -2.63 -15.86
CA VAL E 338 -5.49 -2.06 -16.67
C VAL E 338 -6.13 -3.19 -17.48
N SER E 339 -7.44 -3.41 -17.30
CA SER E 339 -7.99 -4.68 -17.80
C SER E 339 -8.77 -4.46 -19.10
N TYR E 340 -8.01 -4.11 -20.13
CA TYR E 340 -8.50 -4.18 -21.49
C TYR E 340 -7.30 -4.30 -22.43
N ILE E 341 -7.61 -4.52 -23.70
CA ILE E 341 -6.62 -5.07 -24.63
C ILE E 341 -5.71 -3.96 -25.13
N LYS E 342 -4.39 -4.19 -25.08
CA LYS E 342 -3.39 -3.23 -25.54
C LYS E 342 -2.52 -3.87 -26.61
N ALA E 343 -1.79 -3.01 -27.33
CA ALA E 343 -1.02 -3.43 -28.51
C ALA E 343 0.00 -4.52 -28.18
N VAL E 344 0.71 -4.37 -27.07
CA VAL E 344 1.77 -5.28 -26.71
C VAL E 344 1.19 -6.67 -26.46
N ASP E 345 -0.03 -6.74 -25.91
CA ASP E 345 -0.71 -8.02 -25.77
C ASP E 345 -0.93 -8.70 -27.12
N ILE E 346 -1.33 -7.93 -28.13
CA ILE E 346 -1.54 -8.48 -29.46
C ILE E 346 -0.23 -9.08 -29.99
N TYR E 347 0.87 -8.32 -29.87
CA TYR E 347 2.16 -8.83 -30.32
C TYR E 347 2.49 -10.16 -29.62
N LEU E 348 2.32 -10.19 -28.30
CA LEU E 348 2.77 -11.36 -27.54
C LEU E 348 1.94 -12.60 -27.85
N TRP E 349 0.62 -12.45 -27.98
CA TRP E 349 -0.20 -13.64 -28.24
C TRP E 349 -0.07 -14.14 -29.68
N VAL E 350 0.17 -13.24 -30.65
CA VAL E 350 0.51 -13.71 -31.98
C VAL E 350 1.81 -14.54 -31.96
N SER E 351 2.81 -14.08 -31.21
CA SER E 351 4.04 -14.88 -31.16
C SER E 351 3.78 -16.24 -30.51
N PHE E 352 2.94 -16.27 -29.46
CA PHE E 352 2.61 -17.55 -28.84
C PHE E 352 1.97 -18.51 -29.85
N VAL E 353 1.07 -17.99 -30.70
CA VAL E 353 0.44 -18.85 -31.70
C VAL E 353 1.46 -19.41 -32.68
N PHE E 354 2.42 -18.58 -33.12
CA PHE E 354 3.48 -19.11 -33.97
C PHE E 354 4.20 -20.28 -33.30
N VAL E 355 4.55 -20.13 -32.03
CA VAL E 355 5.27 -21.21 -31.35
C VAL E 355 4.42 -22.49 -31.28
N PHE E 356 3.11 -22.35 -31.06
CA PHE E 356 2.22 -23.52 -31.03
C PHE E 356 2.20 -24.25 -32.39
N LEU E 357 2.07 -23.48 -33.47
CA LEU E 357 2.02 -24.07 -34.80
C LEU E 357 3.29 -24.86 -35.11
N SER E 358 4.45 -24.40 -34.60
CA SER E 358 5.67 -25.13 -34.91
C SER E 358 5.71 -26.53 -34.32
N VAL E 359 4.99 -26.80 -33.22
CA VAL E 359 4.90 -28.14 -32.66
C VAL E 359 3.91 -28.98 -33.46
N LEU E 360 2.82 -28.37 -33.90
CA LEU E 360 1.87 -29.15 -34.71
C LEU E 360 2.53 -29.68 -36.00
N GLU E 361 3.42 -28.88 -36.59
CA GLU E 361 4.15 -29.31 -37.79
C GLU E 361 4.87 -30.64 -37.61
N TYR E 362 5.70 -30.75 -36.56
CA TYR E 362 6.46 -31.98 -36.37
C TYR E 362 5.56 -33.14 -36.01
N ALA E 363 4.45 -32.89 -35.30
CA ALA E 363 3.52 -33.98 -35.05
C ALA E 363 3.08 -34.62 -36.37
N ALA E 364 2.68 -33.76 -37.33
CA ALA E 364 2.25 -34.26 -38.64
C ALA E 364 3.35 -35.05 -39.33
N VAL E 365 4.59 -34.54 -39.29
CA VAL E 365 5.70 -35.17 -39.99
C VAL E 365 5.97 -36.56 -39.42
N ASN E 366 5.99 -36.67 -38.09
CA ASN E 366 6.27 -37.97 -37.48
C ASN E 366 5.18 -38.99 -37.83
N TYR E 367 3.91 -38.59 -37.76
CA TYR E 367 2.83 -39.52 -38.11
C TYR E 367 2.99 -40.03 -39.54
N LEU E 368 3.24 -39.12 -40.48
CA LEU E 368 3.31 -39.53 -41.88
C LEU E 368 4.50 -40.45 -42.13
N THR E 369 5.66 -40.16 -41.53
CA THR E 369 6.79 -41.05 -41.70
C THR E 369 6.49 -42.46 -41.20
N THR E 370 5.86 -42.55 -40.02
CA THR E 370 5.56 -43.84 -39.43
C THR E 370 4.63 -44.64 -40.33
N VAL E 371 3.60 -43.97 -40.87
CA VAL E 371 2.69 -44.65 -41.80
C VAL E 371 3.45 -45.20 -43.00
N GLN E 372 4.34 -44.40 -43.58
CA GLN E 372 5.07 -44.84 -44.76
C GLN E 372 5.90 -46.08 -44.46
N GLU E 373 6.64 -46.05 -43.35
CA GLU E 373 7.48 -47.21 -43.00
C GLU E 373 6.64 -48.46 -42.77
N ARG E 374 5.53 -48.34 -42.04
CA ARG E 374 4.68 -49.50 -41.82
C ARG E 374 4.14 -50.06 -43.13
N LYS E 375 3.72 -49.18 -44.04
CA LYS E 375 3.20 -49.64 -45.33
C LYS E 375 4.28 -50.39 -46.11
N GLU E 376 5.50 -49.83 -46.16
CA GLU E 376 6.58 -50.46 -46.89
C GLU E 376 6.89 -51.84 -46.33
N GLN E 377 6.95 -51.96 -45.00
CA GLN E 377 7.25 -53.28 -44.42
C GLN E 377 6.12 -54.27 -44.68
N LYS E 378 4.88 -53.82 -44.62
CA LYS E 378 3.75 -54.70 -44.91
C LYS E 378 3.79 -55.20 -46.35
N LEU E 379 4.16 -54.32 -47.29
CA LEU E 379 4.23 -54.74 -48.69
C LEU E 379 5.33 -55.76 -48.90
N ARG E 380 6.49 -55.58 -48.26
CA ARG E 380 7.60 -56.50 -48.37
C ARG E 380 7.26 -57.86 -47.78
N ASP E 451 16.62 -38.53 -46.45
CA ASP E 451 16.13 -37.38 -47.20
C ASP E 451 15.24 -36.50 -46.34
N THR E 452 14.99 -35.30 -46.83
CA THR E 452 14.18 -34.31 -46.10
C THR E 452 12.72 -34.40 -46.52
N HIS E 453 11.82 -34.42 -45.55
CA HIS E 453 10.40 -34.46 -45.85
C HIS E 453 9.95 -33.13 -46.44
N ALA E 454 8.92 -33.18 -47.29
CA ALA E 454 8.50 -31.99 -48.02
C ALA E 454 7.98 -30.90 -47.08
N ILE E 455 7.38 -31.31 -45.96
CA ILE E 455 6.79 -30.36 -45.04
C ILE E 455 7.86 -29.50 -44.40
N ASP E 456 8.99 -30.10 -44.03
CA ASP E 456 10.10 -29.32 -43.50
C ASP E 456 10.64 -28.34 -44.54
N LYS E 457 10.78 -28.77 -45.79
CA LYS E 457 11.30 -27.89 -46.84
C LYS E 457 10.41 -26.69 -47.05
N TYR E 458 9.09 -26.89 -47.07
CA TYR E 458 8.21 -25.74 -47.22
C TYR E 458 8.18 -24.89 -45.96
N SER E 459 8.24 -25.51 -44.78
CA SER E 459 8.12 -24.71 -43.56
C SER E 459 9.31 -23.78 -43.38
N ARG E 460 10.51 -24.26 -43.73
CA ARG E 460 11.71 -23.44 -43.67
C ARG E 460 11.56 -22.12 -44.41
N ILE E 461 10.75 -22.07 -45.46
CA ILE E 461 10.51 -20.80 -46.14
C ILE E 461 9.28 -20.09 -45.59
N ILE E 462 8.20 -20.83 -45.32
CA ILE E 462 6.92 -20.18 -45.10
C ILE E 462 6.87 -19.51 -43.74
N PHE E 463 7.44 -20.10 -42.70
CA PHE E 463 7.28 -19.49 -41.39
C PHE E 463 7.88 -18.07 -41.32
N PRO E 464 9.15 -17.87 -41.69
CA PRO E 464 9.73 -16.51 -41.53
C PRO E 464 9.07 -15.44 -42.39
N ALA E 465 8.75 -15.75 -43.65
CA ALA E 465 7.98 -14.81 -44.46
C ALA E 465 6.68 -14.35 -43.80
N ALA E 466 5.93 -15.26 -43.18
CA ALA E 466 4.67 -14.86 -42.58
C ALA E 466 4.91 -14.01 -41.35
N TYR E 467 5.97 -14.32 -40.60
CA TYR E 467 6.28 -13.46 -39.45
C TYR E 467 6.71 -12.06 -39.90
N ILE E 468 7.50 -11.98 -40.98
CA ILE E 468 7.91 -10.68 -41.52
C ILE E 468 6.70 -9.88 -42.00
N LEU E 469 5.73 -10.53 -42.65
CA LEU E 469 4.54 -9.81 -43.09
C LEU E 469 3.71 -9.32 -41.91
N PHE E 470 3.53 -10.16 -40.89
CA PHE E 470 2.88 -9.70 -39.67
C PHE E 470 3.58 -8.48 -39.09
N ASN E 471 4.91 -8.48 -39.07
CA ASN E 471 5.61 -7.35 -38.47
C ASN E 471 5.41 -6.08 -39.29
N LEU E 472 5.43 -6.19 -40.61
CA LEU E 472 5.19 -5.03 -41.47
C LEU E 472 3.82 -4.42 -41.21
N ILE E 473 2.79 -5.25 -41.17
CA ILE E 473 1.44 -4.75 -40.95
C ILE E 473 1.32 -4.11 -39.56
N TYR E 474 1.80 -4.83 -38.53
CA TYR E 474 1.72 -4.32 -37.17
C TYR E 474 2.39 -2.96 -37.05
N TRP E 475 3.63 -2.83 -37.52
CA TRP E 475 4.31 -1.55 -37.35
C TRP E 475 3.84 -0.49 -38.32
N SER E 476 3.11 -0.85 -39.38
CA SER E 476 2.50 0.21 -40.17
C SER E 476 1.26 0.76 -39.51
N ILE E 477 0.63 -0.04 -38.66
CA ILE E 477 -0.62 0.32 -37.99
C ILE E 477 -0.35 1.12 -36.72
N PHE E 478 0.58 0.65 -35.89
CA PHE E 478 0.86 1.28 -34.59
C PHE E 478 2.05 2.24 -34.63
N SER E 479 2.54 2.59 -35.81
CA SER E 479 3.68 3.51 -35.98
C SER E 479 4.98 2.97 -35.38
C1 NAG F . -39.19 42.95 -10.69
C2 NAG F . -40.49 42.50 -10.02
C3 NAG F . -41.46 43.66 -9.90
C4 NAG F . -40.77 44.86 -9.25
C5 NAG F . -39.49 45.20 -10.00
C6 NAG F . -38.72 46.36 -9.39
C7 NAG F . -41.12 40.13 -10.29
C8 NAG F . -41.81 39.15 -11.21
N2 NAG F . -41.09 41.40 -10.74
O3 NAG F . -42.55 43.23 -9.13
O4 NAG F . -41.69 45.93 -9.27
O5 NAG F . -38.65 44.06 -10.02
O6 NAG F . -37.71 46.79 -10.27
O7 NAG F . -40.64 39.79 -9.22
C1 NAG G . -36.98 7.73 -13.60
C2 NAG G . -38.23 6.98 -13.14
C3 NAG G . -37.90 5.50 -12.98
C4 NAG G . -37.30 4.96 -14.26
C5 NAG G . -36.12 5.83 -14.70
C6 NAG G . -35.51 5.41 -16.03
C7 NAG G . -39.68 8.50 -11.86
C8 NAG G . -40.05 8.95 -10.47
N2 NAG G . -38.73 7.54 -11.92
O3 NAG G . -39.07 4.82 -12.62
O4 NAG G . -36.89 3.63 -14.01
O5 NAG G . -36.54 7.17 -14.81
O6 NAG G . -35.25 4.03 -16.02
O7 NAG G . -40.19 8.99 -12.85
C2 A8Z H . -11.59 -18.92 -26.33
C5 A8Z H . -14.05 -20.48 -26.49
C4 A8Z H . -12.73 -21.00 -27.07
C6 A8Z H . -15.25 -21.13 -27.15
C7 A8Z H . -16.54 -20.70 -26.46
C8 A8Z H . -16.71 -19.19 -26.44
C9 A8Z H . -15.47 -18.51 -25.84
O A8Z H . -21.15 -15.67 -25.24
C1 A8Z H . -12.92 -18.43 -25.75
C10 A8Z H . -14.14 -18.93 -26.53
C11 A8Z H . -15.66 -16.99 -25.75
C12 A8Z H . -16.92 -16.60 -24.97
C13 A8Z H . -18.18 -17.26 -25.54
C14 A8Z H . -17.93 -18.78 -25.60
C15 A8Z H . -19.32 -19.37 -25.91
C16 A8Z H . -20.30 -18.42 -25.18
C17 A8Z H . -19.44 -17.26 -24.63
C18 A8Z H . -18.51 -16.68 -26.94
C19 A8Z H . -14.07 -18.42 -27.98
C20 A8Z H . -20.19 -15.94 -24.54
C3 A8Z H . -11.53 -20.44 -26.35
O1 A8Z H . -20.76 -14.15 -23.02
O2 A8Z H . -11.49 -20.91 -25.00
C21 A8Z H . -19.70 -14.94 -23.55
C1 HEX I . -10.29 -44.55 -22.75
C2 HEX I . -10.69 -46.01 -22.56
C3 HEX I . -10.40 -46.79 -23.84
C4 HEX I . -10.71 -48.27 -23.60
C5 HEX I . -10.42 -49.04 -24.90
C6 HEX I . -10.55 -50.55 -24.65
C1 HEX J . -7.21 -42.75 -18.45
C2 HEX J . -7.87 -44.04 -18.94
C3 HEX J . -6.94 -45.22 -18.73
C4 HEX J . -7.52 -46.46 -19.41
C5 HEX J . -6.89 -47.71 -18.82
C6 HEX J . -7.61 -48.94 -19.36
C1 HEX K . -21.86 -24.73 -10.35
C2 HEX K . -21.74 -26.04 -11.12
C3 HEX K . -21.14 -25.77 -12.50
C4 HEX K . -20.98 -27.10 -13.23
C5 HEX K . -20.23 -26.88 -14.54
C6 HEX K . -20.12 -28.20 -15.30
C1 D12 L . -24.99 -21.83 -27.03
C2 D12 L . -23.56 -21.90 -26.51
C3 D12 L . -22.72 -22.82 -27.40
C4 D12 L . -21.29 -22.87 -26.87
C5 D12 L . -20.45 -23.78 -27.76
C6 D12 L . -19.03 -23.86 -27.23
C7 D12 L . -18.20 -24.78 -28.11
C8 D12 L . -16.76 -24.84 -27.59
C9 D12 L . -15.92 -25.77 -28.45
C10 D12 L . -14.50 -25.83 -27.92
C11 D12 L . -13.66 -26.75 -28.80
C12 D12 L . -12.24 -26.83 -28.26
C1 HEX M . -10.15 -10.37 -29.49
C2 HEX M . -10.93 -11.47 -28.78
C3 HEX M . -9.97 -12.64 -28.80
C4 HEX M . -10.64 -13.82 -28.14
C5 HEX M . -9.66 -14.96 -28.23
C6 HEX M . -10.30 -16.12 -27.53
C1 D10 N . -9.12 -39.83 -35.91
C2 D10 N . -10.54 -39.39 -36.19
C3 D10 N . -10.64 -37.86 -36.18
C4 D10 N . -10.13 -37.33 -34.84
C5 D10 N . -10.99 -36.14 -34.41
C6 D10 N . -12.23 -36.64 -33.67
C7 D10 N . -13.04 -35.45 -33.17
C8 D10 N . -14.39 -35.92 -32.64
C9 D10 N . -15.35 -34.74 -32.61
C10 D10 N . -16.65 -35.17 -31.93
C1 OCT O . -19.17 -25.94 -7.46
C2 OCT O . -18.55 -27.27 -7.90
C3 OCT O . -17.10 -27.06 -8.32
C4 OCT O . -16.50 -28.38 -8.75
C5 OCT O . -15.06 -28.19 -9.19
C6 OCT O . -14.46 -29.54 -9.57
C7 OCT O . -13.01 -29.36 -9.99
C8 OCT O . -12.39 -30.74 -10.29
C1 D10 P . -2.35 -36.49 -38.75
C2 D10 P . -1.82 -35.17 -38.17
C3 D10 P . -2.04 -35.14 -36.67
C4 D10 P . -1.84 -33.72 -36.17
C5 D10 P . -1.96 -33.68 -34.64
C6 D10 P . -3.37 -33.24 -34.26
C7 D10 P . -3.44 -33.02 -32.75
C8 D10 P . -4.55 -32.01 -32.43
C9 D10 P . -5.88 -32.56 -32.91
C10 D10 P . -6.99 -31.58 -32.55
C1 D10 Q . -1.71 -51.12 -14.85
C2 D10 Q . -2.00 -49.64 -15.10
C3 D10 Q . -1.14 -48.78 -14.19
C4 D10 Q . -1.68 -47.36 -14.19
C5 D10 Q . -0.77 -46.46 -13.35
C6 D10 Q . -1.36 -46.30 -11.95
C7 D10 Q . -0.56 -45.24 -11.19
C8 D10 Q . -1.44 -44.62 -10.11
C9 D10 Q . -1.92 -45.70 -9.15
C10 D10 Q . -2.76 -45.07 -8.04
C1 NAG R . -50.44 14.57 27.19
C2 NAG R . -50.22 14.23 28.67
C3 NAG R . -51.29 14.91 29.53
C4 NAG R . -51.39 16.39 29.20
C5 NAG R . -51.59 16.57 27.69
C6 NAG R . -51.66 18.03 27.26
C7 NAG R . -49.09 12.12 29.19
C8 NAG R . -49.29 10.63 29.39
N2 NAG R . -50.20 12.81 28.90
O3 NAG R . -50.95 14.71 30.88
O4 NAG R . -52.48 16.92 29.93
O5 NAG R . -50.54 15.95 26.99
O6 NAG R . -52.14 18.13 25.94
O7 NAG R . -47.99 12.63 29.31
C1 NAG S . -28.24 -12.97 25.42
C2 NAG S . -27.94 -13.61 26.78
C3 NAG S . -26.73 -14.53 26.63
C4 NAG S . -26.96 -15.53 25.50
C5 NAG S . -27.36 -14.79 24.22
C6 NAG S . -27.69 -15.71 23.06
C7 NAG S . -28.68 -12.14 28.58
C8 NAG S . -28.24 -11.09 29.57
N2 NAG S . -27.72 -12.61 27.78
O3 NAG S . -26.52 -15.17 27.85
O4 NAG S . -25.76 -16.26 25.33
O5 NAG S . -28.48 -13.97 24.48
O6 NAG S . -26.67 -16.67 22.91
O7 NAG S . -29.85 -12.51 28.54
C2 A8Z T . -8.91 -33.11 -1.74
C5 A8Z T . -8.94 -35.09 0.41
C4 A8Z T . -8.46 -35.44 -1.00
C6 A8Z T . -9.42 -36.32 1.16
C7 A8Z T . -9.76 -35.97 2.60
C8 A8Z T . -10.81 -34.86 2.69
C9 A8Z T . -10.38 -33.64 1.88
O A8Z T . -14.09 -32.81 7.01
C1 A8Z T . -9.38 -32.79 -0.31
C10 A8Z T . -10.02 -33.99 0.40
C11 A8Z T . -11.40 -32.50 2.02
C12 A8Z T . -11.65 -32.12 3.48
C13 A8Z T . -12.09 -33.32 4.33
C14 A8Z T . -11.02 -34.42 4.15
C15 A8Z T . -11.37 -35.44 5.24
C16 A8Z T . -11.91 -34.58 6.41
C17 A8Z T . -11.99 -33.14 5.87
C18 A8Z T . -13.48 -33.80 3.92
C19 A8Z T . -11.26 -34.44 -0.38
C20 A8Z T . -13.09 -32.31 6.51
C3 A8Z T . -7.90 -34.23 -1.73
O1 A8Z T . -13.50 -30.24 7.66
O2 A8Z T . -6.71 -33.79 -1.08
C21 A8Z T . -12.91 -30.83 6.52
C1 HEX U . 10.79 -49.85 0.02
C2 HEX U . 11.71 -50.96 0.53
C3 HEX U . 11.53 -52.21 -0.31
C4 HEX U . 12.53 -53.28 0.13
C5 HEX U . 12.32 -54.54 -0.70
C6 HEX U . 13.41 -55.55 -0.41
C1 HEX V . 13.58 -45.04 -0.65
C2 HEX V . 13.84 -46.50 -0.25
C3 HEX V . 15.13 -46.98 -0.91
C4 HEX V . 15.28 -48.49 -0.68
C5 HEX V . 16.73 -48.90 -0.89
C6 HEX V . 16.92 -50.35 -0.47
C1 HEX W . 1.16 -30.99 15.26
C2 HEX W . 1.58 -32.40 14.84
C3 HEX W . 0.76 -32.84 13.63
C4 HEX W . 1.22 -34.23 13.20
C5 HEX W . 0.52 -34.62 11.90
C6 HEX W . 0.95 -36.02 11.49
C1 D12 X . -12.69 -39.62 9.75
C2 D12 X . -11.76 -38.93 8.76
C3 D12 X . -11.39 -39.91 7.64
C4 D12 X . -10.45 -39.23 6.65
C5 D12 X . -10.09 -40.19 5.53
C6 D12 X . -9.15 -39.51 4.54
C7 D12 X . -8.78 -40.49 3.43
C8 D12 X . -7.84 -39.80 2.43
C9 D12 X . -7.46 -40.77 1.32
C10 D12 X . -6.51 -40.09 0.35
C11 D12 X . -6.14 -41.06 -0.77
C12 D12 X . -5.20 -40.37 -1.76
C1 HEX Y . -16.01 -28.14 -4.90
C2 HEX Y . -15.13 -28.77 -3.84
C3 HEX Y . -14.00 -29.38 -4.63
C4 HEX Y . -13.06 -30.08 -3.68
C5 HEX Y . -11.98 -30.70 -4.52
C6 HEX Y . -11.01 -31.34 -3.56
C1 D10 Z . -0.31 -53.76 -7.61
C2 D10 Z . -1.35 -54.02 -6.52
C3 D10 Z . -2.38 -52.89 -6.50
C4 D10 Z . -1.67 -51.54 -6.31
C5 D10 Z . -2.52 -50.64 -5.42
C6 D10 Z . -2.19 -50.95 -3.95
C7 D10 Z . -2.97 -49.98 -3.05
C8 D10 Z . -2.85 -50.42 -1.60
C9 D10 Z . -3.99 -49.82 -0.80
C10 D10 Z . -3.79 -50.10 0.69
C1 OCT AA . 4.87 -29.40 14.37
C2 OCT AA . 5.70 -30.48 13.69
C3 OCT AA . 5.87 -30.14 12.20
C4 OCT AA . 6.69 -31.24 11.52
C5 OCT AA . 6.85 -30.92 10.04
C6 OCT AA . 7.73 -31.99 9.40
C7 OCT AA . 7.91 -31.68 7.91
C8 OCT AA . 8.86 -32.70 7.30
C1 D10 BA . 23.55 -47.60 -3.33
C2 D10 BA . 22.30 -46.73 -3.27
C3 D10 BA . 22.66 -45.29 -3.60
C4 D10 BA . 21.51 -44.37 -3.20
C5 D10 BA . 21.81 -42.94 -3.62
C6 D10 BA . 22.37 -42.16 -2.44
C7 D10 BA . 22.48 -40.68 -2.81
C8 D10 BA . 22.42 -39.84 -1.54
C9 D10 BA . 23.57 -40.21 -0.62
C10 D10 BA . 23.52 -39.33 0.63
C1 NAG CA . -11.37 12.60 56.72
C2 NAG CA . -10.11 13.32 57.24
C3 NAG CA . -10.41 14.03 58.55
C4 NAG CA . -11.66 14.90 58.42
C5 NAG CA . -12.82 14.07 57.88
C6 NAG CA . -14.10 14.88 57.69
C7 NAG CA . -7.94 12.39 56.58
C8 NAG CA . -6.90 11.34 56.91
N2 NAG CA . -9.01 12.40 57.38
O3 NAG CA . -9.29 14.81 58.89
O4 NAG CA . -11.95 15.42 59.70
O5 NAG CA . -12.46 13.50 56.64
O6 NAG CA . -15.19 14.02 57.46
O7 NAG CA . -7.80 13.16 55.64
C1 NAG DA . 14.19 -2.59 37.50
C2 NAG DA . 15.61 -2.18 37.90
C3 NAG DA . 16.58 -2.60 36.81
C4 NAG DA . 16.44 -4.10 36.52
C5 NAG DA . 14.96 -4.43 36.24
C6 NAG DA . 14.71 -5.91 36.03
C7 NAG DA . 15.51 -0.19 39.34
C8 NAG DA . 15.61 1.31 39.38
N2 NAG DA . 15.67 -0.76 38.14
O3 NAG DA . 17.89 -2.28 37.22
O4 NAG DA . 17.27 -4.39 35.41
O5 NAG DA . 14.16 -3.98 37.31
O6 NAG DA . 15.63 -6.42 35.09
O7 NAG DA . 15.29 -0.84 40.36
C2 A8Z EA . 17.42 -28.44 8.55
C5 A8Z EA . 20.10 -28.64 9.67
C4 A8Z EA . 19.61 -29.62 8.59
C6 A8Z EA . 21.23 -29.23 10.49
C7 A8Z EA . 21.79 -28.20 11.46
C8 A8Z EA . 20.72 -27.62 12.37
C9 A8Z EA . 19.54 -27.08 11.57
O A8Z EA . 20.89 -24.43 17.21
C1 A8Z EA . 17.94 -27.48 9.61
C10 A8Z EA . 18.96 -28.13 10.57
C11 A8Z EA . 18.49 -26.44 12.48
C12 A8Z EA . 19.07 -25.35 13.38
C13 A8Z EA . 20.26 -25.85 14.21
C14 A8Z EA . 21.28 -26.48 13.23
C15 A8Z EA . 22.53 -26.68 14.10
C16 A8Z EA . 22.50 -25.49 15.08
C17 A8Z EA . 21.16 -24.77 14.85
C18 A8Z EA . 19.79 -26.86 15.26
C19 A8Z EA . 18.28 -29.29 11.31
C20 A8Z EA . 20.61 -24.08 16.08
C3 A8Z EA . 18.54 -28.99 7.71
O1 A8Z EA . 19.82 -21.96 16.90
O2 A8Z EA . 19.11 -27.93 6.94
C21 A8Z EA . 19.71 -22.91 15.87
C1 HEX FA . 37.12 -34.20 -7.27
C2 HEX FA . 38.52 -34.46 -7.80
C3 HEX FA . 38.75 -35.96 -7.99
C4 HEX FA . 40.12 -36.20 -8.61
C5 HEX FA . 40.34 -37.70 -8.76
C6 HEX FA . 41.62 -37.97 -9.55
C1 HEX GA . 34.53 -30.24 -10.25
C2 HEX GA . 35.85 -31.01 -10.23
C3 HEX GA . 36.23 -31.40 -11.66
C4 HEX GA . 37.44 -32.33 -11.62
C5 HEX GA . 38.13 -32.35 -12.97
C6 HEX GA . 39.43 -33.13 -12.88
C1 HEX HA . 30.72 -13.73 7.58
C2 HEX HA . 31.55 -14.92 7.07
C3 HEX HA . 30.76 -16.21 7.25
C4 HEX HA . 31.58 -17.37 6.69
C5 HEX HA . 30.74 -18.64 6.71
C6 HEX HA . 31.58 -19.81 6.21
C1 D12 IA . 27.72 -27.45 17.56
C2 D12 IA . 26.98 -27.26 16.24
C3 D12 IA . 27.05 -28.56 15.44
C4 D12 IA . 26.30 -28.38 14.12
C5 D12 IA . 26.36 -29.68 13.31
C6 D12 IA . 25.63 -29.49 11.98
C7 D12 IA . 25.71 -30.78 11.17
C8 D12 IA . 24.96 -30.61 9.86
C9 D12 IA . 25.04 -31.89 9.03
C10 D12 IA . 24.30 -31.70 7.71
C11 D12 IA . 24.37 -32.99 6.90
C12 D12 IA . 23.63 -32.80 5.58
C1 HEX JA . 9.40 -28.69 13.09
C2 HEX JA . 10.83 -28.26 12.86
C3 HEX JA . 11.14 -28.88 11.50
C4 HEX JA . 12.58 -28.55 11.16
C5 HEX JA . 12.86 -29.21 9.83
C6 HEX JA . 14.26 -28.83 9.46
C1 D10 KA . 30.63 -44.90 -0.91
C2 D10 KA . 31.11 -44.73 0.52
C3 D10 KA . 29.98 -44.17 1.39
C4 D10 KA . 29.47 -42.86 0.81
C5 D10 KA . 29.13 -41.89 1.93
C6 D10 KA . 30.40 -41.14 2.35
C7 D10 KA . 30.04 -40.10 3.41
C8 D10 KA . 31.32 -39.52 4.01
C9 D10 KA . 31.00 -38.91 5.37
C10 D10 KA . 32.23 -38.16 5.89
C1 OCT LA . 30.49 -12.02 3.83
C2 OCT LA . 31.08 -13.01 2.82
C3 OCT LA . 29.96 -13.59 1.96
C4 OCT LA . 30.57 -14.58 0.96
C5 OCT LA . 29.46 -15.20 0.10
C6 OCT LA . 30.09 -16.13 -0.93
C7 OCT LA . 29.01 -16.75 -1.80
C8 OCT LA . 29.64 -17.60 -2.89
C1 D10 MA . 38.26 -30.90 -20.20
C2 D10 MA . 37.24 -30.58 -19.10
C3 D10 MA . 36.20 -29.60 -19.64
C4 D10 MA . 35.42 -29.01 -18.47
C5 D10 MA . 34.30 -28.12 -18.99
C6 D10 MA . 34.76 -26.66 -18.97
C7 D10 MA . 33.58 -25.75 -19.30
C8 D10 MA . 33.80 -24.37 -18.69
C9 D10 MA . 35.09 -23.77 -19.25
C10 D10 MA . 35.28 -22.37 -18.66
C1 NAG NA . 23.44 39.80 36.81
C2 NAG NA . 23.80 41.02 35.94
C3 NAG NA . 24.05 42.25 36.80
C4 NAG NA . 22.91 42.46 37.78
C5 NAG NA . 22.64 41.17 38.57
C6 NAG NA . 21.48 41.31 39.54
C7 NAG NA . 24.85 40.56 33.76
C8 NAG NA . 26.16 40.26 33.08
N2 NAG NA . 24.93 40.73 35.10
O3 NAG NA . 24.21 43.35 35.96
O4 NAG NA . 23.27 43.53 38.63
O5 NAG NA . 22.38 40.12 37.67
O6 NAG NA . 21.47 40.21 40.43
O7 NAG NA . 23.81 40.61 33.14
C1 NAG OA . 31.29 24.41 5.91
C2 NAG OA . 31.84 25.36 4.85
C3 NAG OA . 31.81 24.69 3.49
C4 NAG OA . 32.55 23.35 3.56
C5 NAG OA . 32.00 22.50 4.71
C6 NAG OA . 32.74 21.20 4.90
C7 NAG OA . 31.42 27.69 5.55
C8 NAG OA . 30.50 28.87 5.40
N2 NAG OA . 31.09 26.59 4.84
O3 NAG OA . 32.37 25.55 2.55
O4 NAG OA . 32.36 22.71 2.31
O5 NAG OA . 32.08 23.24 5.91
O6 NAG OA . 32.84 20.52 3.67
O7 NAG OA . 32.42 27.74 6.26
C2 A8Z PA . 31.03 -11.24 -9.78
C5 A8Z PA . 32.95 -9.94 -11.56
C4 A8Z PA . 32.70 -11.46 -11.61
C6 A8Z PA . 34.32 -9.57 -12.11
C7 A8Z PA . 34.47 -8.06 -12.18
C8 A8Z PA . 34.26 -7.39 -10.82
C9 A8Z PA . 32.91 -7.81 -10.22
O A8Z PA . 35.32 -2.09 -8.76
C1 A8Z PA . 31.29 -9.73 -9.76
C10 A8Z PA . 32.73 -9.36 -10.14
C11 A8Z PA . 32.66 -7.09 -8.89
C12 A8Z PA . 32.74 -5.57 -9.02
C13 A8Z PA . 34.08 -5.11 -9.61
C14 A8Z PA . 34.27 -5.86 -10.95
C15 A8Z PA . 35.46 -5.15 -11.60
C16 A8Z PA . 35.30 -3.68 -11.16
C17 A8Z PA . 34.14 -3.65 -10.14
C18 A8Z PA . 35.23 -5.38 -8.63
C19 A8Z PA . 33.70 -9.98 -9.13
C20 A8Z PA . 34.26 -2.57 -9.09
C3 A8Z PA . 31.31 -11.81 -11.15
O1 A8Z PA . 33.07 -0.71 -8.11
O2 A8Z PA . 30.34 -11.31 -12.07
C21 A8Z PA . 32.99 -2.09 -8.47
C1 HEX QA . 32.53 -19.23 -34.38
C2 HEX QA . 32.92 -19.32 -35.86
C3 HEX QA . 33.88 -20.49 -36.06
C4 HEX QA . 34.18 -20.64 -37.55
C5 HEX QA . 35.16 -21.79 -37.75
C6 HEX QA . 35.34 -22.09 -39.23
C1 HEX RA . 27.00 -18.76 -33.79
C2 HEX RA . 28.04 -18.95 -34.89
C3 HEX RA . 27.53 -19.97 -35.91
C4 HEX RA . 28.65 -20.30 -36.89
C5 HEX RA . 28.07 -20.92 -38.15
C6 HEX RA . 29.16 -21.06 -39.20
C1 HEX SA . 26.04 3.11 -22.58
C2 HEX SA . 26.83 2.16 -23.48
C3 HEX SA . 27.47 1.06 -22.64
C4 HEX SA . 28.21 0.09 -23.57
C5 HEX SA . 28.72 -1.09 -22.77
C6 HEX SA . 29.50 -2.04 -23.68
C1 D12 TA . 40.25 -2.16 -14.39
C2 D12 TA . 38.99 -3.03 -14.40
C3 D12 TA . 39.35 -4.46 -14.79
C4 D12 TA . 38.09 -5.32 -14.79
C5 D12 TA . 38.45 -6.76 -15.17
C6 D12 TA . 37.19 -7.61 -15.19
C7 D12 TA . 37.55 -9.04 -15.61
C8 D12 TA . 36.30 -9.90 -15.59
C9 D12 TA . 36.64 -11.33 -16.00
C10 D12 TA . 35.38 -12.18 -16.02
C11 D12 TA . 35.73 -13.62 -16.41
C12 D12 TA . 34.48 -14.47 -16.43
C1 HEX UA . 30.92 -11.06 -0.55
C2 HEX UA . 31.05 -10.47 -1.94
C3 HEX UA . 30.72 -11.63 -2.86
C4 HEX UA . 30.85 -11.17 -4.29
C5 HEX UA . 30.55 -12.38 -5.14
C6 HEX UA . 30.63 -11.90 -6.56
C1 D10 VA . 41.06 -25.39 -25.09
C2 D10 VA . 42.05 -24.27 -24.81
C3 D10 VA . 41.79 -23.66 -23.44
C4 D10 VA . 40.35 -23.17 -23.35
C5 D10 VA . 40.30 -21.87 -22.55
C6 D10 VA . 40.58 -20.69 -23.48
C7 D10 VA . 40.44 -19.39 -22.70
C8 D10 VA . 40.94 -18.23 -23.55
C9 D10 VA . 41.28 -17.05 -22.64
C10 D10 VA . 41.61 -15.83 -23.49
C1 OCT WA . 22.42 2.10 -24.29
C2 OCT WA . 22.65 0.94 -25.25
C3 OCT WA . 22.05 -0.34 -24.68
C4 OCT WA . 22.30 -1.50 -25.64
C5 OCT WA . 21.71 -2.78 -25.07
C6 OCT WA . 21.93 -3.92 -26.07
C7 OCT WA . 21.33 -5.21 -25.51
C8 OCT WA . 21.45 -6.31 -26.56
C1 D10 XA . 22.54 -24.06 -41.86
C2 D10 XA . 22.62 -23.46 -40.47
C3 D10 XA . 21.22 -23.36 -39.87
C4 D10 XA . 21.27 -22.44 -38.65
C5 D10 XA . 19.90 -22.41 -37.98
C6 D10 XA . 19.15 -21.16 -38.43
C7 D10 XA . 17.86 -21.02 -37.61
C8 D10 XA . 17.45 -19.55 -37.58
C9 D10 XA . 17.20 -19.05 -39.00
C10 D10 XA . 16.74 -17.60 -38.95
C1 NAG YA . 6.52 58.53 -4.64
C2 NAG YA . 5.30 59.02 -5.43
C3 NAG YA . 5.14 60.54 -5.29
C4 NAG YA . 5.18 60.94 -3.83
C5 NAG YA . 6.44 60.38 -3.16
C6 NAG YA . 6.53 60.72 -1.67
C7 NAG YA . 4.61 57.68 -7.38
C8 NAG YA . 4.87 57.44 -8.84
N2 NAG YA . 5.38 58.64 -6.82
O3 NAG YA . 3.93 60.90 -5.89
O4 NAG YA . 5.17 62.36 -3.78
O5 NAG YA . 6.46 58.97 -3.30
O6 NAG YA . 7.83 60.42 -1.19
O7 NAG YA . 3.76 57.06 -6.76
C1 NAG ZA . -0.18 30.84 -25.67
C2 NAG ZA . -1.29 31.09 -26.70
C3 NAG ZA . -1.72 29.75 -27.28
C4 NAG ZA . -0.53 29.00 -27.84
C5 NAG ZA . 0.57 28.90 -26.77
C6 NAG ZA . 1.85 28.25 -27.27
C7 NAG ZA . -2.53 33.12 -26.10
C8 NAG ZA . -3.76 33.65 -25.41
N2 NAG ZA . -2.39 31.78 -26.09
O3 NAG ZA . -2.69 30.00 -28.27
O4 NAG ZA . -0.97 27.74 -28.25
O5 NAG ZA . 0.89 30.19 -26.29
O6 NAG ZA . 1.54 27.03 -27.92
O7 NAG ZA . -1.72 33.88 -26.62
C2 A8Z AB . 13.14 -5.31 -31.36
C5 A8Z AB . 11.88 -4.85 -33.95
C4 A8Z AB . 12.75 -6.09 -33.69
C6 A8Z AB . 11.81 -4.51 -35.43
C7 A8Z AB . 10.82 -3.37 -35.67
C8 A8Z AB . 11.17 -2.12 -34.85
C9 A8Z AB . 11.32 -2.46 -33.37
O A8Z AB . 9.41 3.39 -35.04
C1 A8Z AB . 12.26 -4.10 -31.64
C10 A8Z AB . 12.32 -3.63 -33.11
C11 A8Z AB . 11.61 -1.20 -32.54
C12 A8Z AB . 10.56 -0.11 -32.75
C13 A8Z AB . 10.38 0.26 -34.22
C14 A8Z AB . 10.09 -1.04 -35.00
C15 A8Z AB . 9.65 -0.55 -36.38
C16 A8Z AB . 8.91 0.76 -36.11
C17 A8Z AB . 9.09 1.05 -34.60
C18 A8Z AB . 11.63 0.97 -34.76
C19 A8Z AB . 13.76 -3.22 -33.44
C20 A8Z AB . 9.11 2.53 -34.25
C3 A8Z AB . 12.74 -6.48 -32.23
O1 A8Z AB . 8.06 4.16 -32.81
O2 A8Z AB . 11.44 -6.93 -31.85
C21 A8Z AB . 8.71 2.90 -32.86
C1 HEX BB . 3.14 -25.53 -44.13
C2 HEX BB . 2.40 -26.36 -45.17
C3 HEX BB . 3.41 -27.10 -46.05
C4 HEX BB . 2.68 -28.00 -47.03
C5 HEX BB . 3.69 -28.70 -47.92
C6 HEX BB . 2.99 -29.75 -48.78
C1 HEX CB . 1.07 -26.41 -39.01
C2 HEX CB . 0.88 -26.91 -40.44
C3 HEX CB . 0.71 -28.43 -40.43
C4 HEX CB . 0.73 -28.93 -41.88
C5 HEX CB . 0.10 -30.32 -41.94
C6 HEX CB . -0.06 -30.75 -43.40
C1 HEX DB . -6.51 -3.61 -33.77
C2 HEX DB . -6.16 -4.63 -34.85
C3 HEX DB . -4.65 -4.77 -34.97
C4 HEX DB . -4.32 -5.84 -36.01
C5 HEX DB . -2.82 -6.10 -36.02
C6 HEX DB . -2.49 -7.13 -37.10
C1 D12 EB . 7.74 1.40 -42.05
C2 D12 EB . 7.82 0.39 -40.91
C3 D12 EB . 8.65 -0.81 -41.35
C4 D12 EB . 8.73 -1.83 -40.22
C5 D12 EB . 9.58 -3.03 -40.64
C6 D12 EB . 9.64 -4.05 -39.52
C7 D12 EB . 10.46 -5.25 -39.96
C8 D12 EB . 10.55 -6.26 -38.82
C9 D12 EB . 11.36 -7.48 -39.25
C10 D12 EB . 11.42 -8.49 -38.12
C11 D12 EB . 12.25 -9.70 -38.55
C12 D12 EB . 12.32 -10.71 -37.42
C1 HEX FB . 18.91 0.28 -26.84
C2 HEX FB . 17.68 -0.06 -27.65
C3 HEX FB . 17.73 -1.57 -27.74
C4 HEX FB . 16.55 -2.05 -28.57
C5 HEX FB . 16.68 -3.55 -28.66
C6 HEX FB . 15.49 -4.01 -29.42
C1 D10 GB . 16.48 -22.16 -46.86
C2 D10 GB . 16.31 -20.87 -47.64
C3 D10 GB . 16.70 -19.67 -46.78
C4 D10 GB . 15.87 -19.66 -45.49
C5 D10 GB . 15.51 -18.23 -45.13
C6 D10 GB . 14.24 -17.81 -45.87
C7 D10 GB . 13.83 -16.42 -45.43
C8 D10 GB . 12.70 -15.90 -46.34
C9 D10 GB . 12.66 -14.37 -46.25
C10 D10 GB . 11.43 -13.87 -47.00
C1 OCT HB . -8.35 -6.43 -31.39
C2 OCT HB . -8.11 -7.81 -31.99
C3 OCT HB . -7.13 -8.60 -31.13
C4 OCT HB . -6.88 -9.97 -31.76
C5 OCT HB . -5.90 -10.75 -30.92
C6 OCT HB . -5.71 -12.14 -31.53
C7 OCT HB . -4.73 -12.96 -30.69
C8 OCT HB . -4.63 -14.37 -31.24
#